data_6YK0
#
_entry.id   6YK0
#
_cell.length_a   278.600
_cell.length_b   53.021
_cell.length_c   109.851
_cell.angle_alpha   90.00
_cell.angle_beta   91.75
_cell.angle_gamma   90.00
#
_symmetry.space_group_name_H-M   'C 1 2 1'
#
loop_
_entity.id
_entity.type
_entity.pdbx_description
1 polymer 'Pyridoxal kinase'
2 non-polymer 'TETRAETHYLENE GLYCOL'
3 non-polymer 'PHOSPHOTHIOPHOSPHORIC ACID-ADENYLATE ESTER'
4 non-polymer 1,2-ETHANEDIOL
5 non-polymer GLYCEROL
6 water water
#
_entity_poly.entity_id   1
_entity_poly.type   'polypeptide(L)'
_entity_poly.pdbx_seq_one_letter_code
;GPMEGECRVLSIQSHVVRGYVGNRAAMFPLQVLGFEVDAVNSVQFSNHTGYAHWKGQVLKSQELHELYEGLKVNDVNKYD
YVLTGYTRDKSFLAMVVDIVRELKQQNSRLVYVCDPVMGDKWNGEGSMYVPQDLLPVYRDKVVPVADIITPNQFEAELLS
GRKIHSQEEAFEVMDMLHCMGPDTVVITSSDLPSSQGSDYLIALGSQRMRKPDGSTVTQRIRMEMRKVEAVFVGTGDLFA
AMLLAWTHKHPDNLKVACEKTVSAMQHVLQRTIRCAKAEAGEGQKPSPAQLELRMVQSKRDIEDPEIVVQATVL
;
_entity_poly.pdbx_strand_id   A,B,C,D
#
loop_
_chem_comp.id
_chem_comp.type
_chem_comp.name
_chem_comp.formula
AGS non-polymer 'PHOSPHOTHIOPHOSPHORIC ACID-ADENYLATE ESTER' 'C10 H16 N5 O12 P3 S'
EDO non-polymer 1,2-ETHANEDIOL 'C2 H6 O2'
GOL non-polymer GLYCEROL 'C3 H8 O3'
PG4 non-polymer 'TETRAETHYLENE GLYCOL' 'C8 H18 O5'
#
# COMPACT_ATOMS: atom_id res chain seq x y z
N GLU A 6 19.75 2.22 -24.55
CA GLU A 6 19.14 3.48 -24.97
C GLU A 6 19.19 4.52 -23.84
N CYS A 7 18.71 5.72 -24.14
CA CYS A 7 18.77 6.87 -23.23
C CYS A 7 17.34 7.22 -22.83
N ARG A 8 17.04 7.08 -21.55
CA ARG A 8 15.69 7.27 -21.04
C ARG A 8 15.55 8.59 -20.30
N VAL A 9 14.46 9.31 -20.59
CA VAL A 9 14.20 10.63 -20.04
C VAL A 9 12.89 10.58 -19.27
N LEU A 10 12.93 11.03 -18.01
CA LEU A 10 11.71 11.19 -17.23
C LEU A 10 11.23 12.64 -17.38
N SER A 11 10.15 12.84 -18.13
CA SER A 11 9.64 14.16 -18.45
C SER A 11 8.33 14.38 -17.70
N ILE A 12 8.33 15.35 -16.78
CA ILE A 12 7.18 15.65 -15.93
C ILE A 12 6.66 17.00 -16.38
N GLN A 13 5.60 17.00 -17.19
CA GLN A 13 5.13 18.26 -17.77
C GLN A 13 3.63 18.19 -18.04
N SER A 14 3.09 19.29 -18.54
CA SER A 14 1.67 19.38 -18.83
C SER A 14 1.31 18.55 -20.06
N HIS A 15 0.03 18.23 -20.18
CA HIS A 15 -0.51 17.56 -21.35
C HIS A 15 -1.76 18.28 -21.79
N VAL A 16 -1.86 18.57 -23.09
CA VAL A 16 -3.05 19.15 -23.69
C VAL A 16 -3.62 18.17 -24.70
N VAL A 17 -4.95 18.05 -24.72
CA VAL A 17 -5.59 17.19 -25.72
C VAL A 17 -5.25 17.67 -27.11
N ARG A 18 -5.40 18.97 -27.36
CA ARG A 18 -4.99 19.59 -28.61
C ARG A 18 -3.80 20.51 -28.39
N GLY A 19 -2.88 20.49 -29.34
CA GLY A 19 -1.77 21.43 -29.34
C GLY A 19 -0.47 20.80 -28.90
N TYR A 20 0.54 21.66 -28.78
CA TYR A 20 1.90 21.23 -28.44
C TYR A 20 2.48 22.17 -27.39
N VAL A 21 2.29 21.80 -26.13
CA VAL A 21 2.97 22.41 -24.99
C VAL A 21 3.34 21.29 -24.03
N GLY A 22 4.25 21.60 -23.12
CA GLY A 22 4.64 20.60 -22.13
C GLY A 22 5.08 19.30 -22.78
N ASN A 23 4.49 18.20 -22.31
CA ASN A 23 4.89 16.89 -22.82
C ASN A 23 4.55 16.71 -24.28
N ARG A 24 3.43 17.30 -24.75
CA ARG A 24 3.10 17.21 -26.17
C ARG A 24 4.19 17.83 -27.04
N ALA A 25 4.85 18.88 -26.55
CA ALA A 25 5.92 19.53 -27.30
C ALA A 25 7.28 18.88 -27.06
N ALA A 26 7.39 17.98 -26.09
CA ALA A 26 8.66 17.38 -25.73
C ALA A 26 8.77 15.91 -26.13
N MET A 27 7.70 15.13 -25.97
CA MET A 27 7.80 13.71 -26.23
C MET A 27 8.12 13.44 -27.69
N PHE A 28 7.32 13.97 -28.60
CA PHE A 28 7.50 13.66 -30.02
C PHE A 28 8.91 13.99 -30.51
N PRO A 29 9.44 15.18 -30.29
CA PRO A 29 10.82 15.44 -30.76
C PRO A 29 11.85 14.52 -30.12
N LEU A 30 11.76 14.29 -28.81
CA LEU A 30 12.72 13.42 -28.14
C LEU A 30 12.65 11.99 -28.66
N GLN A 31 11.44 11.49 -28.89
CA GLN A 31 11.27 10.14 -29.42
C GLN A 31 11.80 10.05 -30.84
N VAL A 32 11.54 11.09 -31.64
CA VAL A 32 12.03 11.14 -33.00
C VAL A 32 13.54 11.26 -33.03
N LEU A 33 14.15 11.75 -31.95
CA LEU A 33 15.59 11.87 -31.84
C LEU A 33 16.24 10.66 -31.16
N GLY A 34 15.47 9.64 -30.83
CA GLY A 34 16.01 8.39 -30.36
C GLY A 34 16.01 8.18 -28.86
N PHE A 35 15.19 8.90 -28.12
CA PHE A 35 15.17 8.80 -26.67
C PHE A 35 13.89 8.09 -26.21
N GLU A 36 14.04 7.08 -25.36
CA GLU A 36 12.90 6.57 -24.62
C GLU A 36 12.43 7.66 -23.65
N VAL A 37 11.12 7.88 -23.59
CA VAL A 37 10.57 8.95 -22.74
C VAL A 37 9.49 8.36 -21.85
N ASP A 38 9.71 8.41 -20.55
CA ASP A 38 8.66 8.15 -19.56
C ASP A 38 8.02 9.49 -19.20
N ALA A 39 6.73 9.63 -19.48
CA ALA A 39 6.05 10.91 -19.40
C ALA A 39 5.04 10.91 -18.27
N VAL A 40 5.20 11.85 -17.34
CA VAL A 40 4.21 12.13 -16.30
C VAL A 40 3.50 13.42 -16.68
N ASN A 41 2.22 13.32 -17.02
CA ASN A 41 1.41 14.46 -17.40
C ASN A 41 0.96 15.18 -16.14
N SER A 42 1.57 16.32 -15.85
CA SER A 42 1.25 17.05 -14.63
C SER A 42 -0.16 17.63 -14.66
N VAL A 43 -0.71 17.84 -15.84
CA VAL A 43 -2.10 18.28 -16.00
C VAL A 43 -2.62 17.69 -17.30
N GLN A 44 -3.94 17.61 -17.43
CA GLN A 44 -4.59 17.29 -18.69
C GLN A 44 -5.64 18.36 -18.97
N PHE A 45 -5.32 19.28 -19.89
CA PHE A 45 -6.28 20.29 -20.33
C PHE A 45 -6.65 20.05 -21.79
N SER A 46 -7.75 20.68 -22.20
CA SER A 46 -8.17 20.56 -23.60
C SER A 46 -7.20 21.27 -24.54
N ASN A 47 -6.66 22.41 -24.11
CA ASN A 47 -5.79 23.22 -24.94
C ASN A 47 -5.09 24.21 -24.01
N HIS A 48 -4.10 24.93 -24.54
CA HIS A 48 -3.39 25.87 -23.69
C HIS A 48 -4.25 27.10 -23.41
N THR A 49 -3.87 27.84 -22.37
CA THR A 49 -4.70 28.92 -21.85
C THR A 49 -4.76 30.14 -22.76
N GLY A 50 -3.95 30.17 -23.83
CA GLY A 50 -4.06 31.25 -24.79
C GLY A 50 -5.35 31.25 -25.57
N TYR A 51 -6.06 30.13 -25.59
CA TYR A 51 -7.36 30.06 -26.24
C TYR A 51 -8.38 30.87 -25.45
N ALA A 52 -9.54 31.09 -26.07
CA ALA A 52 -10.63 31.77 -25.39
C ALA A 52 -11.12 30.96 -24.18
N HIS A 53 -11.10 29.64 -24.29
CA HIS A 53 -11.63 28.78 -23.24
C HIS A 53 -10.75 27.54 -23.09
N TRP A 54 -10.88 26.90 -21.93
CA TRP A 54 -10.10 25.70 -21.64
C TRP A 54 -10.69 24.99 -20.43
N LYS A 55 -10.60 23.66 -20.45
CA LYS A 55 -11.00 22.83 -19.33
C LYS A 55 -10.00 21.69 -19.15
N GLY A 56 -9.91 21.19 -17.92
CA GLY A 56 -9.08 20.04 -17.65
C GLY A 56 -8.89 19.82 -16.16
N GLN A 57 -7.93 18.98 -15.84
CA GLN A 57 -7.66 18.56 -14.48
C GLN A 57 -6.17 18.69 -14.19
N VAL A 58 -5.85 18.77 -12.89
CA VAL A 58 -4.48 18.96 -12.42
C VAL A 58 -4.08 17.75 -11.59
N LEU A 59 -2.88 17.24 -11.83
CA LEU A 59 -2.35 16.12 -11.06
C LEU A 59 -1.89 16.61 -9.70
N LYS A 60 -2.20 15.92 -8.63
CA LYS A 60 -1.78 16.31 -7.33
C LYS A 60 -0.44 15.76 -7.08
N SER A 61 0.30 16.34 -6.15
CA SER A 61 1.64 15.89 -5.81
C SER A 61 1.64 14.48 -5.28
N GLN A 62 0.62 14.12 -4.54
CA GLN A 62 0.42 12.83 -4.02
C GLN A 62 0.26 11.86 -5.16
N GLU A 63 -0.46 12.23 -6.20
CA GLU A 63 -0.62 11.43 -7.37
C GLU A 63 0.68 11.24 -8.08
N LEU A 64 1.50 12.27 -8.13
CA LEU A 64 2.81 12.21 -8.70
C LEU A 64 3.68 11.30 -7.92
N HIS A 65 3.57 11.31 -6.62
CA HIS A 65 4.34 10.43 -5.79
C HIS A 65 3.99 9.00 -6.03
N GLU A 66 2.73 8.71 -6.21
CA GLU A 66 2.28 7.40 -6.47
C GLU A 66 2.72 6.92 -7.79
N LEU A 67 2.68 7.74 -8.81
CA LEU A 67 3.22 7.26 -10.09
C LEU A 67 4.70 6.90 -9.96
N TYR A 68 5.48 7.77 -9.32
CA TYR A 68 6.89 7.46 -9.14
C TYR A 68 7.08 6.20 -8.33
N GLU A 69 6.24 6.00 -7.30
CA GLU A 69 6.35 4.79 -6.49
C GLU A 69 5.95 3.55 -7.28
N GLY A 70 4.97 3.69 -8.18
CA GLY A 70 4.65 2.59 -9.07
C GLY A 70 5.84 2.19 -9.93
N LEU A 71 6.58 3.18 -10.41
CA LEU A 71 7.80 2.86 -11.17
C LEU A 71 8.86 2.23 -10.27
N LYS A 72 9.01 2.75 -9.05
CA LYS A 72 10.05 2.29 -8.14
C LYS A 72 9.80 0.84 -7.71
N VAL A 73 8.56 0.51 -7.37
CA VAL A 73 8.22 -0.83 -6.91
C VAL A 73 8.57 -1.88 -7.95
N ASN A 74 8.45 -1.54 -9.23
CA ASN A 74 8.78 -2.47 -10.30
C ASN A 74 10.25 -2.41 -10.70
N ASP A 75 11.07 -1.69 -9.93
CA ASP A 75 12.50 -1.57 -10.22
C ASP A 75 12.71 -0.98 -11.61
N VAL A 76 11.84 -0.03 -11.98
CA VAL A 76 11.87 0.62 -13.28
C VAL A 76 12.16 2.11 -13.18
N ASN A 77 12.45 2.62 -11.99
CA ASN A 77 12.76 4.04 -11.82
C ASN A 77 14.22 4.34 -12.14
N LYS A 78 14.70 3.90 -13.30
CA LYS A 78 16.08 4.11 -13.72
C LYS A 78 16.08 5.00 -14.95
N TYR A 79 16.79 6.12 -14.86
CA TYR A 79 16.72 7.15 -15.89
C TYR A 79 18.11 7.74 -16.15
N ASP A 80 18.29 8.23 -17.38
CA ASP A 80 19.50 8.94 -17.76
C ASP A 80 19.31 10.46 -17.71
N TYR A 81 18.07 10.94 -17.86
CA TYR A 81 17.79 12.36 -17.83
C TYR A 81 16.48 12.59 -17.06
N VAL A 82 16.29 13.83 -16.61
CA VAL A 82 15.01 14.28 -16.07
C VAL A 82 14.73 15.66 -16.66
N LEU A 83 13.49 15.87 -17.11
CA LEU A 83 13.08 17.08 -17.80
C LEU A 83 11.82 17.62 -17.16
N THR A 84 11.82 18.91 -16.83
CA THR A 84 10.66 19.54 -16.22
C THR A 84 10.45 20.92 -16.84
N GLY A 85 9.26 21.47 -16.58
CA GLY A 85 8.93 22.80 -17.06
C GLY A 85 7.93 23.55 -16.18
N TYR A 86 6.82 23.99 -16.78
CA TYR A 86 5.88 24.86 -16.09
C TYR A 86 5.16 24.11 -14.97
N THR A 87 5.19 24.69 -13.76
CA THR A 87 4.50 24.18 -12.59
C THR A 87 4.01 25.36 -11.77
N ARG A 88 2.81 25.25 -11.19
CA ARG A 88 2.26 26.31 -10.35
C ARG A 88 2.17 25.93 -8.89
N ASP A 89 2.50 24.69 -8.53
CA ASP A 89 2.31 24.15 -7.19
C ASP A 89 3.65 23.91 -6.51
N LYS A 90 3.84 24.54 -5.34
CA LYS A 90 5.09 24.38 -4.59
C LYS A 90 5.33 22.93 -4.22
N SER A 91 4.30 22.27 -3.70
CA SER A 91 4.47 20.88 -3.29
C SER A 91 4.87 20.00 -4.47
N PHE A 92 4.33 20.29 -5.65
CA PHE A 92 4.71 19.51 -6.84
C PHE A 92 6.18 19.68 -7.15
N LEU A 93 6.69 20.92 -7.06
CA LEU A 93 8.11 21.15 -7.31
C LEU A 93 8.98 20.47 -6.25
N ALA A 94 8.56 20.50 -4.98
CA ALA A 94 9.31 19.81 -3.94
C ALA A 94 9.32 18.31 -4.19
N MET A 95 8.20 17.75 -4.64
CA MET A 95 8.14 16.35 -5.02
C MET A 95 9.13 16.04 -6.13
N VAL A 96 9.15 16.90 -7.15
CA VAL A 96 10.08 16.72 -8.26
C VAL A 96 11.52 16.74 -7.76
N VAL A 97 11.82 17.67 -6.85
CA VAL A 97 13.18 17.76 -6.32
C VAL A 97 13.55 16.50 -5.55
N ASP A 98 12.62 15.99 -4.74
CA ASP A 98 12.86 14.73 -4.04
C ASP A 98 13.16 13.61 -5.01
N ILE A 99 12.38 13.52 -6.09
CA ILE A 99 12.58 12.46 -7.08
C ILE A 99 13.95 12.60 -7.72
N VAL A 100 14.35 13.82 -8.07
CA VAL A 100 15.65 14.02 -8.71
C VAL A 100 16.76 13.63 -7.75
N ARG A 101 16.63 13.99 -6.47
CA ARG A 101 17.63 13.62 -5.48
C ARG A 101 17.76 12.11 -5.41
N GLU A 102 16.63 11.39 -5.34
CA GLU A 102 16.71 9.94 -5.25
C GLU A 102 17.33 9.33 -6.50
N LEU A 103 16.93 9.80 -7.68
CA LEU A 103 17.48 9.26 -8.91
C LEU A 103 18.98 9.52 -9.01
N LYS A 104 19.44 10.67 -8.49
CA LYS A 104 20.88 10.96 -8.54
C LYS A 104 21.64 10.11 -7.54
N GLN A 105 21.03 9.83 -6.37
CA GLN A 105 21.60 8.84 -5.48
C GLN A 105 21.75 7.50 -6.20
N GLN A 106 20.74 7.13 -6.98
CA GLN A 106 20.79 5.86 -7.71
C GLN A 106 21.78 5.92 -8.86
N ASN A 107 22.00 7.10 -9.44
CA ASN A 107 22.86 7.23 -10.62
C ASN A 107 23.46 8.63 -10.63
N SER A 108 24.77 8.71 -10.36
CA SER A 108 25.44 10.00 -10.32
C SER A 108 25.59 10.62 -11.69
N ARG A 109 25.39 9.85 -12.76
CA ARG A 109 25.53 10.33 -14.13
C ARG A 109 24.25 10.98 -14.64
N LEU A 110 23.19 11.01 -13.84
CA LEU A 110 21.92 11.56 -14.30
C LEU A 110 22.02 13.06 -14.51
N VAL A 111 21.38 13.55 -15.56
CA VAL A 111 21.39 14.95 -15.94
C VAL A 111 19.98 15.49 -15.79
N TYR A 112 19.82 16.54 -14.99
CA TYR A 112 18.52 17.17 -14.77
C TYR A 112 18.46 18.44 -15.61
N VAL A 113 17.63 18.40 -16.65
CA VAL A 113 17.37 19.57 -17.49
C VAL A 113 16.11 20.24 -16.97
N CYS A 114 16.23 21.52 -16.61
CA CYS A 114 15.16 22.24 -15.95
C CYS A 114 14.88 23.55 -16.66
N ASP A 115 13.66 23.81 -17.09
CA ASP A 115 13.30 25.07 -17.63
C ASP A 115 12.62 25.68 -16.46
N PRO A 116 13.18 26.71 -15.88
CA PRO A 116 12.56 27.27 -14.71
C PRO A 116 11.50 28.25 -15.04
N VAL A 117 10.37 27.80 -15.46
CA VAL A 117 9.39 28.71 -15.92
C VAL A 117 8.67 29.48 -14.85
N MET A 118 8.91 30.78 -14.78
CA MET A 118 8.29 31.64 -13.84
C MET A 118 7.65 32.92 -14.34
N GLY A 119 8.10 33.58 -15.43
CA GLY A 119 7.50 34.72 -16.07
C GLY A 119 8.26 35.12 -17.31
N ASP A 120 7.96 36.25 -17.94
CA ASP A 120 8.68 36.74 -19.14
C ASP A 120 8.44 38.24 -19.18
N LYS A 121 9.13 38.91 -20.06
CA LYS A 121 9.11 40.35 -20.26
C LYS A 121 8.17 40.72 -21.40
N TRP A 122 7.02 41.29 -21.05
CA TRP A 122 6.11 41.88 -22.04
C TRP A 122 6.50 43.33 -22.25
N ASN A 123 6.71 43.72 -23.51
CA ASN A 123 7.25 45.04 -23.86
C ASN A 123 8.57 45.16 -23.09
N GLY A 124 8.78 46.23 -22.32
CA GLY A 124 9.94 46.32 -21.44
C GLY A 124 9.64 45.86 -20.02
N GLU A 125 8.36 45.78 -19.64
CA GLU A 125 7.98 45.38 -18.29
C GLU A 125 8.12 43.89 -18.11
N GLY A 126 8.42 43.47 -16.88
CA GLY A 126 8.55 42.07 -16.53
C GLY A 126 7.38 41.62 -15.67
N SER A 127 6.78 40.48 -16.02
CA SER A 127 5.58 40.00 -15.37
C SER A 127 5.66 38.50 -15.16
N MET A 128 5.16 38.05 -14.00
CA MET A 128 5.28 36.66 -13.57
C MET A 128 3.99 35.90 -13.85
N TYR A 129 4.16 34.66 -14.34
CA TYR A 129 3.03 33.77 -14.57
C TYR A 129 2.81 32.77 -13.42
N VAL A 130 3.64 32.79 -12.40
CA VAL A 130 3.66 31.70 -11.43
C VAL A 130 3.46 32.26 -10.03
N PRO A 131 2.89 31.51 -9.09
CA PRO A 131 2.81 32.01 -7.72
C PRO A 131 4.20 32.36 -7.21
N GLN A 132 4.27 33.42 -6.40
CA GLN A 132 5.57 33.90 -5.93
C GLN A 132 6.26 32.90 -5.03
N ASP A 133 5.52 32.06 -4.29
CA ASP A 133 6.16 31.21 -3.30
C ASP A 133 7.06 30.18 -3.97
N LEU A 134 7.06 30.05 -5.31
CA LEU A 134 7.96 29.09 -5.94
C LEU A 134 9.33 29.69 -6.20
N LEU A 135 9.42 31.03 -6.37
CA LEU A 135 10.73 31.59 -6.68
C LEU A 135 11.77 31.18 -5.65
N PRO A 136 11.51 31.31 -4.34
CA PRO A 136 12.44 30.71 -3.37
C PRO A 136 12.75 29.25 -3.71
N VAL A 137 11.71 28.44 -3.92
CA VAL A 137 11.89 27.02 -4.21
C VAL A 137 12.89 26.85 -5.35
N TYR A 138 12.53 27.37 -6.54
CA TYR A 138 13.41 27.26 -7.69
C TYR A 138 14.84 27.67 -7.35
N ARG A 139 15.00 28.73 -6.55
CA ARG A 139 16.33 29.23 -6.27
C ARG A 139 17.05 28.35 -5.26
N ASP A 140 16.32 27.81 -4.29
CA ASP A 140 16.95 27.15 -3.14
C ASP A 140 16.94 25.63 -3.22
N LYS A 141 16.08 25.04 -4.05
CA LYS A 141 15.92 23.60 -4.04
C LYS A 141 16.06 22.96 -5.40
N VAL A 142 15.59 23.62 -6.46
CA VAL A 142 15.59 23.02 -7.80
C VAL A 142 16.90 23.27 -8.51
N VAL A 143 17.21 24.53 -8.77
CA VAL A 143 18.40 24.89 -9.54
C VAL A 143 19.63 24.24 -8.91
N PRO A 144 19.76 24.22 -7.58
CA PRO A 144 20.93 23.55 -6.99
C PRO A 144 21.16 22.12 -7.47
N VAL A 145 20.10 21.36 -7.77
CA VAL A 145 20.26 20.00 -8.25
C VAL A 145 20.12 19.91 -9.77
N ALA A 146 19.95 21.03 -10.46
CA ALA A 146 19.84 21.01 -11.91
C ALA A 146 21.22 21.01 -12.56
N ASP A 147 21.28 20.46 -13.76
CA ASP A 147 22.51 20.40 -14.55
C ASP A 147 22.47 21.25 -15.80
N ILE A 148 21.28 21.46 -16.37
CA ILE A 148 21.07 22.36 -17.49
C ILE A 148 19.83 23.18 -17.18
N ILE A 149 19.91 24.50 -17.34
CA ILE A 149 18.74 25.34 -17.15
C ILE A 149 18.59 26.23 -18.38
N THR A 150 17.35 26.52 -18.74
CA THR A 150 17.04 27.31 -19.87
C THR A 150 16.11 28.44 -19.54
N PRO A 151 16.53 29.40 -18.75
CA PRO A 151 15.67 30.51 -18.42
C PRO A 151 15.67 31.61 -19.43
N ASN A 152 14.74 32.52 -19.32
CA ASN A 152 14.78 33.68 -20.13
C ASN A 152 15.46 34.79 -19.33
N GLN A 153 15.63 35.96 -19.89
CA GLN A 153 16.27 37.05 -19.17
C GLN A 153 15.59 37.32 -17.84
N PHE A 154 14.25 37.41 -17.84
CA PHE A 154 13.53 37.74 -16.62
C PHE A 154 13.68 36.64 -15.56
N GLU A 155 13.69 35.41 -15.97
CA GLU A 155 13.83 34.35 -15.01
C GLU A 155 15.21 34.31 -14.48
N ALA A 156 16.21 34.49 -15.30
CA ALA A 156 17.58 34.58 -14.83
C ALA A 156 17.74 35.71 -13.83
N GLU A 157 17.13 36.87 -14.11
CA GLU A 157 17.19 37.99 -13.17
C GLU A 157 16.55 37.62 -11.85
N LEU A 158 15.38 36.97 -11.90
CA LEU A 158 14.70 36.54 -10.68
C LEU A 158 15.58 35.60 -9.86
N LEU A 159 16.18 34.60 -10.52
CA LEU A 159 16.99 33.63 -9.80
C LEU A 159 18.24 34.29 -9.22
N SER A 160 18.87 35.19 -9.97
CA SER A 160 20.10 35.83 -9.51
C SER A 160 19.86 37.05 -8.63
N GLY A 161 18.64 37.59 -8.63
CA GLY A 161 18.31 38.78 -7.87
C GLY A 161 18.89 40.07 -8.38
N ARG A 162 19.56 40.07 -9.53
CA ARG A 162 20.22 41.23 -10.10
C ARG A 162 19.66 41.46 -11.49
N LYS A 163 19.41 42.72 -11.83
CA LYS A 163 18.89 43.05 -13.15
C LYS A 163 20.00 43.04 -14.20
N ILE A 164 19.63 42.66 -15.42
CA ILE A 164 20.56 42.56 -16.54
C ILE A 164 20.33 43.75 -17.46
N HIS A 165 21.38 44.53 -17.69
CA HIS A 165 21.32 45.66 -18.60
C HIS A 165 22.24 45.51 -19.82
N SER A 166 23.21 44.59 -19.77
CA SER A 166 24.13 44.40 -20.87
C SER A 166 24.52 42.94 -20.95
N GLN A 167 25.21 42.58 -22.03
CA GLN A 167 25.64 41.20 -22.23
C GLN A 167 26.65 40.77 -21.17
N GLU A 168 27.57 41.66 -20.81
CA GLU A 168 28.52 41.33 -19.75
C GLU A 168 27.81 41.07 -18.42
N GLU A 169 26.82 41.92 -18.10
CA GLU A 169 26.00 41.66 -16.92
C GLU A 169 25.24 40.34 -17.05
N ALA A 170 24.79 40.01 -18.26
CA ALA A 170 24.09 38.75 -18.48
C ALA A 170 25.01 37.57 -18.16
N PHE A 171 26.27 37.65 -18.58
CA PHE A 171 27.21 36.57 -18.30
C PHE A 171 27.62 36.54 -16.83
N GLU A 172 27.63 37.70 -16.16
CA GLU A 172 27.81 37.69 -14.71
C GLU A 172 26.66 36.94 -14.03
N VAL A 173 25.43 37.21 -14.47
CA VAL A 173 24.28 36.49 -13.91
C VAL A 173 24.40 35.00 -14.20
N MET A 174 24.84 34.65 -15.41
CA MET A 174 25.00 33.24 -15.75
C MET A 174 26.09 32.58 -14.93
N ASP A 175 27.15 33.34 -14.58
CA ASP A 175 28.16 32.80 -13.68
C ASP A 175 27.58 32.55 -12.29
N MET A 176 26.73 33.46 -11.83
CA MET A 176 26.03 33.23 -10.57
C MET A 176 25.18 31.97 -10.63
N LEU A 177 24.47 31.77 -11.75
CA LEU A 177 23.63 30.58 -11.89
C LEU A 177 24.49 29.31 -11.94
N HIS A 178 25.58 29.34 -12.70
CA HIS A 178 26.56 28.26 -12.63
C HIS A 178 26.92 27.96 -11.19
N CYS A 179 27.12 29.01 -10.40
CA CYS A 179 27.47 28.84 -8.99
C CYS A 179 26.32 28.20 -8.22
N MET A 180 25.09 28.44 -8.62
CA MET A 180 23.95 27.85 -7.93
C MET A 180 23.86 26.34 -8.16
N GLY A 181 24.36 25.85 -9.30
CA GLY A 181 24.34 24.43 -9.56
C GLY A 181 24.67 24.02 -10.98
N PRO A 182 23.80 24.38 -11.93
CA PRO A 182 23.91 23.79 -13.27
C PRO A 182 25.19 24.21 -13.98
N ASP A 183 25.88 23.23 -14.57
CA ASP A 183 27.09 23.49 -15.33
C ASP A 183 26.81 24.01 -16.74
N THR A 184 25.57 23.94 -17.20
CA THR A 184 25.17 24.47 -18.50
C THR A 184 24.00 25.41 -18.28
N VAL A 185 24.05 26.63 -18.78
CA VAL A 185 22.99 27.58 -18.63
C VAL A 185 22.75 28.26 -19.94
N VAL A 186 21.54 28.29 -20.44
CA VAL A 186 21.30 28.96 -21.67
C VAL A 186 20.21 29.95 -21.50
N ILE A 187 20.41 31.22 -21.80
CA ILE A 187 19.35 32.16 -21.66
C ILE A 187 18.69 32.22 -23.01
N THR A 188 17.49 31.74 -23.13
CA THR A 188 16.83 31.60 -24.39
C THR A 188 16.29 32.80 -25.08
N SER A 189 15.98 33.81 -24.33
CA SER A 189 15.52 35.00 -24.93
C SER A 189 15.91 36.15 -24.07
N SER A 190 16.08 37.29 -24.66
CA SER A 190 16.49 38.45 -23.93
C SER A 190 16.11 39.68 -24.65
N ASP A 191 16.23 40.81 -23.97
CA ASP A 191 15.98 42.10 -24.57
C ASP A 191 17.21 42.86 -25.00
N LEU A 192 18.32 42.17 -25.15
CA LEU A 192 19.59 42.75 -25.58
C LEU A 192 19.56 43.05 -27.08
N PRO A 193 20.20 44.14 -27.51
CA PRO A 193 20.14 44.50 -28.94
C PRO A 193 21.01 43.59 -29.80
N SER A 194 20.67 43.56 -31.07
CA SER A 194 21.33 42.75 -32.01
C SER A 194 21.99 43.57 -33.07
N SER A 195 23.15 43.19 -33.52
CA SER A 195 23.81 43.99 -34.55
C SER A 195 23.12 43.93 -35.90
N GLN A 196 22.23 42.95 -36.10
CA GLN A 196 21.58 42.76 -37.40
C GLN A 196 20.23 43.48 -37.52
N GLY A 197 19.69 43.99 -36.41
CA GLY A 197 18.42 44.69 -36.43
C GLY A 197 17.58 44.42 -35.19
N SER A 198 16.45 45.12 -35.07
CA SER A 198 15.57 44.93 -33.92
C SER A 198 14.71 43.68 -34.05
N ASP A 199 14.79 43.02 -35.19
CA ASP A 199 14.05 41.84 -35.41
C ASP A 199 14.84 40.61 -35.09
N TYR A 200 15.98 40.72 -34.44
CA TYR A 200 16.74 39.60 -34.06
C TYR A 200 16.68 39.49 -32.57
N LEU A 201 16.66 38.27 -32.06
CA LEU A 201 16.58 38.00 -30.66
C LEU A 201 17.91 37.48 -30.24
N ILE A 202 18.35 37.81 -29.05
CA ILE A 202 19.63 37.35 -28.62
C ILE A 202 19.57 36.25 -27.58
N ALA A 203 20.26 35.16 -27.81
CA ALA A 203 20.31 34.08 -26.88
C ALA A 203 21.74 33.88 -26.52
N LEU A 204 22.03 33.55 -25.29
CA LEU A 204 23.39 33.36 -24.89
C LEU A 204 23.55 32.07 -24.18
N GLY A 205 24.71 31.45 -24.26
CA GLY A 205 24.95 30.19 -23.60
C GLY A 205 26.22 30.13 -22.82
N SER A 206 26.31 29.29 -21.83
CA SER A 206 27.49 29.19 -21.01
C SER A 206 27.63 27.78 -20.48
N GLN A 207 28.74 27.12 -20.66
CA GLN A 207 28.96 25.76 -20.18
C GLN A 207 30.29 25.69 -19.45
N ARG A 208 30.24 25.27 -18.19
CA ARG A 208 31.47 25.01 -17.43
C ARG A 208 31.90 23.57 -17.65
N MET A 209 33.14 23.39 -18.14
CA MET A 209 33.64 22.10 -18.56
C MET A 209 34.97 21.83 -17.87
N ARG A 210 35.20 20.59 -17.45
CA ARG A 210 36.45 20.23 -16.81
C ARG A 210 37.48 19.90 -17.89
N LYS A 211 38.69 20.38 -17.71
CA LYS A 211 39.77 20.20 -18.64
C LYS A 211 40.61 18.99 -18.26
N PRO A 212 41.47 18.52 -19.19
CA PRO A 212 42.33 17.36 -18.85
C PRO A 212 43.22 17.64 -17.65
N ASP A 213 43.64 18.90 -17.41
CA ASP A 213 44.49 19.15 -16.25
C ASP A 213 43.73 19.10 -14.93
N GLY A 214 42.43 18.84 -14.95
CA GLY A 214 41.62 18.81 -13.75
C GLY A 214 40.92 20.12 -13.45
N SER A 215 41.34 21.21 -14.09
CA SER A 215 40.75 22.52 -13.93
C SER A 215 39.50 22.65 -14.79
N THR A 216 38.85 23.82 -14.74
CA THR A 216 37.58 24.04 -15.40
C THR A 216 37.59 25.33 -16.21
N VAL A 217 37.08 25.25 -17.44
CA VAL A 217 36.99 26.37 -18.36
C VAL A 217 35.53 26.61 -18.69
N THR A 218 35.15 27.88 -18.74
CA THR A 218 33.79 28.26 -19.07
C THR A 218 33.77 28.67 -20.54
N GLN A 219 32.97 27.97 -21.34
CA GLN A 219 32.75 28.31 -22.74
C GLN A 219 31.49 29.14 -22.86
N ARG A 220 31.54 30.30 -23.50
CA ARG A 220 30.40 31.16 -23.67
C ARG A 220 30.08 31.36 -25.12
N ILE A 221 28.82 31.44 -25.51
CA ILE A 221 28.45 31.61 -26.91
C ILE A 221 27.29 32.57 -27.04
N ARG A 222 27.10 33.13 -28.21
CA ARG A 222 26.02 34.07 -28.45
C ARG A 222 25.30 33.71 -29.73
N MET A 223 23.98 33.85 -29.77
CA MET A 223 23.22 33.55 -30.97
C MET A 223 22.27 34.65 -31.32
N GLU A 224 22.20 35.03 -32.58
CA GLU A 224 21.28 36.04 -33.03
C GLU A 224 20.30 35.33 -33.92
N MET A 225 19.01 35.42 -33.62
CA MET A 225 17.98 34.71 -34.32
C MET A 225 16.84 35.62 -34.67
N ARG A 226 16.27 35.51 -35.85
CA ARG A 226 15.20 36.38 -36.25
C ARG A 226 13.88 36.18 -35.60
N LYS A 227 13.24 37.23 -35.15
CA LYS A 227 11.97 37.08 -34.55
C LYS A 227 10.93 36.76 -35.56
N VAL A 228 9.95 35.94 -35.19
CA VAL A 228 8.87 35.62 -36.05
C VAL A 228 7.75 36.36 -35.39
N GLU A 229 7.00 37.16 -36.10
CA GLU A 229 6.04 38.01 -35.46
C GLU A 229 4.73 37.41 -35.12
N ALA A 230 4.75 36.56 -34.13
CA ALA A 230 3.59 35.89 -33.65
C ALA A 230 3.86 35.39 -32.26
N VAL A 231 2.83 35.06 -31.52
CA VAL A 231 3.06 34.58 -30.20
C VAL A 231 2.84 33.09 -30.21
N PHE A 232 3.82 32.33 -29.81
CA PHE A 232 3.72 30.92 -29.83
C PHE A 232 3.66 30.40 -28.43
N VAL A 233 3.13 29.20 -28.26
CA VAL A 233 3.04 28.57 -26.95
C VAL A 233 3.68 27.19 -27.04
N GLY A 234 4.46 26.83 -26.03
CA GLY A 234 5.21 25.60 -26.02
C GLY A 234 6.63 25.71 -26.51
N THR A 235 7.07 26.85 -26.90
CA THR A 235 8.36 26.95 -27.46
C THR A 235 9.46 26.69 -26.49
N GLY A 236 9.23 26.95 -25.24
CA GLY A 236 10.23 26.74 -24.24
C GLY A 236 10.34 25.29 -23.99
N ASP A 237 9.23 24.61 -23.95
CA ASP A 237 9.25 23.17 -23.73
C ASP A 237 10.00 22.46 -24.86
N LEU A 238 9.69 22.85 -26.10
CA LEU A 238 10.39 22.28 -27.26
C LEU A 238 11.88 22.61 -27.22
N PHE A 239 12.20 23.82 -26.85
CA PHE A 239 13.55 24.23 -26.83
C PHE A 239 14.32 23.42 -25.87
N ALA A 240 13.80 23.22 -24.68
CA ALA A 240 14.50 22.45 -23.65
C ALA A 240 14.65 20.99 -24.07
N ALA A 241 13.62 20.40 -24.67
CA ALA A 241 13.72 19.01 -25.11
C ALA A 241 14.82 18.84 -26.15
N MET A 242 14.81 19.70 -27.17
CA MET A 242 15.80 19.57 -28.23
C MET A 242 17.20 19.92 -27.74
N LEU A 243 17.32 20.85 -26.79
CA LEU A 243 18.61 21.13 -26.20
C LEU A 243 19.14 19.92 -25.44
N LEU A 244 18.28 19.26 -24.67
CA LEU A 244 18.67 18.01 -24.03
C LEU A 244 19.25 17.05 -25.05
N ALA A 245 18.51 16.84 -26.14
CA ALA A 245 18.96 15.87 -27.15
C ALA A 245 20.32 16.26 -27.70
N TRP A 246 20.48 17.51 -28.15
CA TRP A 246 21.71 17.87 -28.84
C TRP A 246 22.89 18.03 -27.90
N THR A 247 22.65 18.39 -26.63
CA THR A 247 23.74 18.36 -25.67
C THR A 247 24.15 16.93 -25.35
N HIS A 248 23.20 16.00 -25.37
CA HIS A 248 23.58 14.60 -25.27
C HIS A 248 24.48 14.20 -26.42
N LYS A 249 24.15 14.64 -27.63
CA LYS A 249 24.99 14.28 -28.77
C LYS A 249 26.32 15.01 -28.75
N HIS A 250 26.34 16.24 -28.22
CA HIS A 250 27.51 17.11 -28.23
C HIS A 250 27.80 17.59 -26.81
N PRO A 251 28.23 16.70 -25.93
CA PRO A 251 28.38 17.08 -24.50
C PRO A 251 29.47 18.13 -24.27
N ASP A 252 30.45 18.25 -25.15
CA ASP A 252 31.53 19.22 -24.96
C ASP A 252 31.46 20.36 -25.97
N ASN A 253 30.34 20.50 -26.71
CA ASN A 253 30.22 21.49 -27.77
C ASN A 253 28.86 22.17 -27.64
N LEU A 254 28.75 23.10 -26.67
CA LEU A 254 27.53 23.87 -26.54
C LEU A 254 27.23 24.66 -27.80
N LYS A 255 28.27 25.07 -28.51
CA LYS A 255 28.08 25.80 -29.77
C LYS A 255 27.21 25.00 -30.73
N VAL A 256 27.62 23.77 -31.04
CA VAL A 256 26.88 22.97 -32.01
C VAL A 256 25.51 22.59 -31.47
N ALA A 257 25.42 22.24 -30.19
CA ALA A 257 24.14 21.87 -29.62
C ALA A 257 23.13 22.99 -29.75
N CYS A 258 23.53 24.22 -29.40
CA CYS A 258 22.63 25.36 -29.51
C CYS A 258 22.35 25.71 -30.96
N GLU A 259 23.34 25.58 -31.85
CA GLU A 259 23.08 25.83 -33.26
C GLU A 259 21.99 24.91 -33.78
N LYS A 260 22.09 23.61 -33.50
CA LYS A 260 21.09 22.66 -33.97
C LYS A 260 19.74 22.93 -33.33
N THR A 261 19.72 23.15 -32.06
CA THR A 261 18.52 23.42 -31.37
C THR A 261 17.84 24.60 -31.91
N VAL A 262 18.56 25.68 -32.08
CA VAL A 262 17.94 26.88 -32.55
C VAL A 262 17.57 26.85 -33.99
N SER A 263 18.21 26.03 -34.78
CA SER A 263 17.85 25.91 -36.14
C SER A 263 16.58 25.15 -36.23
N ALA A 264 16.45 24.08 -35.49
CA ALA A 264 15.19 23.35 -35.49
C ALA A 264 14.04 24.26 -35.06
N MET A 265 14.25 25.07 -34.07
CA MET A 265 13.23 25.98 -33.66
C MET A 265 12.90 26.92 -34.75
N GLN A 266 13.86 27.35 -35.50
CA GLN A 266 13.63 28.28 -36.57
C GLN A 266 12.80 27.63 -37.62
N HIS A 267 13.17 26.47 -38.11
CA HIS A 267 12.38 25.74 -39.09
C HIS A 267 10.95 25.57 -38.63
N VAL A 268 10.77 25.11 -37.39
CA VAL A 268 9.44 24.83 -36.87
C VAL A 268 8.60 26.11 -36.88
N LEU A 269 9.13 27.17 -36.36
CA LEU A 269 8.39 28.40 -36.31
C LEU A 269 8.13 29.04 -37.63
N GLN A 270 9.03 28.93 -38.57
CA GLN A 270 8.78 29.43 -39.92
C GLN A 270 7.63 28.69 -40.57
N ARG A 271 7.68 27.34 -40.52
CA ARG A 271 6.57 26.57 -41.06
C ARG A 271 5.26 26.90 -40.35
N THR A 272 5.32 27.09 -39.02
CA THR A 272 4.10 27.33 -38.27
C THR A 272 3.47 28.66 -38.67
N ILE A 273 4.28 29.73 -38.79
CA ILE A 273 3.71 31.01 -39.17
C ILE A 273 3.19 30.96 -40.61
N ARG A 274 3.92 30.26 -41.49
CA ARG A 274 3.44 30.11 -42.87
C ARG A 274 2.05 29.48 -42.89
N CYS A 275 1.92 28.29 -42.29
CA CYS A 275 0.64 27.60 -42.32
C CYS A 275 -0.44 28.34 -41.54
N ALA A 276 -0.05 29.09 -40.51
CA ALA A 276 -1.04 29.84 -39.73
C ALA A 276 -1.60 30.99 -40.53
N LYS A 277 -0.74 31.74 -41.22
CA LYS A 277 -1.23 32.80 -42.09
C LYS A 277 -2.00 32.23 -43.28
N ALA A 278 -1.66 31.03 -43.72
CA ALA A 278 -2.45 30.37 -44.75
C ALA A 278 -3.86 30.06 -44.26
N GLU A 279 -3.96 29.44 -43.08
CA GLU A 279 -5.28 29.11 -42.53
C GLU A 279 -6.11 30.37 -42.33
N ALA A 280 -5.52 31.39 -41.72
CA ALA A 280 -6.22 32.66 -41.58
C ALA A 280 -6.33 33.35 -42.93
N GLY A 281 -7.29 34.28 -43.02
CA GLY A 281 -7.44 35.05 -44.24
C GLY A 281 -6.19 35.84 -44.58
N GLU A 282 -6.09 36.19 -45.86
CA GLU A 282 -4.98 37.04 -46.31
C GLU A 282 -5.04 38.36 -45.56
N GLY A 283 -3.91 38.74 -44.96
CA GLY A 283 -3.87 39.93 -44.14
C GLY A 283 -4.70 39.84 -42.87
N GLN A 284 -4.83 38.65 -42.31
CA GLN A 284 -5.57 38.44 -41.07
C GLN A 284 -4.64 37.89 -40.01
N LYS A 285 -4.77 38.37 -38.78
CA LYS A 285 -3.93 37.87 -37.70
C LYS A 285 -4.36 36.45 -37.34
N PRO A 286 -3.46 35.46 -37.39
CA PRO A 286 -3.86 34.10 -37.02
C PRO A 286 -4.22 34.00 -35.55
N SER A 287 -5.15 33.08 -35.26
CA SER A 287 -5.63 32.87 -33.91
C SER A 287 -4.70 31.91 -33.15
N PRO A 288 -4.78 31.92 -31.81
CA PRO A 288 -3.98 30.94 -31.04
C PRO A 288 -4.14 29.51 -31.55
N ALA A 289 -5.35 29.14 -31.98
CA ALA A 289 -5.57 27.78 -32.49
C ALA A 289 -4.79 27.56 -33.79
N GLN A 290 -4.73 28.57 -34.65
CA GLN A 290 -4.02 28.46 -35.91
C GLN A 290 -2.51 28.60 -35.74
N LEU A 291 -2.03 28.97 -34.56
CA LEU A 291 -0.61 29.13 -34.30
C LEU A 291 -0.01 27.95 -33.52
N GLU A 292 -0.78 26.89 -33.29
CA GLU A 292 -0.21 25.70 -32.71
C GLU A 292 0.96 25.22 -33.56
N LEU A 293 2.04 24.80 -32.91
CA LEU A 293 3.23 24.38 -33.64
C LEU A 293 2.89 23.25 -34.60
N ARG A 294 3.39 23.36 -35.83
CA ARG A 294 3.23 22.28 -36.81
C ARG A 294 4.30 21.22 -36.52
N MET A 295 4.10 20.52 -35.40
CA MET A 295 5.10 19.60 -34.88
C MET A 295 5.32 18.42 -35.82
N VAL A 296 4.24 17.71 -36.14
CA VAL A 296 4.34 16.53 -36.99
C VAL A 296 4.99 16.89 -38.32
N GLN A 297 4.47 17.92 -38.98
CA GLN A 297 4.96 18.30 -40.30
C GLN A 297 6.40 18.78 -40.29
N SER A 298 7.02 18.98 -39.13
CA SER A 298 8.40 19.41 -39.04
C SER A 298 9.32 18.30 -38.56
N LYS A 299 8.80 17.07 -38.43
CA LYS A 299 9.59 15.96 -37.93
C LYS A 299 11.01 15.95 -38.50
N ARG A 300 11.11 15.94 -39.83
CA ARG A 300 12.41 15.81 -40.48
C ARG A 300 13.36 16.92 -40.06
N ASP A 301 12.87 18.16 -40.04
CA ASP A 301 13.70 19.28 -39.59
C ASP A 301 14.18 19.06 -38.16
N ILE A 302 13.34 18.45 -37.34
CA ILE A 302 13.73 18.15 -35.96
C ILE A 302 14.76 17.03 -35.93
N GLU A 303 14.67 16.09 -36.86
CA GLU A 303 15.59 14.96 -36.86
C GLU A 303 17.01 15.42 -37.19
N ASP A 304 17.15 16.24 -38.22
CA ASP A 304 18.47 16.70 -38.68
C ASP A 304 18.34 18.11 -39.23
N PRO A 305 18.33 19.11 -38.35
CA PRO A 305 18.04 20.48 -38.82
C PRO A 305 19.18 21.04 -39.66
N GLU A 306 18.80 21.70 -40.75
CA GLU A 306 19.74 22.48 -41.53
C GLU A 306 20.18 23.69 -40.72
N ILE A 307 21.49 23.87 -40.58
CA ILE A 307 22.02 24.97 -39.78
C ILE A 307 21.66 26.27 -40.47
N VAL A 308 20.95 27.16 -39.76
CA VAL A 308 20.57 28.46 -40.28
C VAL A 308 21.00 29.60 -39.38
N VAL A 309 21.59 29.32 -38.22
CA VAL A 309 22.18 30.32 -37.37
C VAL A 309 23.57 29.85 -36.98
N GLN A 310 24.48 30.79 -36.77
CA GLN A 310 25.84 30.51 -36.34
C GLN A 310 26.07 31.20 -35.00
N ALA A 311 26.53 30.44 -34.02
CA ALA A 311 26.84 30.97 -32.70
C ALA A 311 28.30 31.40 -32.68
N THR A 312 28.56 32.61 -32.19
CA THR A 312 29.91 33.12 -32.06
C THR A 312 30.45 32.79 -30.67
N VAL A 313 31.64 32.18 -30.63
CA VAL A 313 32.27 31.84 -29.36
C VAL A 313 32.97 33.08 -28.82
N LEU A 314 32.60 33.48 -27.61
CA LEU A 314 33.25 34.63 -26.97
C LEU A 314 34.48 34.15 -26.21
N GLU B 6 -3.89 17.72 -44.26
CA GLU B 6 -3.80 17.49 -42.83
C GLU B 6 -4.96 16.62 -42.33
N CYS B 7 -4.60 15.50 -41.69
CA CYS B 7 -5.55 14.51 -41.21
C CYS B 7 -5.48 14.44 -39.69
N ARG B 8 -6.57 14.81 -39.02
CA ARG B 8 -6.59 14.88 -37.56
C ARG B 8 -7.39 13.73 -36.98
N VAL B 9 -6.81 13.09 -35.95
CA VAL B 9 -7.38 11.91 -35.31
C VAL B 9 -7.61 12.22 -33.84
N LEU B 10 -8.83 11.98 -33.36
CA LEU B 10 -9.15 12.08 -31.94
C LEU B 10 -9.00 10.70 -31.31
N SER B 11 -7.96 10.53 -30.50
CA SER B 11 -7.62 9.23 -29.90
C SER B 11 -7.90 9.27 -28.40
N ILE B 12 -8.87 8.50 -27.95
CA ILE B 12 -9.29 8.46 -26.56
C ILE B 12 -8.86 7.11 -26.00
N GLN B 13 -7.73 7.10 -25.28
CA GLN B 13 -7.17 5.84 -24.83
C GLN B 13 -6.39 6.07 -23.54
N SER B 14 -5.88 4.98 -22.97
CA SER B 14 -5.14 5.06 -21.72
C SER B 14 -3.77 5.69 -21.94
N HIS B 15 -3.18 6.16 -20.86
CA HIS B 15 -1.83 6.70 -20.88
C HIS B 15 -1.02 6.04 -19.77
N VAL B 16 0.19 5.59 -20.11
CA VAL B 16 1.11 5.01 -19.14
C VAL B 16 2.36 5.88 -19.10
N VAL B 17 2.87 6.13 -17.88
CA VAL B 17 4.11 6.89 -17.75
C VAL B 17 5.24 6.17 -18.48
N ARG B 18 5.40 4.88 -18.22
CA ARG B 18 6.36 4.06 -18.93
C ARG B 18 5.64 3.07 -19.82
N GLY B 19 6.20 2.81 -20.99
CA GLY B 19 5.71 1.75 -21.85
C GLY B 19 4.88 2.29 -22.99
N TYR B 20 4.32 1.34 -23.73
CA TYR B 20 3.55 1.66 -24.94
C TYR B 20 2.28 0.82 -24.94
N VAL B 21 1.22 1.41 -24.38
CA VAL B 21 -0.14 0.91 -24.50
C VAL B 21 -1.03 2.12 -24.72
N GLY B 22 -2.24 1.88 -25.20
CA GLY B 22 -3.17 2.96 -25.42
C GLY B 22 -2.55 4.06 -26.27
N ASN B 23 -2.69 5.30 -25.81
CA ASN B 23 -2.24 6.44 -26.60
C ASN B 23 -0.72 6.44 -26.79
N ARG B 24 0.03 5.95 -25.80
CA ARG B 24 1.47 5.86 -25.99
C ARG B 24 1.81 4.98 -27.18
N ALA B 25 1.02 3.95 -27.43
CA ALA B 25 1.23 3.07 -28.57
C ALA B 25 0.58 3.60 -29.84
N ALA B 26 -0.25 4.62 -29.74
CA ALA B 26 -1.01 5.15 -30.86
C ALA B 26 -0.52 6.50 -31.35
N MET B 27 -0.15 7.41 -30.44
CA MET B 27 0.24 8.75 -30.87
C MET B 27 1.52 8.71 -31.71
N PHE B 28 2.57 8.10 -31.16
CA PHE B 28 3.86 8.14 -31.86
C PHE B 28 3.77 7.61 -33.28
N PRO B 29 3.21 6.43 -33.53
CA PRO B 29 3.12 5.96 -34.93
C PRO B 29 2.29 6.87 -35.82
N LEU B 30 1.13 7.33 -35.35
CA LEU B 30 0.30 8.20 -36.18
C LEU B 30 1.02 9.52 -36.50
N GLN B 31 1.72 10.08 -35.52
CA GLN B 31 2.47 11.32 -35.75
C GLN B 31 3.62 11.09 -36.71
N VAL B 32 4.34 9.98 -36.56
CA VAL B 32 5.44 9.66 -37.46
C VAL B 32 4.93 9.37 -38.86
N LEU B 33 3.65 8.98 -38.98
CA LEU B 33 3.04 8.72 -40.27
C LEU B 33 2.30 9.93 -40.82
N GLY B 34 2.35 11.07 -40.15
CA GLY B 34 1.83 12.30 -40.69
C GLY B 34 0.46 12.73 -40.25
N PHE B 35 -0.02 12.24 -39.11
CA PHE B 35 -1.36 12.56 -38.62
C PHE B 35 -1.26 13.46 -37.39
N GLU B 36 -1.99 14.58 -37.40
CA GLU B 36 -2.24 15.30 -36.17
C GLU B 36 -3.10 14.45 -35.25
N VAL B 37 -2.76 14.40 -33.97
CA VAL B 37 -3.47 13.55 -33.02
C VAL B 37 -3.86 14.38 -31.81
N ASP B 38 -5.17 14.53 -31.59
CA ASP B 38 -5.70 15.08 -30.34
C ASP B 38 -5.96 13.90 -29.41
N ALA B 39 -5.25 13.85 -28.30
CA ALA B 39 -5.23 12.67 -27.44
C ALA B 39 -5.91 12.96 -26.11
N VAL B 40 -6.94 12.19 -25.79
CA VAL B 40 -7.57 12.20 -24.48
C VAL B 40 -7.11 10.93 -23.75
N ASN B 41 -6.31 11.13 -22.70
CA ASN B 41 -5.77 10.03 -21.91
C ASN B 41 -6.82 9.57 -20.91
N SER B 42 -7.39 8.40 -21.17
CA SER B 42 -8.47 7.88 -20.34
C SER B 42 -7.99 7.44 -18.96
N VAL B 43 -6.71 7.15 -18.79
CA VAL B 43 -6.15 6.83 -17.49
C VAL B 43 -4.72 7.35 -17.48
N GLN B 44 -4.15 7.53 -16.28
CA GLN B 44 -2.72 7.76 -16.15
C GLN B 44 -2.24 6.75 -15.12
N PHE B 45 -1.59 5.69 -15.59
CA PHE B 45 -0.99 4.66 -14.77
C PHE B 45 0.53 4.77 -14.88
N SER B 46 1.22 4.18 -13.91
CA SER B 46 2.68 4.15 -13.98
C SER B 46 3.16 3.25 -15.12
N ASN B 47 2.43 2.16 -15.36
CA ASN B 47 2.79 1.15 -16.35
C ASN B 47 1.54 0.34 -16.61
N HIS B 48 1.61 -0.56 -17.59
CA HIS B 48 0.42 -1.36 -17.89
C HIS B 48 0.23 -2.43 -16.82
N THR B 49 -0.98 -2.97 -16.76
CA THR B 49 -1.38 -3.84 -15.66
C THR B 49 -0.72 -5.21 -15.71
N GLY B 50 -0.02 -5.53 -16.80
CA GLY B 50 0.73 -6.78 -16.85
C GLY B 50 1.86 -6.84 -15.87
N TYR B 51 2.31 -5.68 -15.38
CA TYR B 51 3.35 -5.64 -14.37
C TYR B 51 2.84 -6.24 -13.06
N ALA B 52 3.79 -6.50 -12.15
CA ALA B 52 3.41 -6.98 -10.83
C ALA B 52 2.57 -5.95 -10.08
N HIS B 53 2.83 -4.67 -10.32
CA HIS B 53 2.14 -3.59 -9.64
C HIS B 53 1.89 -2.45 -10.62
N TRP B 54 0.98 -1.57 -10.24
CA TRP B 54 0.71 -0.38 -11.04
C TRP B 54 -0.05 0.59 -10.14
N LYS B 55 0.21 1.87 -10.31
CA LYS B 55 -0.44 2.91 -9.53
C LYS B 55 -0.89 3.99 -10.50
N GLY B 56 -1.97 4.70 -10.19
CA GLY B 56 -2.39 5.79 -11.04
C GLY B 56 -3.83 6.18 -10.77
N GLN B 57 -4.39 6.93 -11.72
CA GLN B 57 -5.75 7.42 -11.64
C GLN B 57 -6.47 7.15 -12.95
N VAL B 58 -7.80 7.16 -12.87
CA VAL B 58 -8.66 6.94 -14.02
C VAL B 58 -9.48 8.19 -14.29
N LEU B 59 -9.64 8.62 -15.54
CA LEU B 59 -10.45 9.74 -15.86
C LEU B 59 -11.91 9.39 -15.83
N LYS B 60 -12.73 10.17 -15.17
CA LYS B 60 -14.12 9.89 -15.12
C LYS B 60 -14.75 10.31 -16.39
N SER B 61 -15.88 9.75 -16.75
CA SER B 61 -16.58 10.10 -17.96
C SER B 61 -17.00 11.52 -17.99
N GLN B 62 -17.37 12.07 -16.86
CA GLN B 62 -17.72 13.45 -16.76
C GLN B 62 -16.50 14.29 -17.05
N GLU B 63 -15.31 13.90 -16.61
CA GLU B 63 -14.10 14.59 -16.93
C GLU B 63 -13.84 14.51 -18.41
N LEU B 64 -14.10 13.40 -19.05
CA LEU B 64 -13.94 13.29 -20.47
C LEU B 64 -14.87 14.19 -21.19
N HIS B 65 -16.09 14.33 -20.71
CA HIS B 65 -17.00 15.24 -21.32
C HIS B 65 -16.51 16.65 -21.20
N GLU B 66 -15.93 17.04 -20.09
CA GLU B 66 -15.44 18.38 -19.96
C GLU B 66 -14.36 18.68 -20.92
N LEU B 67 -13.47 17.76 -21.14
CA LEU B 67 -12.43 17.98 -22.09
C LEU B 67 -13.02 18.19 -23.44
N TYR B 68 -13.92 17.35 -23.88
CA TYR B 68 -14.54 17.50 -25.20
C TYR B 68 -15.26 18.83 -25.32
N GLU B 69 -15.92 19.28 -24.25
CA GLU B 69 -16.60 20.57 -24.29
C GLU B 69 -15.60 21.72 -24.38
N GLY B 70 -14.45 21.59 -23.72
CA GLY B 70 -13.40 22.57 -23.90
C GLY B 70 -13.01 22.70 -25.36
N LEU B 71 -12.89 21.57 -26.05
CA LEU B 71 -12.59 21.62 -27.48
C LEU B 71 -13.73 22.22 -28.29
N LYS B 72 -14.98 21.86 -27.94
CA LYS B 72 -16.14 22.29 -28.70
C LYS B 72 -16.33 23.80 -28.61
N VAL B 73 -16.21 24.34 -27.39
CA VAL B 73 -16.43 25.77 -27.18
C VAL B 73 -15.49 26.60 -28.04
N ASN B 74 -14.27 26.11 -28.27
CA ASN B 74 -13.30 26.82 -29.10
C ASN B 74 -13.45 26.46 -30.58
N ASP B 75 -14.51 25.75 -30.94
CA ASP B 75 -14.80 25.38 -32.33
C ASP B 75 -13.64 24.60 -32.95
N VAL B 76 -13.01 23.75 -32.14
CA VAL B 76 -11.90 22.91 -32.59
C VAL B 76 -12.24 21.43 -32.52
N ASN B 77 -13.50 21.10 -32.23
CA ASN B 77 -13.92 19.71 -32.18
C ASN B 77 -14.18 19.17 -33.58
N LYS B 78 -13.23 19.38 -34.48
CA LYS B 78 -13.36 18.95 -35.88
C LYS B 78 -12.29 17.90 -36.16
N TYR B 79 -12.72 16.72 -36.60
CA TYR B 79 -11.83 15.58 -36.74
C TYR B 79 -12.16 14.80 -37.99
N ASP B 80 -11.15 14.13 -38.54
CA ASP B 80 -11.32 13.22 -39.66
C ASP B 80 -11.44 11.78 -39.22
N TYR B 81 -10.91 11.44 -38.05
CA TYR B 81 -10.96 10.09 -37.52
C TYR B 81 -11.24 10.14 -36.02
N VAL B 82 -11.67 9.00 -35.48
CA VAL B 82 -11.80 8.79 -34.05
C VAL B 82 -11.25 7.41 -33.74
N LEU B 83 -10.42 7.30 -32.70
CA LEU B 83 -9.74 6.06 -32.35
C LEU B 83 -9.94 5.77 -30.88
N THR B 84 -10.42 4.56 -30.58
CA THR B 84 -10.64 4.16 -29.20
C THR B 84 -10.17 2.72 -29.01
N GLY B 85 -10.00 2.34 -27.75
CA GLY B 85 -9.59 1.00 -27.40
C GLY B 85 -10.09 0.55 -26.05
N TYR B 86 -9.15 0.20 -25.18
CA TYR B 86 -9.48 -0.43 -23.91
C TYR B 86 -10.23 0.53 -22.99
N THR B 87 -11.39 0.09 -22.50
CA THR B 87 -12.18 0.82 -21.52
C THR B 87 -12.87 -0.20 -20.62
N ARG B 88 -12.93 0.08 -19.31
CA ARG B 88 -13.63 -0.78 -18.38
C ARG B 88 -14.89 -0.11 -17.83
N ASP B 89 -15.15 1.15 -18.20
CA ASP B 89 -16.22 1.96 -17.63
C ASP B 89 -17.32 2.12 -18.68
N LYS B 90 -18.50 1.59 -18.43
CA LYS B 90 -19.55 1.62 -19.40
C LYS B 90 -20.00 2.98 -19.70
N SER B 91 -19.98 3.85 -18.73
CA SER B 91 -20.38 5.20 -18.94
C SER B 91 -19.44 5.95 -19.83
N PHE B 92 -18.18 5.63 -19.76
CA PHE B 92 -17.20 6.24 -20.57
C PHE B 92 -17.41 5.80 -21.99
N LEU B 93 -17.73 4.57 -22.21
CA LEU B 93 -18.04 4.11 -23.56
C LEU B 93 -19.26 4.84 -24.10
N ALA B 94 -20.28 5.05 -23.26
CA ALA B 94 -21.46 5.77 -23.72
C ALA B 94 -21.12 7.21 -24.10
N MET B 95 -20.25 7.84 -23.32
CA MET B 95 -19.77 9.19 -23.65
C MET B 95 -19.07 9.19 -25.00
N VAL B 96 -18.20 8.21 -25.22
CA VAL B 96 -17.51 8.11 -26.51
C VAL B 96 -18.51 8.00 -27.64
N VAL B 97 -19.54 7.17 -27.46
CA VAL B 97 -20.52 6.99 -28.53
C VAL B 97 -21.25 8.29 -28.80
N ASP B 98 -21.63 9.01 -27.74
CA ASP B 98 -22.27 10.31 -27.94
C ASP B 98 -21.37 11.25 -28.75
N ILE B 99 -20.09 11.30 -28.38
CA ILE B 99 -19.16 12.19 -29.07
C ILE B 99 -19.04 11.79 -30.53
N VAL B 100 -18.95 10.49 -30.81
CA VAL B 100 -18.81 10.05 -32.19
C VAL B 100 -20.05 10.42 -32.99
N ARG B 101 -21.24 10.21 -32.42
CA ARG B 101 -22.47 10.56 -33.12
C ARG B 101 -22.49 12.05 -33.45
N GLU B 102 -22.11 12.90 -32.49
CA GLU B 102 -22.12 14.33 -32.71
C GLU B 102 -21.13 14.73 -33.81
N LEU B 103 -19.92 14.19 -33.74
CA LEU B 103 -18.92 14.49 -34.75
C LEU B 103 -19.36 14.02 -36.13
N LYS B 104 -20.11 12.91 -36.18
CA LYS B 104 -20.58 12.41 -37.48
C LYS B 104 -21.70 13.26 -38.03
N GLN B 105 -22.57 13.80 -37.16
CA GLN B 105 -23.48 14.85 -37.63
C GLN B 105 -22.69 16.01 -38.22
N GLN B 106 -21.61 16.40 -37.55
CA GLN B 106 -20.81 17.54 -37.99
C GLN B 106 -20.02 17.21 -39.26
N ASN B 107 -19.70 15.94 -39.49
CA ASN B 107 -18.90 15.54 -40.64
C ASN B 107 -19.29 14.12 -41.05
N SER B 108 -19.93 13.98 -42.20
CA SER B 108 -20.39 12.68 -42.66
C SER B 108 -19.27 11.78 -43.13
N ARG B 109 -18.08 12.34 -43.43
CA ARG B 109 -16.94 11.56 -43.89
C ARG B 109 -16.11 11.00 -42.75
N LEU B 110 -16.45 11.31 -41.50
CA LEU B 110 -15.61 10.89 -40.38
C LEU B 110 -15.56 9.38 -40.26
N VAL B 111 -14.39 8.87 -39.91
CA VAL B 111 -14.17 7.43 -39.79
C VAL B 111 -13.85 7.13 -38.33
N TYR B 112 -14.64 6.23 -37.73
CA TYR B 112 -14.46 5.79 -36.36
C TYR B 112 -13.78 4.43 -36.37
N VAL B 113 -12.52 4.38 -35.96
CA VAL B 113 -11.79 3.12 -35.81
C VAL B 113 -11.92 2.67 -34.37
N CYS B 114 -12.40 1.45 -34.14
CA CYS B 114 -12.65 0.93 -32.84
C CYS B 114 -12.04 -0.42 -32.56
N ASP B 115 -11.27 -0.58 -31.53
CA ASP B 115 -10.78 -1.86 -31.17
C ASP B 115 -11.70 -2.20 -30.05
N PRO B 116 -12.54 -3.21 -30.22
CA PRO B 116 -13.48 -3.50 -29.18
C PRO B 116 -12.91 -4.42 -28.18
N VAL B 117 -12.20 -3.92 -27.21
CA VAL B 117 -11.49 -4.79 -26.34
C VAL B 117 -12.28 -5.38 -25.23
N MET B 118 -12.44 -6.69 -25.23
CA MET B 118 -13.10 -7.42 -24.17
C MET B 118 -12.37 -8.61 -23.60
N GLY B 119 -11.80 -9.46 -24.42
CA GLY B 119 -11.14 -10.63 -23.95
C GLY B 119 -10.29 -11.25 -25.00
N ASP B 120 -9.73 -12.39 -24.69
CA ASP B 120 -8.93 -13.14 -25.62
C ASP B 120 -8.97 -14.60 -25.25
N LYS B 121 -8.59 -15.46 -26.17
CA LYS B 121 -8.49 -16.85 -25.93
C LYS B 121 -7.19 -17.32 -25.32
N TRP B 122 -7.20 -17.68 -24.04
CA TRP B 122 -6.04 -18.29 -23.41
C TRP B 122 -6.12 -19.80 -23.61
N ASN B 123 -5.04 -20.39 -24.13
CA ASN B 123 -5.03 -21.80 -24.55
C ASN B 123 -6.20 -21.99 -25.51
N GLY B 124 -7.11 -22.94 -25.29
CA GLY B 124 -8.32 -23.05 -26.07
C GLY B 124 -9.51 -22.36 -25.42
N GLU B 125 -9.43 -22.06 -24.12
CA GLU B 125 -10.53 -21.43 -23.42
C GLU B 125 -10.59 -19.94 -23.75
N GLY B 126 -11.79 -19.39 -23.73
CA GLY B 126 -12.01 -17.97 -23.98
C GLY B 126 -12.38 -17.27 -22.68
N SER B 127 -11.73 -16.14 -22.42
CA SER B 127 -11.88 -15.44 -21.16
C SER B 127 -11.96 -13.94 -21.37
N MET B 128 -12.84 -13.28 -20.61
CA MET B 128 -13.09 -11.89 -20.71
C MET B 128 -12.35 -11.17 -19.63
N TYR B 129 -11.67 -10.09 -19.96
CA TYR B 129 -11.01 -9.32 -18.95
C TYR B 129 -11.65 -7.98 -18.78
N VAL B 130 -12.88 -7.85 -19.23
CA VAL B 130 -13.61 -6.63 -19.15
C VAL B 130 -14.96 -6.93 -18.49
N PRO B 131 -15.57 -5.92 -17.80
CA PRO B 131 -16.89 -6.22 -17.21
C PRO B 131 -17.89 -6.68 -18.26
N GLN B 132 -18.75 -7.63 -17.85
CA GLN B 132 -19.68 -8.24 -18.79
C GLN B 132 -20.73 -7.26 -19.29
N ASP B 133 -21.15 -6.31 -18.45
CA ASP B 133 -22.17 -5.36 -18.85
C ASP B 133 -21.73 -4.49 -20.02
N LEU B 134 -20.47 -4.58 -20.46
CA LEU B 134 -20.02 -3.85 -21.64
C LEU B 134 -20.34 -4.58 -22.94
N LEU B 135 -20.48 -5.90 -22.90
CA LEU B 135 -20.77 -6.62 -24.15
C LEU B 135 -21.99 -6.05 -24.84
N PRO B 136 -23.15 -5.89 -24.16
CA PRO B 136 -24.28 -5.23 -24.83
C PRO B 136 -23.89 -3.89 -25.46
N VAL B 137 -23.23 -3.02 -24.69
CA VAL B 137 -22.88 -1.70 -25.18
C VAL B 137 -22.14 -1.80 -26.52
N TYR B 138 -20.97 -2.45 -26.50
CA TYR B 138 -20.20 -2.58 -27.72
C TYR B 138 -21.07 -3.08 -28.87
N ARG B 139 -21.97 -4.04 -28.58
CA ARG B 139 -22.76 -4.65 -29.63
C ARG B 139 -23.88 -3.74 -30.10
N ASP B 140 -24.48 -2.98 -29.18
CA ASP B 140 -25.72 -2.26 -29.48
C ASP B 140 -25.52 -0.78 -29.72
N LYS B 141 -24.41 -0.21 -29.28
CA LYS B 141 -24.18 1.21 -29.33
C LYS B 141 -22.86 1.62 -29.96
N VAL B 142 -21.79 0.87 -29.73
CA VAL B 142 -20.49 1.30 -30.24
C VAL B 142 -20.28 0.80 -31.67
N VAL B 143 -20.20 -0.51 -31.83
CA VAL B 143 -19.89 -1.11 -33.13
C VAL B 143 -20.85 -0.59 -34.19
N PRO B 144 -22.14 -0.45 -33.92
CA PRO B 144 -23.04 0.13 -34.93
C PRO B 144 -22.56 1.47 -35.47
N VAL B 145 -21.87 2.27 -34.66
CA VAL B 145 -21.39 3.58 -35.08
C VAL B 145 -19.95 3.56 -35.56
N ALA B 146 -19.32 2.39 -35.58
CA ALA B 146 -17.94 2.28 -36.05
C ALA B 146 -17.88 2.06 -37.55
N ASP B 147 -16.75 2.44 -38.14
CA ASP B 147 -16.46 2.25 -39.55
C ASP B 147 -15.34 1.25 -39.77
N ILE B 148 -14.43 1.10 -38.82
CA ILE B 148 -13.40 0.07 -38.84
C ILE B 148 -13.34 -0.55 -37.44
N ILE B 149 -13.36 -1.86 -37.34
CA ILE B 149 -13.26 -2.51 -36.08
C ILE B 149 -12.20 -3.56 -36.19
N THR B 150 -11.43 -3.79 -35.14
CA THR B 150 -10.39 -4.77 -35.19
C THR B 150 -10.47 -5.75 -34.05
N PRO B 151 -11.43 -6.63 -34.08
CA PRO B 151 -11.56 -7.58 -33.00
C PRO B 151 -10.77 -8.81 -33.18
N ASN B 152 -10.63 -9.60 -32.17
CA ASN B 152 -10.02 -10.87 -32.31
C ASN B 152 -11.11 -11.90 -32.44
N GLN B 153 -10.77 -13.16 -32.56
CA GLN B 153 -11.78 -14.16 -32.70
C GLN B 153 -12.72 -14.23 -31.55
N PHE B 154 -12.24 -14.14 -30.34
CA PHE B 154 -13.13 -14.21 -29.23
C PHE B 154 -14.08 -13.07 -29.22
N GLU B 155 -13.60 -11.88 -29.48
CA GLU B 155 -14.44 -10.73 -29.52
C GLU B 155 -15.40 -10.79 -30.66
N ALA B 156 -15.00 -11.32 -31.78
CA ALA B 156 -15.88 -11.44 -32.88
C ALA B 156 -16.99 -12.35 -32.51
N GLU B 157 -16.67 -13.43 -31.87
CA GLU B 157 -17.68 -14.38 -31.43
C GLU B 157 -18.64 -13.75 -30.42
N LEU B 158 -18.08 -13.02 -29.45
CA LEU B 158 -18.94 -12.37 -28.45
C LEU B 158 -19.92 -11.42 -29.14
N LEU B 159 -19.42 -10.58 -30.05
CA LEU B 159 -20.27 -9.60 -30.70
C LEU B 159 -21.34 -10.24 -31.57
N SER B 160 -20.99 -11.30 -32.30
CA SER B 160 -21.94 -11.94 -33.19
C SER B 160 -22.81 -12.99 -32.51
N GLY B 161 -22.45 -13.43 -31.32
CA GLY B 161 -23.18 -14.49 -30.66
C GLY B 161 -22.98 -15.87 -31.26
N ARG B 162 -22.05 -16.00 -32.20
CA ARG B 162 -21.77 -17.25 -32.88
C ARG B 162 -20.32 -17.62 -32.66
N LYS B 163 -20.06 -18.90 -32.38
CA LYS B 163 -18.70 -19.39 -32.26
C LYS B 163 -18.15 -19.69 -33.65
N ILE B 164 -16.85 -19.49 -33.81
CA ILE B 164 -16.16 -19.68 -35.09
C ILE B 164 -15.38 -20.98 -35.01
N HIS B 165 -15.65 -21.89 -35.94
CA HIS B 165 -14.94 -23.14 -36.04
C HIS B 165 -14.13 -23.30 -37.32
N SER B 166 -14.44 -22.50 -38.35
CA SER B 166 -13.75 -22.60 -39.63
C SER B 166 -13.65 -21.22 -40.24
N GLN B 167 -12.86 -21.12 -41.31
CA GLN B 167 -12.67 -19.84 -41.98
C GLN B 167 -13.97 -19.35 -42.61
N GLU B 168 -14.74 -20.25 -43.22
CA GLU B 168 -16.02 -19.85 -43.80
C GLU B 168 -16.98 -19.33 -42.72
N GLU B 169 -17.03 -19.99 -41.57
CA GLU B 169 -17.81 -19.46 -40.46
C GLU B 169 -17.27 -18.10 -40.02
N ALA B 170 -15.94 -17.93 -40.04
CA ALA B 170 -15.37 -16.66 -39.65
C ALA B 170 -15.82 -15.53 -40.58
N PHE B 171 -15.85 -15.80 -41.88
CA PHE B 171 -16.29 -14.76 -42.80
C PHE B 171 -17.80 -14.53 -42.75
N GLU B 172 -18.57 -15.56 -42.41
CA GLU B 172 -19.99 -15.33 -42.12
C GLU B 172 -20.15 -14.40 -40.92
N VAL B 173 -19.36 -14.62 -39.87
CA VAL B 173 -19.39 -13.73 -38.72
C VAL B 173 -18.98 -12.32 -39.11
N MET B 174 -17.96 -12.20 -39.96
CA MET B 174 -17.53 -10.87 -40.40
C MET B 174 -18.60 -10.18 -41.24
N ASP B 175 -19.37 -10.94 -42.01
CA ASP B 175 -20.50 -10.36 -42.73
C ASP B 175 -21.58 -9.89 -41.75
N MET B 176 -21.81 -10.66 -40.69
CA MET B 176 -22.72 -10.21 -39.64
C MET B 176 -22.23 -8.90 -39.02
N LEU B 177 -20.93 -8.80 -38.76
CA LEU B 177 -20.38 -7.58 -38.18
C LEU B 177 -20.51 -6.41 -39.15
N HIS B 178 -20.22 -6.64 -40.44
CA HIS B 178 -20.48 -5.62 -41.45
C HIS B 178 -21.92 -5.14 -41.36
N CYS B 179 -22.86 -6.08 -41.24
CA CYS B 179 -24.27 -5.70 -41.16
C CYS B 179 -24.55 -4.89 -39.91
N MET B 180 -23.78 -5.11 -38.84
CA MET B 180 -23.97 -4.33 -37.63
C MET B 180 -23.56 -2.88 -37.81
N GLY B 181 -22.63 -2.59 -38.73
CA GLY B 181 -22.21 -1.24 -38.97
C GLY B 181 -20.96 -1.06 -39.80
N PRO B 182 -19.82 -1.50 -39.27
CA PRO B 182 -18.54 -1.14 -39.90
C PRO B 182 -18.34 -1.79 -41.26
N ASP B 183 -17.91 -0.98 -42.23
CA ASP B 183 -17.62 -1.47 -43.57
C ASP B 183 -16.27 -2.17 -43.69
N THR B 184 -15.39 -2.02 -42.69
CA THR B 184 -14.10 -2.68 -42.68
C THR B 184 -13.99 -3.45 -41.37
N VAL B 185 -13.67 -4.74 -41.46
CA VAL B 185 -13.59 -5.63 -40.30
C VAL B 185 -12.33 -6.46 -40.43
N VAL B 186 -11.50 -6.43 -39.38
CA VAL B 186 -10.27 -7.22 -39.35
C VAL B 186 -10.29 -8.06 -38.08
N ILE B 187 -10.14 -9.37 -38.19
CA ILE B 187 -10.05 -10.22 -37.05
C ILE B 187 -8.59 -10.36 -36.83
N THR B 188 -8.04 -9.70 -35.85
CA THR B 188 -6.63 -9.71 -35.66
C THR B 188 -5.97 -11.01 -35.34
N SER B 189 -6.57 -11.82 -34.51
CA SER B 189 -5.99 -13.09 -34.23
C SER B 189 -7.05 -14.12 -34.21
N SER B 190 -6.69 -15.36 -34.47
CA SER B 190 -7.63 -16.41 -34.43
C SER B 190 -6.96 -17.71 -34.20
N ASP B 191 -7.72 -18.67 -33.75
CA ASP B 191 -7.18 -20.00 -33.55
C ASP B 191 -7.34 -20.95 -34.74
N LEU B 192 -7.61 -20.41 -35.90
CA LEU B 192 -7.73 -21.13 -37.14
C LEU B 192 -6.37 -21.70 -37.57
N PRO B 193 -6.36 -22.86 -38.18
CA PRO B 193 -5.08 -23.42 -38.48
C PRO B 193 -4.47 -22.74 -39.63
N SER B 194 -3.16 -22.78 -39.71
CA SER B 194 -2.46 -22.17 -40.77
C SER B 194 -1.86 -23.25 -41.61
N SER B 195 -1.56 -22.92 -42.85
CA SER B 195 -0.99 -23.87 -43.77
C SER B 195 0.48 -24.10 -43.65
N GLN B 196 1.14 -23.28 -42.86
CA GLN B 196 2.58 -23.39 -42.63
C GLN B 196 2.94 -24.10 -41.33
N GLY B 197 1.99 -24.25 -40.41
CA GLY B 197 2.33 -24.88 -39.16
C GLY B 197 1.69 -24.21 -37.96
N SER B 198 2.10 -24.57 -36.76
CA SER B 198 1.54 -23.98 -35.59
C SER B 198 2.28 -22.78 -35.14
N ASP B 199 3.34 -22.40 -35.84
CA ASP B 199 4.08 -21.26 -35.47
C ASP B 199 3.63 -20.03 -36.21
N TYR B 200 2.57 -20.15 -37.00
CA TYR B 200 2.01 -19.04 -37.66
C TYR B 200 0.59 -18.82 -37.18
N LEU B 201 0.15 -17.59 -37.17
CA LEU B 201 -1.17 -17.18 -36.70
C LEU B 201 -1.94 -16.70 -37.89
N ILE B 202 -3.23 -16.83 -37.89
CA ILE B 202 -4.03 -16.43 -39.01
C ILE B 202 -4.90 -15.25 -38.73
N ALA B 203 -4.91 -14.26 -39.59
CA ALA B 203 -5.75 -13.12 -39.41
C ALA B 203 -6.51 -12.93 -40.68
N LEU B 204 -7.74 -12.52 -40.60
CA LEU B 204 -8.53 -12.31 -41.78
C LEU B 204 -8.99 -10.91 -41.83
N GLY B 205 -9.44 -10.36 -43.00
CA GLY B 205 -9.93 -9.01 -43.28
C GLY B 205 -11.04 -9.04 -44.30
N SER B 206 -11.99 -8.11 -44.14
CA SER B 206 -13.13 -8.00 -45.03
C SER B 206 -13.53 -6.53 -45.15
N GLN B 207 -13.60 -6.01 -46.38
CA GLN B 207 -14.04 -4.64 -46.60
C GLN B 207 -15.14 -4.62 -47.65
N ARG B 208 -16.31 -4.11 -47.28
CA ARG B 208 -17.45 -3.94 -48.19
C ARG B 208 -17.39 -2.54 -48.78
N MET B 209 -17.45 -2.45 -50.10
CA MET B 209 -17.25 -1.23 -50.88
C MET B 209 -18.41 -1.02 -51.85
N ARG B 210 -18.65 0.26 -52.16
CA ARG B 210 -19.80 0.66 -52.96
C ARG B 210 -19.54 0.57 -54.46
N LYS B 211 -20.62 0.19 -55.22
CA LYS B 211 -20.60 0.06 -56.66
C LYS B 211 -21.24 1.24 -57.36
N PRO B 212 -20.94 1.45 -58.65
CA PRO B 212 -21.65 2.51 -59.40
C PRO B 212 -23.14 2.26 -59.51
N ASP B 213 -23.56 1.00 -59.63
CA ASP B 213 -24.97 0.66 -59.74
C ASP B 213 -25.72 0.73 -58.41
N GLY B 214 -25.04 1.09 -57.32
CA GLY B 214 -25.66 1.10 -56.03
C GLY B 214 -25.40 -0.17 -55.23
N SER B 215 -24.84 -1.19 -55.87
CA SER B 215 -24.54 -2.45 -55.21
C SER B 215 -23.24 -2.34 -54.42
N THR B 216 -22.90 -3.43 -53.72
CA THR B 216 -21.76 -3.46 -52.82
C THR B 216 -21.01 -4.78 -52.95
N VAL B 217 -19.68 -4.69 -52.95
CA VAL B 217 -18.81 -5.85 -53.12
C VAL B 217 -17.97 -5.98 -51.86
N THR B 218 -17.85 -7.20 -51.34
CA THR B 218 -17.01 -7.44 -50.16
C THR B 218 -15.71 -8.07 -50.64
N GLN B 219 -14.59 -7.40 -50.36
CA GLN B 219 -13.27 -7.93 -50.63
C GLN B 219 -12.76 -8.61 -49.36
N ARG B 220 -12.34 -9.87 -49.49
CA ARG B 220 -11.87 -10.67 -48.36
C ARG B 220 -10.41 -11.03 -48.56
N ILE B 221 -9.65 -11.01 -47.46
CA ILE B 221 -8.22 -11.32 -47.49
C ILE B 221 -7.85 -12.11 -46.24
N ARG B 222 -6.78 -12.86 -46.35
CA ARG B 222 -6.33 -13.71 -45.29
C ARG B 222 -4.85 -13.54 -45.11
N MET B 223 -4.35 -13.56 -43.89
CA MET B 223 -2.93 -13.41 -43.69
C MET B 223 -2.38 -14.38 -42.71
N GLU B 224 -1.17 -14.87 -42.92
CA GLU B 224 -0.51 -15.78 -42.00
C GLU B 224 0.71 -15.08 -41.49
N MET B 225 0.89 -15.01 -40.18
CA MET B 225 1.99 -14.28 -39.58
C MET B 225 2.79 -15.08 -38.62
N ARG B 226 4.09 -14.92 -38.53
CA ARG B 226 4.87 -15.66 -37.57
C ARG B 226 4.48 -15.29 -36.18
N LYS B 227 4.50 -16.23 -35.26
CA LYS B 227 4.17 -15.93 -33.90
C LYS B 227 5.40 -15.67 -33.13
N VAL B 228 5.45 -14.63 -32.34
CA VAL B 228 6.60 -14.34 -31.55
C VAL B 228 6.28 -14.92 -30.20
N GLU B 229 7.20 -15.63 -29.59
CA GLU B 229 6.91 -16.29 -28.34
C GLU B 229 7.03 -15.49 -27.08
N ALA B 230 6.12 -14.56 -26.93
CA ALA B 230 6.06 -13.71 -25.80
C ALA B 230 4.69 -13.11 -25.71
N VAL B 231 4.36 -12.55 -24.58
CA VAL B 231 3.08 -11.94 -24.45
C VAL B 231 3.38 -10.51 -24.45
N PHE B 232 2.81 -9.74 -25.35
CA PHE B 232 3.07 -8.35 -25.44
C PHE B 232 1.83 -7.59 -25.09
N VAL B 233 1.96 -6.39 -24.61
CA VAL B 233 0.82 -5.62 -24.27
C VAL B 233 0.89 -4.36 -25.07
N GLY B 234 -0.23 -3.88 -25.56
CA GLY B 234 -0.29 -2.70 -26.36
C GLY B 234 -0.25 -2.95 -27.82
N THR B 235 -0.17 -4.17 -28.22
CA THR B 235 -0.10 -4.54 -29.59
C THR B 235 -1.35 -4.23 -30.36
N GLY B 236 -2.50 -4.40 -29.76
CA GLY B 236 -3.73 -4.11 -30.42
C GLY B 236 -3.92 -2.68 -30.69
N ASP B 237 -3.53 -1.88 -29.74
CA ASP B 237 -3.62 -0.47 -29.84
C ASP B 237 -2.74 0.05 -30.92
N LEU B 238 -1.56 -0.49 -31.03
CA LEU B 238 -0.67 -0.14 -32.08
C LEU B 238 -1.21 -0.61 -33.37
N PHE B 239 -1.78 -1.78 -33.42
CA PHE B 239 -2.30 -2.32 -34.65
C PHE B 239 -3.41 -1.50 -35.20
N ALA B 240 -4.27 -0.98 -34.37
CA ALA B 240 -5.36 -0.18 -34.83
C ALA B 240 -4.93 1.17 -35.29
N ALA B 241 -3.93 1.75 -34.69
CA ALA B 241 -3.40 3.02 -35.18
C ALA B 241 -2.80 2.88 -36.58
N MET B 242 -1.93 1.89 -36.76
CA MET B 242 -1.28 1.72 -38.06
C MET B 242 -2.27 1.31 -39.14
N LEU B 243 -3.29 0.52 -38.77
CA LEU B 243 -4.32 0.18 -39.74
C LEU B 243 -5.10 1.41 -40.16
N LEU B 244 -5.40 2.30 -39.21
CA LEU B 244 -6.02 3.58 -39.57
C LEU B 244 -5.19 4.30 -40.61
N ALA B 245 -3.90 4.47 -40.34
CA ALA B 245 -3.05 5.23 -41.26
C ALA B 245 -3.03 4.59 -42.65
N TRP B 246 -2.79 3.29 -42.71
CA TRP B 246 -2.60 2.64 -44.00
C TRP B 246 -3.92 2.47 -44.76
N THR B 247 -5.05 2.37 -44.06
CA THR B 247 -6.32 2.39 -44.77
C THR B 247 -6.62 3.79 -45.30
N HIS B 248 -6.19 4.82 -44.58
CA HIS B 248 -6.33 6.17 -45.11
C HIS B 248 -5.57 6.33 -46.41
N LYS B 249 -4.33 5.84 -46.46
CA LYS B 249 -3.59 5.96 -47.71
C LYS B 249 -4.12 5.01 -48.78
N HIS B 250 -4.68 3.87 -48.37
CA HIS B 250 -5.15 2.83 -49.29
C HIS B 250 -6.62 2.54 -49.00
N PRO B 251 -7.51 3.51 -49.28
CA PRO B 251 -8.92 3.34 -48.88
C PRO B 251 -9.64 2.22 -49.62
N ASP B 252 -9.18 1.83 -50.80
CA ASP B 252 -9.83 0.81 -51.59
C ASP B 252 -9.05 -0.48 -51.69
N ASN B 253 -7.99 -0.64 -50.89
CA ASN B 253 -7.10 -1.80 -50.97
C ASN B 253 -6.77 -2.29 -49.55
N LEU B 254 -7.71 -3.02 -48.96
CA LEU B 254 -7.48 -3.58 -47.65
C LEU B 254 -6.28 -4.52 -47.65
N LYS B 255 -6.01 -5.17 -48.79
CA LYS B 255 -4.84 -6.04 -48.93
C LYS B 255 -3.56 -5.29 -48.57
N VAL B 256 -3.31 -4.17 -49.26
CA VAL B 256 -2.06 -3.45 -49.08
C VAL B 256 -2.00 -2.85 -47.67
N ALA B 257 -3.11 -2.29 -47.20
CA ALA B 257 -3.14 -1.69 -45.86
C ALA B 257 -2.79 -2.71 -44.80
N CYS B 258 -3.41 -3.89 -44.87
CA CYS B 258 -3.13 -4.92 -43.87
C CYS B 258 -1.72 -5.47 -44.01
N GLU B 259 -1.22 -5.58 -45.25
CA GLU B 259 0.15 -6.03 -45.45
C GLU B 259 1.12 -5.10 -44.74
N LYS B 260 0.96 -3.78 -44.96
CA LYS B 260 1.85 -2.81 -44.33
C LYS B 260 1.69 -2.84 -42.82
N THR B 261 0.50 -2.89 -42.33
CA THR B 261 0.29 -2.89 -40.92
C THR B 261 0.92 -4.05 -40.23
N VAL B 262 0.66 -5.22 -40.71
CA VAL B 262 1.18 -6.41 -40.12
C VAL B 262 2.65 -6.51 -40.24
N SER B 263 3.24 -6.05 -41.32
CA SER B 263 4.65 -6.08 -41.43
C SER B 263 5.26 -5.21 -40.43
N ALA B 264 4.73 -4.04 -40.22
CA ALA B 264 5.24 -3.15 -39.22
C ALA B 264 5.12 -3.75 -37.85
N MET B 265 4.05 -4.44 -37.53
CA MET B 265 3.92 -5.11 -36.27
C MET B 265 4.95 -6.16 -36.11
N GLN B 266 5.20 -6.91 -37.15
CA GLN B 266 6.16 -7.96 -37.09
C GLN B 266 7.51 -7.39 -36.87
N HIS B 267 7.86 -6.32 -37.52
CA HIS B 267 9.15 -5.72 -37.30
C HIS B 267 9.29 -5.24 -35.90
N VAL B 268 8.29 -4.62 -35.36
CA VAL B 268 8.37 -4.13 -34.03
C VAL B 268 8.52 -5.21 -33.01
N LEU B 269 7.79 -6.28 -33.18
CA LEU B 269 7.85 -7.39 -32.28
C LEU B 269 9.12 -8.17 -32.38
N GLN B 270 9.66 -8.33 -33.56
CA GLN B 270 10.88 -9.04 -33.70
C GLN B 270 11.99 -8.27 -33.04
N ARG B 271 12.05 -6.99 -33.22
CA ARG B 271 13.06 -6.19 -32.52
C ARG B 271 12.84 -6.24 -31.02
N THR B 272 11.59 -6.18 -30.58
CA THR B 272 11.30 -6.17 -29.16
C THR B 272 11.71 -7.46 -28.48
N ILE B 273 11.40 -8.61 -29.09
CA ILE B 273 11.76 -9.88 -28.48
C ILE B 273 13.28 -10.05 -28.46
N ARG B 274 13.96 -9.63 -29.52
CA ARG B 274 15.42 -9.67 -29.53
C ARG B 274 16.01 -8.85 -28.38
N CYS B 275 15.61 -7.58 -28.27
CA CYS B 275 16.16 -6.74 -27.21
C CYS B 275 15.75 -7.24 -25.83
N ALA B 276 14.57 -7.87 -25.72
CA ALA B 276 14.11 -8.37 -24.43
C ALA B 276 14.95 -9.56 -23.98
N LYS B 277 15.20 -10.50 -24.90
CA LYS B 277 16.07 -11.63 -24.56
C LYS B 277 17.49 -11.17 -24.32
N ALA B 278 17.92 -10.07 -24.96
CA ALA B 278 19.23 -9.52 -24.63
C ALA B 278 19.26 -9.02 -23.19
N GLU B 279 18.26 -8.23 -22.79
CA GLU B 279 18.24 -7.71 -21.42
C GLU B 279 18.17 -8.84 -20.41
N ALA B 280 17.26 -9.79 -20.61
CA ALA B 280 17.20 -10.95 -19.73
C ALA B 280 18.40 -11.86 -19.99
N GLY B 281 18.69 -12.72 -19.03
CA GLY B 281 19.74 -13.70 -19.20
C GLY B 281 19.48 -14.61 -20.39
N GLU B 282 20.56 -15.20 -20.90
CA GLU B 282 20.43 -16.15 -21.99
C GLU B 282 19.57 -17.34 -21.55
N GLY B 283 18.55 -17.65 -22.35
CA GLY B 283 17.62 -18.70 -21.97
C GLY B 283 16.77 -18.37 -20.76
N GLN B 284 16.46 -17.10 -20.55
CA GLN B 284 15.68 -16.65 -19.41
C GLN B 284 14.38 -16.00 -19.89
N LYS B 285 13.32 -16.22 -19.14
CA LYS B 285 12.01 -15.64 -19.47
C LYS B 285 12.06 -14.13 -19.29
N PRO B 286 11.81 -13.35 -20.34
CA PRO B 286 11.77 -11.88 -20.16
C PRO B 286 10.54 -11.45 -19.36
N SER B 287 10.70 -10.39 -18.59
CA SER B 287 9.64 -9.85 -17.78
C SER B 287 8.79 -8.89 -18.60
N PRO B 288 7.56 -8.59 -18.15
CA PRO B 288 6.78 -7.55 -18.85
C PRO B 288 7.56 -6.27 -19.09
N ALA B 289 8.40 -5.85 -18.13
CA ALA B 289 9.16 -4.63 -18.30
C ALA B 289 10.17 -4.76 -19.44
N GLN B 290 10.79 -5.93 -19.56
CA GLN B 290 11.76 -6.15 -20.64
C GLN B 290 11.08 -6.44 -21.97
N LEU B 291 9.76 -6.63 -21.98
CA LEU B 291 9.03 -6.88 -23.21
C LEU B 291 8.26 -5.66 -23.72
N GLU B 292 8.45 -4.50 -23.08
CA GLU B 292 7.86 -3.27 -23.60
C GLU B 292 8.28 -3.05 -25.05
N LEU B 293 7.33 -2.65 -25.88
CA LEU B 293 7.59 -2.49 -27.30
C LEU B 293 8.73 -1.50 -27.51
N ARG B 294 9.66 -1.86 -28.40
CA ARG B 294 10.76 -0.97 -28.78
C ARG B 294 10.22 -0.02 -29.86
N MET B 295 9.36 0.91 -29.40
CA MET B 295 8.65 1.80 -30.30
C MET B 295 9.60 2.77 -30.98
N VAL B 296 10.36 3.53 -30.17
CA VAL B 296 11.28 4.52 -30.73
C VAL B 296 12.23 3.84 -31.71
N GLN B 297 12.87 2.76 -31.27
CA GLN B 297 13.86 2.07 -32.09
C GLN B 297 13.27 1.48 -33.37
N SER B 298 11.94 1.51 -33.52
CA SER B 298 11.29 0.98 -34.71
C SER B 298 10.69 2.07 -35.60
N LYS B 299 10.99 3.34 -35.30
CA LYS B 299 10.43 4.45 -36.07
C LYS B 299 10.44 4.18 -37.58
N ARG B 300 11.63 3.94 -38.14
CA ARG B 300 11.73 3.75 -39.59
C ARG B 300 10.84 2.60 -40.06
N ASP B 301 10.84 1.48 -39.33
CA ASP B 301 9.99 0.36 -39.71
C ASP B 301 8.53 0.78 -39.77
N ILE B 302 8.11 1.67 -38.87
CA ILE B 302 6.73 2.14 -38.87
C ILE B 302 6.50 3.09 -40.03
N GLU B 303 7.50 3.89 -40.40
CA GLU B 303 7.32 4.87 -41.46
C GLU B 303 7.11 4.20 -42.80
N ASP B 304 7.96 3.23 -43.15
CA ASP B 304 7.92 2.58 -44.45
C ASP B 304 8.35 1.13 -44.26
N PRO B 305 7.42 0.28 -43.83
CA PRO B 305 7.80 -1.09 -43.47
C PRO B 305 8.19 -1.93 -44.67
N GLU B 306 9.25 -2.71 -44.50
CA GLU B 306 9.59 -3.75 -45.46
C GLU B 306 8.51 -4.82 -45.43
N ILE B 307 7.89 -5.10 -46.58
CA ILE B 307 6.82 -6.08 -46.63
C ILE B 307 7.42 -7.46 -46.34
N VAL B 308 6.91 -8.10 -45.28
CA VAL B 308 7.33 -9.44 -44.90
C VAL B 308 6.19 -10.43 -44.82
N VAL B 309 4.95 -9.98 -45.02
CA VAL B 309 3.79 -10.85 -45.12
C VAL B 309 3.02 -10.44 -46.36
N GLN B 310 2.42 -11.43 -47.01
CA GLN B 310 1.59 -11.25 -48.19
C GLN B 310 0.20 -11.79 -47.90
N ALA B 311 -0.82 -10.97 -48.18
CA ALA B 311 -2.21 -11.37 -47.98
C ALA B 311 -2.79 -12.02 -49.23
N THR B 312 -3.51 -13.11 -49.04
CA THR B 312 -4.17 -13.80 -50.14
C THR B 312 -5.59 -13.26 -50.31
N VAL B 313 -5.92 -12.82 -51.52
CA VAL B 313 -7.26 -12.32 -51.80
C VAL B 313 -8.17 -13.50 -52.08
N LEU B 314 -9.24 -13.64 -51.28
CA LEU B 314 -10.21 -14.71 -51.48
C LEU B 314 -11.32 -14.27 -52.43
N GLU C 6 -17.86 -0.37 31.67
CA GLU C 6 -17.68 -1.73 32.18
C GLU C 6 -18.29 -2.74 31.20
N CYS C 7 -17.56 -3.01 30.13
CA CYS C 7 -18.02 -3.86 29.04
C CYS C 7 -17.18 -5.12 29.00
N ARG C 8 -17.82 -6.27 29.22
CA ARG C 8 -17.11 -7.54 29.33
C ARG C 8 -17.31 -8.35 28.05
N VAL C 9 -16.22 -8.90 27.53
CA VAL C 9 -16.19 -9.62 26.27
C VAL C 9 -15.75 -11.04 26.55
N LEU C 10 -16.55 -12.02 26.12
CA LEU C 10 -16.16 -13.42 26.19
C LEU C 10 -15.52 -13.80 24.86
N SER C 11 -14.21 -13.96 24.85
CA SER C 11 -13.47 -14.22 23.62
C SER C 11 -12.93 -15.64 23.63
N ILE C 12 -13.46 -16.46 22.72
CA ILE C 12 -13.12 -17.87 22.63
C ILE C 12 -12.29 -18.04 21.36
N GLN C 13 -10.97 -18.09 21.52
CA GLN C 13 -10.10 -18.12 20.35
C GLN C 13 -8.81 -18.86 20.70
N SER C 14 -7.94 -19.00 19.69
CA SER C 14 -6.68 -19.71 19.87
C SER C 14 -5.71 -18.87 20.71
N HIS C 15 -4.71 -19.56 21.26
CA HIS C 15 -3.62 -18.93 21.99
C HIS C 15 -2.31 -19.49 21.47
N VAL C 16 -1.37 -18.62 21.15
CA VAL C 16 -0.04 -19.00 20.70
C VAL C 16 0.97 -18.50 21.73
N VAL C 17 1.95 -19.34 22.04
CA VAL C 17 3.01 -18.90 22.94
C VAL C 17 3.73 -17.69 22.37
N ARG C 18 4.15 -17.78 21.12
CA ARG C 18 4.77 -16.66 20.42
C ARG C 18 3.83 -16.16 19.33
N GLY C 19 3.77 -14.84 19.18
CA GLY C 19 3.03 -14.25 18.08
C GLY C 19 1.70 -13.68 18.54
N TYR C 20 0.94 -13.23 17.54
CA TYR C 20 -0.35 -12.57 17.77
C TYR C 20 -1.36 -13.10 16.76
N VAL C 21 -2.09 -14.15 17.19
CA VAL C 21 -3.26 -14.66 16.50
C VAL C 21 -4.29 -14.99 17.56
N GLY C 22 -5.54 -15.14 17.13
CA GLY C 22 -6.60 -15.48 18.06
C GLY C 22 -6.64 -14.52 19.24
N ASN C 23 -6.70 -15.08 20.45
CA ASN C 23 -6.85 -14.23 21.64
C ASN C 23 -5.64 -13.33 21.83
N ARG C 24 -4.43 -13.81 21.50
CA ARG C 24 -3.26 -12.96 21.60
C ARG C 24 -3.43 -11.71 20.75
N ALA C 25 -4.13 -11.83 19.61
CA ALA C 25 -4.39 -10.70 18.74
C ALA C 25 -5.63 -9.91 19.12
N ALA C 26 -6.46 -10.43 20.01
CA ALA C 26 -7.72 -9.77 20.34
C ALA C 26 -7.77 -9.19 21.75
N MET C 27 -7.26 -9.90 22.74
CA MET C 27 -7.39 -9.44 24.12
C MET C 27 -6.62 -8.15 24.35
N PHE C 28 -5.33 -8.13 24.00
CA PHE C 28 -4.53 -6.95 24.30
C PHE C 28 -5.15 -5.66 23.76
N PRO C 29 -5.53 -5.57 22.48
CA PRO C 29 -6.19 -4.33 22.03
C PRO C 29 -7.49 -4.05 22.75
N LEU C 30 -8.35 -5.07 22.93
CA LEU C 30 -9.62 -4.87 23.62
C LEU C 30 -9.38 -4.39 25.04
N GLN C 31 -8.36 -4.90 25.71
CA GLN C 31 -8.03 -4.41 27.04
C GLN C 31 -7.51 -2.98 26.98
N VAL C 32 -6.68 -2.68 25.98
CA VAL C 32 -6.14 -1.33 25.84
C VAL C 32 -7.23 -0.34 25.46
N LEU C 33 -8.33 -0.79 24.89
CA LEU C 33 -9.44 0.07 24.54
C LEU C 33 -10.51 0.14 25.63
N GLY C 34 -10.26 -0.49 26.77
CA GLY C 34 -11.12 -0.33 27.93
C GLY C 34 -12.13 -1.42 28.17
N PHE C 35 -11.94 -2.60 27.59
CA PHE C 35 -12.89 -3.70 27.71
C PHE C 35 -12.30 -4.78 28.60
N GLU C 36 -13.07 -5.22 29.60
CA GLU C 36 -12.77 -6.44 30.30
C GLU C 36 -12.90 -7.59 29.32
N VAL C 37 -11.93 -8.50 29.32
CA VAL C 37 -11.93 -9.63 28.38
C VAL C 37 -11.73 -10.91 29.18
N ASP C 38 -12.74 -11.78 29.16
CA ASP C 38 -12.61 -13.15 29.64
C ASP C 38 -12.28 -14.04 28.45
N ALA C 39 -11.12 -14.68 28.48
CA ALA C 39 -10.58 -15.37 27.33
C ALA C 39 -10.56 -16.88 27.54
N VAL C 40 -11.20 -17.61 26.64
CA VAL C 40 -11.12 -19.07 26.57
C VAL C 40 -10.21 -19.39 25.41
N ASN C 41 -9.04 -19.94 25.71
CA ASN C 41 -8.04 -20.29 24.71
C ASN C 41 -8.40 -21.63 24.09
N SER C 42 -8.89 -21.60 22.85
CA SER C 42 -9.36 -22.82 22.20
C SER C 42 -8.22 -23.76 21.84
N VAL C 43 -6.99 -23.25 21.74
CA VAL C 43 -5.81 -24.09 21.52
C VAL C 43 -4.64 -23.42 22.23
N GLN C 44 -3.59 -24.20 22.48
CA GLN C 44 -2.30 -23.66 22.91
C GLN C 44 -1.25 -24.26 21.99
N PHE C 45 -0.77 -23.48 21.03
CA PHE C 45 0.32 -23.85 20.15
C PHE C 45 1.54 -22.98 20.46
N SER C 46 2.72 -23.44 20.02
CA SER C 46 3.93 -22.65 20.18
C SER C 46 3.88 -21.41 19.30
N ASN C 47 3.32 -21.54 18.09
CA ASN C 47 3.27 -20.49 17.08
C ASN C 47 2.23 -20.90 16.06
N HIS C 48 1.91 -19.98 15.17
CA HIS C 48 0.89 -20.26 14.16
C HIS C 48 1.46 -21.15 13.05
N THR C 49 0.55 -21.72 12.27
CA THR C 49 0.90 -22.76 11.31
C THR C 49 1.71 -22.23 10.12
N GLY C 50 1.84 -20.92 9.99
CA GLY C 50 2.70 -20.36 8.95
C GLY C 50 4.17 -20.65 9.16
N TYR C 51 4.58 -20.97 10.39
CA TYR C 51 5.96 -21.32 10.66
C TYR C 51 6.31 -22.67 10.03
N ALA C 52 7.62 -22.96 10.02
CA ALA C 52 8.07 -24.24 9.48
C ALA C 52 7.53 -25.42 10.29
N HIS C 53 7.45 -25.25 11.61
CA HIS C 53 7.01 -26.31 12.51
C HIS C 53 6.15 -25.69 13.61
N TRP C 54 5.41 -26.55 14.31
CA TRP C 54 4.56 -26.08 15.39
C TRP C 54 4.11 -27.26 16.24
N LYS C 55 3.99 -27.01 17.53
CA LYS C 55 3.55 -28.02 18.49
C LYS C 55 2.50 -27.43 19.42
N GLY C 56 1.60 -28.27 19.93
CA GLY C 56 0.66 -27.79 20.94
C GLY C 56 -0.51 -28.74 21.10
N GLN C 57 -1.53 -28.25 21.79
CA GLN C 57 -2.72 -29.01 22.12
C GLN C 57 -3.96 -28.20 21.76
N VAL C 58 -5.08 -28.91 21.59
CA VAL C 58 -6.37 -28.31 21.27
C VAL C 58 -7.36 -28.55 22.40
N LEU C 59 -8.14 -27.52 22.72
CA LEU C 59 -9.17 -27.65 23.73
C LEU C 59 -10.34 -28.44 23.16
N LYS C 60 -10.82 -29.43 23.89
CA LYS C 60 -11.89 -30.23 23.41
C LYS C 60 -13.17 -29.61 23.85
N SER C 61 -14.23 -29.93 23.17
CA SER C 61 -15.52 -29.33 23.43
C SER C 61 -16.02 -29.55 24.82
N GLN C 62 -15.78 -30.71 25.39
CA GLN C 62 -16.14 -30.99 26.73
C GLN C 62 -15.34 -30.13 27.68
N GLU C 63 -14.08 -29.89 27.37
CA GLU C 63 -13.25 -29.02 28.18
C GLU C 63 -13.77 -27.61 28.12
N LEU C 64 -14.22 -27.18 26.97
CA LEU C 64 -14.81 -25.88 26.85
C LEU C 64 -16.03 -25.77 27.68
N HIS C 65 -16.85 -26.80 27.71
CA HIS C 65 -18.04 -26.88 28.50
C HIS C 65 -17.72 -26.74 29.95
N GLU C 66 -16.67 -27.39 30.41
CA GLU C 66 -16.30 -27.31 31.79
C GLU C 66 -15.87 -25.96 32.18
N LEU C 67 -15.15 -25.28 31.32
CA LEU C 67 -14.80 -23.90 31.66
C LEU C 67 -16.04 -23.01 31.76
N TYR C 68 -16.93 -23.13 30.77
CA TYR C 68 -18.15 -22.32 30.82
C TYR C 68 -18.97 -22.66 32.05
N GLU C 69 -19.03 -23.94 32.42
CA GLU C 69 -19.78 -24.34 33.60
C GLU C 69 -19.14 -23.79 34.87
N GLY C 70 -17.81 -23.74 34.91
CA GLY C 70 -17.15 -23.08 36.03
C GLY C 70 -17.58 -21.64 36.16
N LEU C 71 -17.69 -20.93 35.04
CA LEU C 71 -18.17 -19.55 35.11
C LEU C 71 -19.63 -19.47 35.53
N LYS C 72 -20.47 -20.37 35.01
CA LYS C 72 -21.91 -20.34 35.27
C LYS C 72 -22.21 -20.64 36.73
N VAL C 73 -21.57 -21.67 37.29
CA VAL C 73 -21.84 -22.06 38.66
C VAL C 73 -21.56 -20.92 39.63
N ASN C 74 -20.57 -20.09 39.32
CA ASN C 74 -20.23 -18.95 40.15
C ASN C 74 -21.01 -17.69 39.81
N ASP C 75 -22.02 -17.81 38.94
CA ASP C 75 -22.86 -16.68 38.58
C ASP C 75 -22.02 -15.55 37.99
N VAL C 76 -21.02 -15.92 37.20
CA VAL C 76 -20.11 -14.98 36.55
C VAL C 76 -20.23 -15.03 35.03
N ASN C 77 -21.12 -15.86 34.50
CA ASN C 77 -21.28 -15.99 33.06
C ASN C 77 -22.16 -14.87 32.52
N LYS C 78 -21.84 -13.63 32.86
CA LYS C 78 -22.61 -12.46 32.43
C LYS C 78 -21.70 -11.63 31.53
N TYR C 79 -22.14 -11.41 30.28
CA TYR C 79 -21.30 -10.79 29.28
C TYR C 79 -22.10 -9.82 28.44
N ASP C 80 -21.41 -8.80 27.91
CA ASP C 80 -21.99 -7.84 26.98
C ASP C 80 -21.70 -8.19 25.52
N TYR C 81 -20.61 -8.92 25.27
CA TYR C 81 -20.21 -9.29 23.92
C TYR C 81 -19.71 -10.73 23.94
N VAL C 82 -19.68 -11.34 22.75
CA VAL C 82 -19.01 -12.62 22.54
C VAL C 82 -18.23 -12.51 21.23
N LEU C 83 -16.98 -12.96 21.24
CA LEU C 83 -16.07 -12.83 20.10
C LEU C 83 -15.46 -14.19 19.82
N THR C 84 -15.53 -14.62 18.55
CA THR C 84 -14.97 -15.91 18.17
C THR C 84 -14.27 -15.79 16.82
N GLY C 85 -13.48 -16.82 16.51
CA GLY C 85 -12.77 -16.86 15.26
C GLY C 85 -12.53 -18.27 14.74
N TYR C 86 -11.27 -18.60 14.49
CA TYR C 86 -10.94 -19.85 13.80
C TYR C 86 -11.28 -21.05 14.67
N THR C 87 -12.03 -21.99 14.10
CA THR C 87 -12.34 -23.26 14.73
C THR C 87 -12.41 -24.32 13.65
N ARG C 88 -11.88 -25.51 13.94
CA ARG C 88 -11.91 -26.62 13.01
C ARG C 88 -12.80 -27.77 13.45
N ASP C 89 -13.40 -27.67 14.63
CA ASP C 89 -14.16 -28.76 15.23
C ASP C 89 -15.64 -28.42 15.24
N LYS C 90 -16.45 -29.27 14.59
CA LYS C 90 -17.89 -29.03 14.51
C LYS C 90 -18.52 -28.98 15.90
N SER C 91 -18.22 -29.96 16.75
CA SER C 91 -18.79 -29.98 18.09
C SER C 91 -18.42 -28.71 18.85
N PHE C 92 -17.20 -28.21 18.63
CA PHE C 92 -16.77 -26.98 19.29
C PHE C 92 -17.61 -25.79 18.85
N LEU C 93 -17.89 -25.68 17.54
CA LEU C 93 -18.73 -24.58 17.08
C LEU C 93 -20.15 -24.70 17.63
N ALA C 94 -20.71 -25.91 17.66
CA ALA C 94 -22.04 -26.08 18.24
C ALA C 94 -22.04 -25.71 19.72
N MET C 95 -20.95 -26.04 20.42
CA MET C 95 -20.79 -25.65 21.82
C MET C 95 -20.84 -24.13 21.95
N VAL C 96 -20.09 -23.44 21.09
CA VAL C 96 -20.08 -21.98 21.11
C VAL C 96 -21.48 -21.43 20.86
N VAL C 97 -22.19 -22.00 19.89
CA VAL C 97 -23.53 -21.51 19.56
C VAL C 97 -24.47 -21.70 20.74
N ASP C 98 -24.40 -22.86 21.39
CA ASP C 98 -25.21 -23.09 22.58
C ASP C 98 -24.89 -22.05 23.67
N ILE C 99 -23.61 -21.78 23.90
CA ILE C 99 -23.24 -20.81 24.92
C ILE C 99 -23.80 -19.44 24.57
N VAL C 100 -23.70 -19.05 23.31
CA VAL C 100 -24.19 -17.73 22.90
C VAL C 100 -25.70 -17.67 23.07
N ARG C 101 -26.42 -18.72 22.69
CA ARG C 101 -27.87 -18.72 22.86
C ARG C 101 -28.24 -18.55 24.33
N GLU C 102 -27.57 -19.30 25.21
CA GLU C 102 -27.89 -19.19 26.63
C GLU C 102 -27.60 -17.79 27.17
N LEU C 103 -26.44 -17.23 26.79
CA LEU C 103 -26.11 -15.89 27.25
C LEU C 103 -27.09 -14.85 26.72
N LYS C 104 -27.62 -15.06 25.50
CA LYS C 104 -28.59 -14.09 24.97
C LYS C 104 -29.93 -14.23 25.68
N GLN C 105 -30.33 -15.45 26.04
CA GLN C 105 -31.49 -15.61 26.91
C GLN C 105 -31.27 -14.85 28.22
N GLN C 106 -30.06 -14.92 28.77
CA GLN C 106 -29.79 -14.21 30.02
C GLN C 106 -29.75 -12.69 29.80
N ASN C 107 -29.40 -12.25 28.60
CA ASN C 107 -29.24 -10.83 28.31
C ASN C 107 -29.56 -10.61 26.84
N SER C 108 -30.69 -9.97 26.56
CA SER C 108 -31.13 -9.74 25.20
C SER C 108 -30.32 -8.67 24.48
N ARG C 109 -29.53 -7.88 25.21
CA ARG C 109 -28.71 -6.82 24.62
C ARG C 109 -27.35 -7.32 24.16
N LEU C 110 -27.04 -8.60 24.35
CA LEU C 110 -25.70 -9.12 24.02
C LEU C 110 -25.44 -9.07 22.53
N VAL C 111 -24.19 -8.77 22.18
CA VAL C 111 -23.74 -8.65 20.79
C VAL C 111 -22.72 -9.75 20.53
N TYR C 112 -23.00 -10.61 19.56
CA TYR C 112 -22.10 -11.70 19.18
C TYR C 112 -21.36 -11.29 17.91
N VAL C 113 -20.06 -11.05 18.06
CA VAL C 113 -19.18 -10.76 16.93
C VAL C 113 -18.51 -12.05 16.49
N CYS C 114 -18.69 -12.41 15.23
CA CYS C 114 -18.23 -13.69 14.71
C CYS C 114 -17.44 -13.48 13.43
N ASP C 115 -16.20 -13.96 13.36
CA ASP C 115 -15.43 -13.98 12.16
C ASP C 115 -15.64 -15.40 11.65
N PRO C 116 -16.35 -15.52 10.51
CA PRO C 116 -16.66 -16.87 9.99
C PRO C 116 -15.49 -17.45 9.20
N VAL C 117 -14.48 -17.88 9.91
CA VAL C 117 -13.29 -18.30 9.26
C VAL C 117 -13.32 -19.62 8.52
N MET C 118 -13.40 -19.58 7.21
CA MET C 118 -13.32 -20.76 6.42
C MET C 118 -12.19 -20.82 5.40
N GLY C 119 -11.66 -19.71 4.94
CA GLY C 119 -10.62 -19.75 3.95
C GLY C 119 -10.29 -18.43 3.34
N ASP C 120 -9.62 -18.46 2.21
CA ASP C 120 -9.20 -17.25 1.53
C ASP C 120 -9.02 -17.53 0.06
N LYS C 121 -8.96 -16.48 -0.71
CA LYS C 121 -8.73 -16.58 -2.15
C LYS C 121 -7.24 -16.37 -2.41
N TRP C 122 -6.54 -17.45 -2.75
CA TRP C 122 -5.15 -17.38 -3.18
C TRP C 122 -5.12 -17.13 -4.69
N ASN C 123 -4.39 -16.09 -5.10
CA ASN C 123 -4.40 -15.62 -6.49
C ASN C 123 -5.87 -15.35 -6.82
N GLY C 124 -6.41 -15.93 -7.90
CA GLY C 124 -7.84 -15.84 -8.17
C GLY C 124 -8.61 -17.06 -7.65
N GLU C 125 -7.93 -18.17 -7.38
CA GLU C 125 -8.58 -19.38 -6.91
C GLU C 125 -8.95 -19.26 -5.43
N GLY C 126 -10.02 -19.96 -5.03
CA GLY C 126 -10.49 -19.96 -3.66
C GLY C 126 -10.19 -21.27 -2.97
N SER C 127 -9.67 -21.18 -1.74
CA SER C 127 -9.22 -22.36 -1.00
C SER C 127 -9.62 -22.26 0.47
N MET C 128 -10.04 -23.41 1.01
CA MET C 128 -10.57 -23.53 2.36
C MET C 128 -9.53 -24.08 3.32
N TYR C 129 -9.51 -23.59 4.56
CA TYR C 129 -8.64 -24.18 5.54
C TYR C 129 -9.41 -24.94 6.58
N VAL C 130 -10.69 -25.15 6.38
CA VAL C 130 -11.54 -25.73 7.42
C VAL C 130 -12.28 -26.92 6.85
N PRO C 131 -12.62 -27.92 7.67
CA PRO C 131 -13.41 -29.05 7.16
C PRO C 131 -14.73 -28.57 6.57
N GLN C 132 -15.16 -29.23 5.50
CA GLN C 132 -16.36 -28.78 4.79
C GLN C 132 -17.60 -28.91 5.65
N ASP C 133 -17.67 -29.95 6.48
CA ASP C 133 -18.83 -30.04 7.36
C ASP C 133 -19.02 -28.84 8.29
N LEU C 134 -18.06 -27.91 8.29
CA LEU C 134 -18.26 -26.71 9.06
C LEU C 134 -19.09 -25.64 8.34
N LEU C 135 -19.05 -25.61 7.01
CA LEU C 135 -19.82 -24.60 6.27
C LEU C 135 -21.31 -24.69 6.58
N PRO C 136 -21.98 -25.84 6.48
CA PRO C 136 -23.40 -25.89 6.91
C PRO C 136 -23.57 -25.33 8.32
N VAL C 137 -22.76 -25.79 9.27
CA VAL C 137 -22.87 -25.33 10.65
C VAL C 137 -22.86 -23.81 10.69
N TYR C 138 -21.76 -23.20 10.26
CA TYR C 138 -21.66 -21.74 10.24
C TYR C 138 -22.89 -21.11 9.60
N ARG C 139 -23.39 -21.72 8.52
CA ARG C 139 -24.50 -21.10 7.80
C ARG C 139 -25.81 -21.28 8.54
N ASP C 140 -26.00 -22.41 9.21
CA ASP C 140 -27.32 -22.75 9.72
C ASP C 140 -27.50 -22.48 11.20
N LYS C 141 -26.42 -22.35 11.96
CA LYS C 141 -26.55 -22.20 13.40
C LYS C 141 -25.77 -21.01 13.95
N VAL C 142 -24.63 -20.70 13.34
CA VAL C 142 -23.74 -19.66 13.90
C VAL C 142 -24.19 -18.28 13.46
N VAL C 143 -24.12 -18.00 12.17
CA VAL C 143 -24.45 -16.68 11.65
C VAL C 143 -25.85 -16.26 12.08
N PRO C 144 -26.84 -17.15 12.09
CA PRO C 144 -28.18 -16.75 12.54
C PRO C 144 -28.22 -16.08 13.91
N VAL C 145 -27.36 -16.48 14.83
CA VAL C 145 -27.32 -15.88 16.17
C VAL C 145 -26.25 -14.80 16.27
N ALA C 146 -25.55 -14.50 15.18
CA ALA C 146 -24.53 -13.46 15.16
C ALA C 146 -25.15 -12.10 14.90
N ASP C 147 -24.47 -11.06 15.38
CA ASP C 147 -24.89 -9.68 15.17
C ASP C 147 -23.92 -8.87 14.33
N ILE C 148 -22.64 -9.21 14.36
CA ILE C 148 -21.62 -8.63 13.51
C ILE C 148 -20.77 -9.77 12.97
N ILE C 149 -20.53 -9.78 11.66
CA ILE C 149 -19.68 -10.78 11.03
C ILE C 149 -18.63 -10.07 10.17
N THR C 150 -17.42 -10.63 10.17
CA THR C 150 -16.32 -10.14 9.41
C THR C 150 -15.78 -11.15 8.39
N PRO C 151 -16.64 -11.56 7.42
CA PRO C 151 -16.17 -12.48 6.37
C PRO C 151 -15.26 -11.76 5.37
N ASN C 152 -14.57 -12.54 4.60
CA ASN C 152 -13.87 -12.06 3.44
C ASN C 152 -14.71 -12.41 2.22
N GLN C 153 -14.29 -12.04 1.03
CA GLN C 153 -15.09 -12.36 -0.16
C GLN C 153 -15.34 -13.87 -0.27
N PHE C 154 -14.30 -14.67 -0.07
CA PHE C 154 -14.44 -16.12 -0.19
C PHE C 154 -15.43 -16.67 0.82
N GLU C 155 -15.36 -16.20 2.03
CA GLU C 155 -16.23 -16.69 3.05
C GLU C 155 -17.60 -16.18 2.84
N ALA C 156 -17.73 -14.94 2.49
CA ALA C 156 -19.06 -14.40 2.18
C ALA C 156 -19.74 -15.20 1.08
N GLU C 157 -18.99 -15.54 0.04
CA GLU C 157 -19.53 -16.35 -1.04
C GLU C 157 -19.99 -17.71 -0.54
N LEU C 158 -19.16 -18.36 0.28
CA LEU C 158 -19.56 -19.66 0.81
C LEU C 158 -20.86 -19.55 1.61
N LEU C 159 -20.94 -18.55 2.51
CA LEU C 159 -22.12 -18.42 3.35
C LEU C 159 -23.36 -18.15 2.51
N SER C 160 -23.24 -17.31 1.48
CA SER C 160 -24.38 -17.00 0.64
C SER C 160 -24.59 -18.01 -0.49
N GLY C 161 -23.59 -18.85 -0.78
CA GLY C 161 -23.72 -19.76 -1.88
C GLY C 161 -23.67 -19.10 -3.23
N ARG C 162 -23.32 -17.82 -3.27
CA ARG C 162 -23.34 -16.98 -4.45
C ARG C 162 -21.96 -16.43 -4.76
N LYS C 163 -21.58 -16.43 -6.02
CA LYS C 163 -20.30 -15.86 -6.42
C LYS C 163 -20.42 -14.35 -6.57
N ILE C 164 -19.37 -13.64 -6.18
CA ILE C 164 -19.33 -12.18 -6.24
C ILE C 164 -18.40 -11.78 -7.38
N HIS C 165 -18.94 -11.00 -8.32
CA HIS C 165 -18.17 -10.48 -9.45
C HIS C 165 -18.06 -8.96 -9.48
N SER C 166 -18.90 -8.24 -8.73
CA SER C 166 -18.87 -6.79 -8.73
C SER C 166 -19.22 -6.29 -7.35
N GLN C 167 -19.07 -4.98 -7.16
CA GLN C 167 -19.40 -4.36 -5.88
C GLN C 167 -20.90 -4.46 -5.59
N GLU C 168 -21.73 -4.23 -6.61
CA GLU C 168 -23.18 -4.34 -6.40
C GLU C 168 -23.56 -5.77 -6.04
N GLU C 169 -22.95 -6.75 -6.70
CA GLU C 169 -23.19 -8.14 -6.31
C GLU C 169 -22.72 -8.38 -4.88
N ALA C 170 -21.62 -7.75 -4.48
CA ALA C 170 -21.12 -7.91 -3.11
C ALA C 170 -22.14 -7.37 -2.11
N PHE C 171 -22.75 -6.23 -2.39
CA PHE C 171 -23.73 -5.68 -1.46
C PHE C 171 -25.04 -6.48 -1.49
N GLU C 172 -25.37 -7.09 -2.63
CA GLU C 172 -26.49 -8.02 -2.66
C GLU C 172 -26.22 -9.21 -1.73
N VAL C 173 -25.00 -9.75 -1.78
CA VAL C 173 -24.63 -10.83 -0.89
C VAL C 173 -24.67 -10.38 0.56
N MET C 174 -24.22 -9.15 0.83
CA MET C 174 -24.27 -8.64 2.19
C MET C 174 -25.70 -8.46 2.68
N ASP C 175 -26.62 -8.11 1.78
CA ASP C 175 -28.02 -8.05 2.17
C ASP C 175 -28.56 -9.45 2.48
N MET C 176 -28.13 -10.45 1.70
CA MET C 176 -28.50 -11.83 2.03
C MET C 176 -27.98 -12.21 3.41
N LEU C 177 -26.75 -11.81 3.73
CA LEU C 177 -26.18 -12.09 5.05
C LEU C 177 -26.94 -11.37 6.14
N HIS C 178 -27.30 -10.09 5.90
CA HIS C 178 -28.19 -9.39 6.82
C HIS C 178 -29.44 -10.21 7.07
N CYS C 179 -30.00 -10.79 6.01
CA CYS C 179 -31.20 -11.60 6.14
C CYS C 179 -30.94 -12.86 6.97
N MET C 180 -29.72 -13.39 6.92
CA MET C 180 -29.43 -14.58 7.71
C MET C 180 -29.39 -14.28 9.19
N GLY C 181 -29.09 -13.05 9.58
CA GLY C 181 -29.09 -12.69 10.99
C GLY C 181 -28.44 -11.36 11.31
N PRO C 182 -27.13 -11.26 11.09
CA PRO C 182 -26.37 -10.11 11.64
C PRO C 182 -26.78 -8.80 10.99
N ASP C 183 -26.96 -7.77 11.84
CA ASP C 183 -27.29 -6.44 11.37
C ASP C 183 -26.09 -5.68 10.83
N THR C 184 -24.87 -6.13 11.12
CA THR C 184 -23.66 -5.49 10.62
C THR C 184 -22.82 -6.54 9.91
N VAL C 185 -22.40 -6.24 8.69
CA VAL C 185 -21.62 -7.15 7.87
C VAL C 185 -20.48 -6.37 7.25
N VAL C 186 -19.26 -6.86 7.44
CA VAL C 186 -18.08 -6.25 6.84
C VAL C 186 -17.36 -7.34 6.06
N ILE C 187 -17.27 -7.17 4.74
CA ILE C 187 -16.40 -8.00 3.91
C ILE C 187 -15.01 -7.40 4.08
N THR C 188 -14.11 -8.06 4.78
CA THR C 188 -12.83 -7.49 5.06
C THR C 188 -11.86 -7.39 3.91
N SER C 189 -11.89 -8.31 3.00
CA SER C 189 -11.02 -8.21 1.87
C SER C 189 -11.69 -8.79 0.69
N SER C 190 -11.34 -8.31 -0.49
CA SER C 190 -11.90 -8.79 -1.69
C SER C 190 -10.94 -8.57 -2.83
N ASP C 191 -11.14 -9.28 -3.90
CA ASP C 191 -10.36 -9.10 -5.11
C ASP C 191 -10.94 -8.04 -6.03
N LEU C 192 -11.84 -7.21 -5.53
CA LEU C 192 -12.45 -6.20 -6.38
C LEU C 192 -11.39 -5.20 -6.86
N PRO C 193 -11.50 -4.71 -8.08
CA PRO C 193 -10.46 -3.81 -8.60
C PRO C 193 -10.57 -2.41 -8.01
N SER C 194 -9.43 -1.75 -7.95
CA SER C 194 -9.34 -0.37 -7.48
C SER C 194 -8.90 0.54 -8.61
N SER C 195 -9.54 1.70 -8.73
CA SER C 195 -9.15 2.70 -9.71
C SER C 195 -7.78 3.30 -9.42
N GLN C 196 -7.26 3.10 -8.21
CA GLN C 196 -5.99 3.71 -7.81
C GLN C 196 -4.79 2.82 -8.07
N GLY C 197 -4.99 1.54 -8.36
CA GLY C 197 -3.89 0.63 -8.62
C GLY C 197 -4.13 -0.76 -8.06
N SER C 198 -3.19 -1.67 -8.32
CA SER C 198 -3.29 -3.03 -7.80
C SER C 198 -2.88 -3.13 -6.34
N ASP C 199 -2.34 -2.11 -5.75
CA ASP C 199 -1.96 -2.20 -4.40
C ASP C 199 -2.91 -1.57 -3.44
N TYR C 200 -4.19 -1.64 -3.69
CA TYR C 200 -5.18 -1.13 -2.81
C TYR C 200 -6.14 -2.28 -2.64
N LEU C 201 -6.57 -2.53 -1.42
CA LEU C 201 -7.49 -3.60 -1.11
C LEU C 201 -8.81 -2.97 -0.84
N ILE C 202 -9.89 -3.58 -1.25
CA ILE C 202 -11.19 -3.02 -0.99
C ILE C 202 -11.99 -3.77 0.05
N ALA C 203 -12.55 -3.07 1.03
CA ALA C 203 -13.31 -3.67 2.06
C ALA C 203 -14.63 -2.99 2.04
N LEU C 204 -15.70 -3.71 2.27
CA LEU C 204 -17.03 -3.13 2.20
C LEU C 204 -17.76 -3.37 3.51
N GLY C 205 -18.66 -2.45 3.85
CA GLY C 205 -19.41 -2.55 5.10
C GLY C 205 -20.85 -2.17 4.88
N SER C 206 -21.73 -2.83 5.63
CA SER C 206 -23.16 -2.59 5.53
C SER C 206 -23.76 -2.80 6.91
N GLN C 207 -24.46 -1.79 7.42
CA GLN C 207 -25.12 -1.88 8.72
C GLN C 207 -26.59 -1.55 8.53
N ARG C 208 -27.46 -2.49 8.91
CA ARG C 208 -28.88 -2.26 8.87
C ARG C 208 -29.28 -1.74 10.25
N MET C 209 -29.83 -0.53 10.32
CA MET C 209 -30.11 0.11 11.58
C MET C 209 -31.56 0.57 11.63
N ARG C 210 -32.15 0.42 12.81
CA ARG C 210 -33.56 0.70 13.04
C ARG C 210 -33.76 2.16 13.41
N LYS C 211 -34.81 2.74 12.87
CA LYS C 211 -35.20 4.11 13.11
C LYS C 211 -36.25 4.14 14.22
N PRO C 212 -36.46 5.28 14.88
CA PRO C 212 -37.54 5.35 15.87
C PRO C 212 -38.90 5.01 15.28
N ASP C 213 -39.11 5.29 13.99
CA ASP C 213 -40.40 5.01 13.38
C ASP C 213 -40.64 3.52 13.16
N GLY C 214 -39.69 2.66 13.52
CA GLY C 214 -39.84 1.24 13.32
C GLY C 214 -39.27 0.73 12.01
N SER C 215 -38.96 1.63 11.08
CA SER C 215 -38.41 1.25 9.80
C SER C 215 -36.92 0.98 9.94
N THR C 216 -36.33 0.51 8.85
CA THR C 216 -34.93 0.12 8.86
C THR C 216 -34.24 0.69 7.64
N VAL C 217 -33.08 1.30 7.86
CA VAL C 217 -32.28 1.89 6.80
C VAL C 217 -30.92 1.20 6.83
N THR C 218 -30.44 0.78 5.66
CA THR C 218 -29.15 0.12 5.55
C THR C 218 -28.14 1.15 5.06
N GLN C 219 -27.10 1.40 5.85
CA GLN C 219 -25.99 2.26 5.47
C GLN C 219 -24.88 1.40 4.88
N ARG C 220 -24.43 1.77 3.68
CA ARG C 220 -23.40 1.03 2.97
C ARG C 220 -22.18 1.93 2.81
N ILE C 221 -20.99 1.35 2.97
CA ILE C 221 -19.74 2.09 2.88
C ILE C 221 -18.67 1.25 2.21
N ARG C 222 -17.69 1.96 1.64
CA ARG C 222 -16.63 1.36 0.84
C ARG C 222 -15.29 1.94 1.30
N MET C 223 -14.26 1.13 1.40
CA MET C 223 -12.97 1.62 1.79
C MET C 223 -11.90 1.00 0.97
N GLU C 224 -10.90 1.75 0.55
CA GLU C 224 -9.79 1.19 -0.17
C GLU C 224 -8.64 1.38 0.74
N MET C 225 -7.85 0.36 0.93
CA MET C 225 -6.76 0.42 1.86
C MET C 225 -5.51 0.00 1.19
N ARG C 226 -4.39 0.52 1.60
CA ARG C 226 -3.17 0.19 0.93
C ARG C 226 -2.67 -1.17 1.26
N LYS C 227 -2.35 -1.99 0.29
CA LYS C 227 -1.86 -3.30 0.55
C LYS C 227 -0.41 -3.25 0.91
N VAL C 228 0.00 -4.07 1.84
CA VAL C 228 1.34 -4.16 2.26
C VAL C 228 1.80 -5.47 1.71
N GLU C 229 2.95 -5.54 1.08
CA GLU C 229 3.34 -6.78 0.44
C GLU C 229 3.96 -7.77 1.35
N ALA C 230 3.12 -8.41 2.14
CA ALA C 230 3.50 -9.43 3.08
C ALA C 230 2.29 -10.22 3.44
N VAL C 231 2.48 -11.40 3.97
CA VAL C 231 1.33 -12.16 4.39
C VAL C 231 1.34 -12.17 5.88
N PHE C 232 0.31 -11.65 6.51
CA PHE C 232 0.26 -11.54 7.93
C PHE C 232 -0.73 -12.50 8.49
N VAL C 233 -0.55 -12.88 9.73
CA VAL C 233 -1.43 -13.85 10.37
C VAL C 233 -1.97 -13.22 11.65
N GLY C 234 -3.27 -13.40 11.88
CA GLY C 234 -3.93 -12.77 13.01
C GLY C 234 -4.58 -11.45 12.67
N THR C 235 -4.45 -11.00 11.46
CA THR C 235 -4.97 -9.74 11.08
C THR C 235 -6.43 -9.73 11.18
N GLY C 236 -7.06 -10.85 10.90
CA GLY C 236 -8.48 -10.96 10.97
C GLY C 236 -8.99 -10.85 12.35
N ASP C 237 -8.29 -11.43 13.28
CA ASP C 237 -8.67 -11.46 14.65
C ASP C 237 -8.48 -10.15 15.26
N LEU C 238 -7.45 -9.48 14.90
CA LEU C 238 -7.24 -8.11 15.36
C LEU C 238 -8.31 -7.18 14.82
N PHE C 239 -8.67 -7.34 13.58
CA PHE C 239 -9.66 -6.52 12.95
C PHE C 239 -10.97 -6.69 13.61
N ALA C 240 -11.35 -7.91 13.88
CA ALA C 240 -12.65 -8.18 14.49
C ALA C 240 -12.71 -7.61 15.91
N ALA C 241 -11.63 -7.75 16.67
CA ALA C 241 -11.62 -7.18 18.02
C ALA C 241 -11.79 -5.65 17.98
N MET C 242 -11.01 -4.99 17.12
CA MET C 242 -11.09 -3.53 17.07
C MET C 242 -12.42 -3.05 16.50
N LEU C 243 -13.01 -3.81 15.57
CA LEU C 243 -14.33 -3.47 15.08
C LEU C 243 -15.36 -3.56 16.20
N LEU C 244 -15.26 -4.59 17.03
CA LEU C 244 -16.12 -4.67 18.21
C LEU C 244 -16.01 -3.38 19.04
N ALA C 245 -14.78 -2.99 19.37
CA ALA C 245 -14.61 -1.81 20.23
C ALA C 245 -15.20 -0.55 19.59
N TRP C 246 -14.82 -0.28 18.34
CA TRP C 246 -15.21 0.98 17.73
C TRP C 246 -16.69 1.02 17.39
N THR C 247 -17.30 -0.14 17.10
CA THR C 247 -18.74 -0.17 16.96
C THR C 247 -19.42 0.06 18.30
N HIS C 248 -18.81 -0.38 19.39
CA HIS C 248 -19.39 -0.08 20.70
C HIS C 248 -19.47 1.43 20.93
N LYS C 249 -18.39 2.16 20.61
CA LYS C 249 -18.51 3.61 20.83
C LYS C 249 -19.39 4.29 19.77
N HIS C 250 -19.43 3.76 18.55
CA HIS C 250 -20.10 4.41 17.42
C HIS C 250 -21.18 3.49 16.90
N PRO C 251 -22.24 3.26 17.69
CA PRO C 251 -23.25 2.26 17.31
C PRO C 251 -24.07 2.64 16.10
N ASP C 252 -24.17 3.93 15.76
CA ASP C 252 -24.95 4.38 14.62
C ASP C 252 -24.09 4.90 13.48
N ASN C 253 -22.77 4.69 13.54
CA ASN C 253 -21.86 5.26 12.54
C ASN C 253 -20.85 4.20 12.13
N LEU C 254 -21.27 3.29 11.26
CA LEU C 254 -20.35 2.28 10.74
C LEU C 254 -19.19 2.92 9.99
N LYS C 255 -19.42 4.07 9.35
CA LYS C 255 -18.35 4.78 8.66
C LYS C 255 -17.18 5.03 9.59
N VAL C 256 -17.44 5.70 10.72
CA VAL C 256 -16.37 6.06 11.64
C VAL C 256 -15.76 4.82 12.27
N ALA C 257 -16.59 3.84 12.66
CA ALA C 257 -16.08 2.63 13.27
C ALA C 257 -15.10 1.92 12.36
N CYS C 258 -15.48 1.73 11.09
CA CYS C 258 -14.58 1.08 10.15
C CYS C 258 -13.38 1.96 9.82
N GLU C 259 -13.56 3.28 9.75
CA GLU C 259 -12.41 4.15 9.51
C GLU C 259 -11.37 3.97 10.58
N LYS C 260 -11.79 4.00 11.86
CA LYS C 260 -10.85 3.82 12.95
C LYS C 260 -10.23 2.43 12.90
N THR C 261 -11.06 1.40 12.70
CA THR C 261 -10.55 0.03 12.68
C THR C 261 -9.50 -0.16 11.60
N VAL C 262 -9.80 0.29 10.41
CA VAL C 262 -8.90 0.13 9.32
C VAL C 262 -7.70 1.01 9.39
N SER C 263 -7.82 2.17 9.93
CA SER C 263 -6.67 3.02 10.15
C SER C 263 -5.71 2.41 11.15
N ALA C 264 -6.25 1.83 12.23
CA ALA C 264 -5.41 1.13 13.19
C ALA C 264 -4.75 -0.09 12.55
N MET C 265 -5.46 -0.78 11.72
CA MET C 265 -4.91 -1.90 11.06
C MET C 265 -3.81 -1.46 10.21
N GLN C 266 -3.97 -0.33 9.60
CA GLN C 266 -2.96 0.14 8.71
C GLN C 266 -1.77 0.49 9.49
N HIS C 267 -1.85 1.27 10.54
CA HIS C 267 -0.70 1.63 11.38
C HIS C 267 0.04 0.39 11.83
N VAL C 268 -0.68 -0.59 12.37
CA VAL C 268 -0.05 -1.80 12.91
C VAL C 268 0.74 -2.52 11.82
N LEU C 269 0.12 -2.77 10.68
CA LEU C 269 0.80 -3.49 9.62
C LEU C 269 1.89 -2.74 8.94
N GLN C 270 1.76 -1.46 8.84
CA GLN C 270 2.84 -0.65 8.30
C GLN C 270 4.06 -0.71 9.20
N ARG C 271 3.87 -0.49 10.51
CA ARG C 271 4.99 -0.65 11.44
C ARG C 271 5.56 -2.05 11.36
N THR C 272 4.70 -3.06 11.24
CA THR C 272 5.17 -4.44 11.24
C THR C 272 6.08 -4.69 10.05
N ILE C 273 5.67 -4.22 8.86
CA ILE C 273 6.51 -4.42 7.68
C ILE C 273 7.80 -3.61 7.81
N ARG C 274 7.72 -2.42 8.41
CA ARG C 274 8.93 -1.63 8.65
C ARG C 274 9.94 -2.47 9.45
N CYS C 275 9.52 -2.92 10.64
CA CYS C 275 10.43 -3.67 11.51
C CYS C 275 10.83 -5.01 10.92
N ALA C 276 9.95 -5.62 10.11
CA ALA C 276 10.27 -6.92 9.54
C ALA C 276 11.36 -6.81 8.48
N LYS C 277 11.23 -5.82 7.58
CA LYS C 277 12.30 -5.61 6.61
C LYS C 277 13.58 -5.15 7.30
N ALA C 278 13.47 -4.46 8.43
CA ALA C 278 14.68 -4.14 9.20
C ALA C 278 15.34 -5.41 9.72
N GLU C 279 14.57 -6.28 10.36
CA GLU C 279 15.13 -7.52 10.92
C GLU C 279 15.72 -8.40 9.82
N ALA C 280 14.96 -8.64 8.76
CA ALA C 280 15.48 -9.39 7.63
C ALA C 280 16.52 -8.55 6.90
N GLY C 281 17.36 -9.22 6.11
CA GLY C 281 18.33 -8.48 5.34
C GLY C 281 17.66 -7.47 4.43
N GLU C 282 18.38 -6.41 4.10
CA GLU C 282 17.85 -5.41 3.19
C GLU C 282 17.63 -6.06 1.84
N GLY C 283 16.42 -5.89 1.30
CA GLY C 283 16.04 -6.58 0.08
C GLY C 283 15.91 -8.08 0.23
N GLN C 284 15.55 -8.55 1.42
CA GLN C 284 15.34 -9.96 1.70
C GLN C 284 13.89 -10.20 2.12
N LYS C 285 13.32 -11.30 1.68
CA LYS C 285 11.94 -11.65 2.04
C LYS C 285 11.85 -11.99 3.51
N PRO C 286 11.06 -11.26 4.30
CA PRO C 286 10.94 -11.60 5.73
C PRO C 286 10.21 -12.92 5.94
N SER C 287 10.59 -13.60 7.02
CA SER C 287 10.02 -14.87 7.39
C SER C 287 8.74 -14.68 8.21
N PRO C 288 7.91 -15.72 8.30
CA PRO C 288 6.74 -15.63 9.19
C PRO C 288 7.07 -15.15 10.59
N ALA C 289 8.22 -15.57 11.13
CA ALA C 289 8.59 -15.16 12.48
C ALA C 289 8.87 -13.66 12.54
N GLN C 290 9.51 -13.11 11.50
CA GLN C 290 9.82 -11.69 11.47
C GLN C 290 8.62 -10.84 11.10
N LEU C 291 7.51 -11.46 10.67
CA LEU C 291 6.31 -10.74 10.29
C LEU C 291 5.23 -10.80 11.38
N GLU C 292 5.56 -11.33 12.56
CA GLU C 292 4.63 -11.26 13.68
C GLU C 292 4.22 -9.81 13.93
N LEU C 293 2.94 -9.60 14.17
CA LEU C 293 2.44 -8.24 14.35
C LEU C 293 3.16 -7.55 15.50
N ARG C 294 3.58 -6.32 15.27
CA ARG C 294 4.21 -5.50 16.32
C ARG C 294 3.10 -4.90 17.19
N MET C 295 2.47 -5.78 17.97
CA MET C 295 1.30 -5.40 18.74
C MET C 295 1.65 -4.40 19.83
N VAL C 296 2.57 -4.77 20.71
CA VAL C 296 2.93 -3.91 21.83
C VAL C 296 3.37 -2.54 21.33
N GLN C 297 4.30 -2.53 20.38
CA GLN C 297 4.86 -1.28 19.87
C GLN C 297 3.83 -0.40 19.18
N SER C 298 2.60 -0.88 18.98
CA SER C 298 1.55 -0.09 18.34
C SER C 298 0.46 0.33 19.32
N LYS C 299 0.67 0.11 20.63
CA LYS C 299 -0.37 0.39 21.61
C LYS C 299 -1.12 1.70 21.35
N ARG C 300 -0.40 2.83 21.30
CA ARG C 300 -1.10 4.10 21.14
C ARG C 300 -1.88 4.17 19.83
N ASP C 301 -1.29 3.69 18.73
CA ASP C 301 -2.03 3.67 17.47
C ASP C 301 -3.34 2.92 17.62
N ILE C 302 -3.35 1.87 18.45
CA ILE C 302 -4.58 1.13 18.69
C ILE C 302 -5.52 1.94 19.58
N GLU C 303 -4.97 2.69 20.54
CA GLU C 303 -5.81 3.41 21.49
C GLU C 303 -6.60 4.51 20.77
N ASP C 304 -5.92 5.29 19.93
CA ASP C 304 -6.54 6.41 19.22
C ASP C 304 -5.88 6.55 17.87
N PRO C 305 -6.34 5.78 16.88
CA PRO C 305 -5.63 5.76 15.59
C PRO C 305 -5.80 7.07 14.84
N GLU C 306 -4.70 7.55 14.27
CA GLU C 306 -4.76 8.67 13.34
C GLU C 306 -5.46 8.20 12.07
N ILE C 307 -6.53 8.89 11.68
CA ILE C 307 -7.30 8.47 10.52
C ILE C 307 -6.44 8.64 9.27
N VAL C 308 -6.25 7.54 8.53
CA VAL C 308 -5.46 7.55 7.30
C VAL C 308 -6.25 6.99 6.12
N VAL C 309 -7.46 6.49 6.33
CA VAL C 309 -8.34 6.06 5.26
C VAL C 309 -9.69 6.72 5.47
N GLN C 310 -10.37 7.02 4.37
CA GLN C 310 -11.70 7.59 4.42
C GLN C 310 -12.67 6.63 3.74
N ALA C 311 -13.76 6.30 4.42
CA ALA C 311 -14.78 5.44 3.84
C ALA C 311 -15.79 6.32 3.11
N THR C 312 -16.10 5.95 1.87
CA THR C 312 -17.07 6.69 1.08
C THR C 312 -18.43 6.05 1.28
N VAL C 313 -19.42 6.86 1.64
CA VAL C 313 -20.78 6.39 1.89
C VAL C 313 -21.49 6.26 0.55
N LEU C 314 -22.01 5.08 0.26
CA LEU C 314 -22.77 4.84 -0.96
C LEU C 314 -24.23 5.20 -0.71
N GLU D 6 11.55 -4.78 21.79
CA GLU D 6 12.99 -5.02 21.87
C GLU D 6 13.32 -6.08 22.91
N CYS D 7 12.55 -6.10 23.99
CA CYS D 7 12.82 -6.95 25.15
C CYS D 7 11.72 -7.99 25.26
N ARG D 8 12.08 -9.27 25.09
CA ARG D 8 11.13 -10.36 25.06
C ARG D 8 11.21 -11.16 26.36
N VAL D 9 10.06 -11.46 26.93
CA VAL D 9 9.95 -12.16 28.20
C VAL D 9 9.20 -13.47 27.99
N LEU D 10 9.79 -14.57 28.44
CA LEU D 10 9.13 -15.86 28.43
C LEU D 10 8.45 -16.06 29.79
N SER D 11 7.12 -15.96 29.81
CA SER D 11 6.35 -16.01 31.05
C SER D 11 5.56 -17.32 31.08
N ILE D 12 5.90 -18.18 32.03
CA ILE D 12 5.28 -19.50 32.18
C ILE D 12 4.44 -19.44 33.45
N GLN D 13 3.13 -19.24 33.29
CA GLN D 13 2.27 -19.05 34.45
C GLN D 13 0.87 -19.52 34.15
N SER D 14 0.00 -19.46 35.15
CA SER D 14 -1.37 -19.91 35.00
C SER D 14 -2.17 -18.94 34.14
N HIS D 15 -3.29 -19.44 33.63
CA HIS D 15 -4.25 -18.66 32.87
C HIS D 15 -5.65 -18.94 33.40
N VAL D 16 -6.41 -17.87 33.66
CA VAL D 16 -7.81 -17.97 34.07
C VAL D 16 -8.65 -17.31 32.98
N VAL D 17 -9.77 -17.94 32.66
CA VAL D 17 -10.69 -17.35 31.68
C VAL D 17 -11.17 -16.00 32.17
N ARG D 18 -11.68 -15.93 33.39
CA ARG D 18 -12.06 -14.68 34.03
C ARG D 18 -11.12 -14.41 35.20
N GLY D 19 -10.77 -13.15 35.36
CA GLY D 19 -9.95 -12.69 36.47
C GLY D 19 -8.53 -12.42 36.04
N TYR D 20 -7.69 -12.10 37.03
CA TYR D 20 -6.31 -11.70 36.78
C TYR D 20 -5.41 -12.40 37.78
N VAL D 21 -4.88 -13.55 37.37
CA VAL D 21 -3.80 -14.23 38.07
C VAL D 21 -2.86 -14.81 37.02
N GLY D 22 -1.66 -15.17 37.47
CA GLY D 22 -0.69 -15.73 36.55
C GLY D 22 -0.47 -14.82 35.36
N ASN D 23 -0.51 -15.41 34.15
CA ASN D 23 -0.21 -14.64 32.96
C ASN D 23 -1.24 -13.54 32.71
N ARG D 24 -2.50 -13.78 33.08
CA ARG D 24 -3.50 -12.71 32.96
C ARG D 24 -3.10 -11.49 33.76
N ALA D 25 -2.44 -11.68 34.91
CA ALA D 25 -1.97 -10.58 35.73
C ALA D 25 -0.60 -10.07 35.30
N ALA D 26 0.09 -10.80 34.42
CA ALA D 26 1.45 -10.46 34.02
C ALA D 26 1.56 -9.96 32.59
N MET D 27 0.83 -10.54 31.64
CA MET D 27 1.02 -10.13 30.25
C MET D 27 0.61 -8.68 30.05
N PHE D 28 -0.62 -8.33 30.44
CA PHE D 28 -1.13 -6.99 30.15
C PHE D 28 -0.22 -5.88 30.65
N PRO D 29 0.19 -5.84 31.92
CA PRO D 29 1.11 -4.76 32.33
C PRO D 29 2.43 -4.81 31.57
N LEU D 30 3.03 -5.99 31.42
CA LEU D 30 4.29 -6.09 30.70
C LEU D 30 4.13 -5.64 29.26
N GLN D 31 2.99 -5.96 28.64
CA GLN D 31 2.72 -5.47 27.29
C GLN D 31 2.48 -3.96 27.32
N VAL D 32 1.80 -3.47 28.35
CA VAL D 32 1.55 -2.05 28.47
C VAL D 32 2.82 -1.27 28.76
N LEU D 33 3.84 -1.91 29.32
CA LEU D 33 5.11 -1.26 29.61
C LEU D 33 6.15 -1.47 28.52
N GLY D 34 5.76 -2.09 27.41
CA GLY D 34 6.61 -2.17 26.24
C GLY D 34 7.38 -3.45 26.04
N PHE D 35 6.96 -4.55 26.66
CA PHE D 35 7.66 -5.81 26.57
C PHE D 35 6.89 -6.79 25.69
N GLU D 36 7.56 -7.38 24.71
CA GLU D 36 7.03 -8.56 24.04
C GLU D 36 6.98 -9.70 25.04
N VAL D 37 5.87 -10.43 25.06
CA VAL D 37 5.68 -11.51 26.02
C VAL D 37 5.29 -12.77 25.27
N ASP D 38 6.15 -13.79 25.33
CA ASP D 38 5.80 -15.15 24.92
C ASP D 38 5.28 -15.86 26.15
N ALA D 39 4.02 -16.27 26.12
CA ALA D 39 3.32 -16.76 27.29
C ALA D 39 3.02 -18.24 27.14
N VAL D 40 3.48 -19.03 28.11
CA VAL D 40 3.08 -20.43 28.24
C VAL D 40 2.09 -20.49 29.40
N ASN D 41 0.83 -20.79 29.08
CA ASN D 41 -0.21 -20.92 30.09
C ASN D 41 -0.11 -22.32 30.70
N SER D 42 0.39 -22.37 31.94
CA SER D 42 0.61 -23.64 32.61
C SER D 42 -0.70 -24.33 32.99
N VAL D 43 -1.79 -23.57 33.08
CA VAL D 43 -3.11 -24.14 33.36
C VAL D 43 -4.12 -23.29 32.61
N GLN D 44 -5.31 -23.84 32.38
CA GLN D 44 -6.46 -23.05 31.94
C GLN D 44 -7.62 -23.40 32.86
N PHE D 45 -7.89 -22.53 33.83
CA PHE D 45 -9.03 -22.65 34.71
C PHE D 45 -10.04 -21.54 34.42
N SER D 46 -11.27 -21.75 34.88
CA SER D 46 -12.30 -20.73 34.69
C SER D 46 -12.01 -19.49 35.53
N ASN D 47 -11.48 -19.68 36.74
CA ASN D 47 -11.24 -18.59 37.68
C ASN D 47 -10.33 -19.12 38.77
N HIS D 48 -9.84 -18.21 39.62
CA HIS D 48 -8.94 -18.63 40.68
C HIS D 48 -9.71 -19.33 41.80
N THR D 49 -8.96 -20.05 42.63
CA THR D 49 -9.53 -20.96 43.61
C THR D 49 -10.24 -20.27 44.75
N GLY D 50 -10.11 -18.94 44.88
CA GLY D 50 -10.86 -18.23 45.89
C GLY D 50 -12.36 -18.24 45.66
N TYR D 51 -12.79 -18.50 44.43
CA TYR D 51 -14.21 -18.60 44.14
C TYR D 51 -14.79 -19.86 44.80
N ALA D 52 -16.12 -19.91 44.85
CA ALA D 52 -16.79 -21.10 45.38
C ALA D 52 -16.49 -22.32 44.54
N HIS D 53 -16.37 -22.14 43.22
CA HIS D 53 -16.15 -23.24 42.29
C HIS D 53 -15.14 -22.82 41.23
N TRP D 54 -14.51 -23.82 40.60
CA TRP D 54 -13.51 -23.59 39.58
C TRP D 54 -13.20 -24.88 38.85
N LYS D 55 -13.09 -24.78 37.53
CA LYS D 55 -12.85 -25.92 36.67
C LYS D 55 -11.84 -25.54 35.60
N GLY D 56 -11.18 -26.56 35.11
CA GLY D 56 -10.23 -26.38 34.03
C GLY D 56 -9.31 -27.57 33.88
N GLN D 57 -8.22 -27.29 33.17
CA GLN D 57 -7.21 -28.29 32.87
C GLN D 57 -5.84 -27.78 33.27
N VAL D 58 -4.92 -28.73 33.41
CA VAL D 58 -3.57 -28.46 33.91
C VAL D 58 -2.62 -28.91 32.81
N LEU D 59 -1.64 -28.06 32.49
CA LEU D 59 -0.65 -28.42 31.47
C LEU D 59 0.37 -29.40 32.04
N LYS D 60 0.69 -30.45 31.30
CA LYS D 60 1.61 -31.45 31.72
C LYS D 60 2.98 -31.05 31.36
N SER D 61 3.99 -31.49 32.09
CA SER D 61 5.36 -31.10 31.80
C SER D 61 5.81 -31.49 30.43
N GLN D 62 5.39 -32.63 29.95
CA GLN D 62 5.68 -33.05 28.63
C GLN D 62 5.06 -32.09 27.63
N GLU D 63 3.86 -31.60 27.89
CA GLU D 63 3.22 -30.65 27.02
C GLU D 63 3.98 -29.37 27.01
N LEU D 64 4.49 -28.95 28.12
CA LEU D 64 5.28 -27.75 28.19
C LEU D 64 6.52 -27.87 27.37
N HIS D 65 7.16 -29.00 27.40
CA HIS D 65 8.32 -29.25 26.64
C HIS D 65 8.02 -29.22 25.17
N GLU D 66 6.90 -29.74 24.76
CA GLU D 66 6.57 -29.72 23.37
C GLU D 66 6.42 -28.32 22.92
N LEU D 67 5.84 -27.47 23.71
CA LEU D 67 5.75 -26.08 23.30
C LEU D 67 7.13 -25.47 23.16
N TYR D 68 7.99 -25.69 24.15
CA TYR D 68 9.34 -25.14 24.08
C TYR D 68 10.11 -25.70 22.88
N GLU D 69 9.91 -26.98 22.58
CA GLU D 69 10.59 -27.57 21.43
C GLU D 69 10.06 -26.98 20.13
N GLY D 70 8.76 -26.69 20.08
CA GLY D 70 8.23 -25.97 18.93
C GLY D 70 8.92 -24.63 18.73
N LEU D 71 9.15 -23.91 19.83
CA LEU D 71 9.86 -22.63 19.72
C LEU D 71 11.31 -22.83 19.28
N LYS D 72 11.99 -23.84 19.84
CA LYS D 72 13.39 -24.07 19.54
C LYS D 72 13.59 -24.50 18.09
N VAL D 73 12.76 -25.43 17.61
CA VAL D 73 12.88 -25.93 16.25
C VAL D 73 12.79 -24.80 15.25
N ASN D 74 11.99 -23.78 15.55
CA ASN D 74 11.83 -22.63 14.68
C ASN D 74 12.85 -21.52 14.94
N ASP D 75 13.86 -21.79 15.77
CA ASP D 75 14.90 -20.81 16.06
C ASP D 75 14.31 -19.54 16.65
N VAL D 76 13.26 -19.70 17.47
CA VAL D 76 12.55 -18.60 18.09
C VAL D 76 12.65 -18.63 19.60
N ASN D 77 13.39 -19.58 20.17
CA ASN D 77 13.53 -19.70 21.62
C ASN D 77 14.60 -18.75 22.16
N LYS D 78 14.52 -17.47 21.80
CA LYS D 78 15.49 -16.47 22.20
C LYS D 78 14.79 -15.43 23.07
N TYR D 79 15.30 -15.24 24.30
CA TYR D 79 14.60 -14.41 25.27
C TYR D 79 15.58 -13.55 26.07
N ASP D 80 15.07 -12.41 26.54
CA ASP D 80 15.80 -11.50 27.41
C ASP D 80 15.47 -11.69 28.88
N TYR D 81 14.28 -12.20 29.18
CA TYR D 81 13.84 -12.43 30.55
C TYR D 81 13.09 -13.75 30.61
N VAL D 82 12.97 -14.29 31.81
CA VAL D 82 12.09 -15.43 32.10
C VAL D 82 11.37 -15.14 33.39
N LEU D 83 10.05 -15.38 33.40
CA LEU D 83 9.20 -15.04 34.53
C LEU D 83 8.34 -16.25 34.89
N THR D 84 8.33 -16.60 36.18
CA THR D 84 7.49 -17.69 36.66
C THR D 84 6.85 -17.27 37.97
N GLY D 85 5.85 -18.03 38.38
CA GLY D 85 5.13 -17.78 39.61
C GLY D 85 4.64 -19.11 40.15
N TYR D 86 3.33 -19.23 40.34
CA TYR D 86 2.79 -20.41 40.98
C TYR D 86 3.00 -21.65 40.11
N THR D 87 3.57 -22.69 40.71
CA THR D 87 3.74 -23.99 40.09
C THR D 87 3.48 -25.03 41.17
N ARG D 88 2.71 -26.07 40.83
CA ARG D 88 2.39 -27.10 41.79
C ARG D 88 2.98 -28.47 41.45
N ASP D 89 3.61 -28.63 40.29
CA ASP D 89 4.10 -29.93 39.84
C ASP D 89 5.62 -29.90 39.88
N LYS D 90 6.21 -30.81 40.65
CA LYS D 90 7.67 -30.85 40.75
C LYS D 90 8.32 -31.02 39.38
N SER D 91 7.81 -31.96 38.58
CA SER D 91 8.38 -32.18 37.26
C SER D 91 8.26 -30.92 36.40
N PHE D 92 7.16 -30.19 36.54
CA PHE D 92 6.99 -28.95 35.77
C PHE D 92 8.05 -27.93 36.17
N LEU D 93 8.33 -27.80 37.47
CA LEU D 93 9.36 -26.88 37.92
C LEU D 93 10.74 -27.30 37.41
N ALA D 94 11.03 -28.61 37.42
CA ALA D 94 12.30 -29.08 36.89
C ALA D 94 12.42 -28.75 35.40
N MET D 95 11.32 -28.90 34.67
CA MET D 95 11.30 -28.52 33.26
C MET D 95 11.61 -27.04 33.10
N VAL D 96 10.98 -26.20 33.92
CA VAL D 96 11.22 -24.76 33.86
C VAL D 96 12.69 -24.47 34.11
N VAL D 97 13.28 -25.14 35.10
CA VAL D 97 14.69 -24.89 35.42
C VAL D 97 15.58 -25.31 34.25
N ASP D 98 15.28 -26.45 33.62
CA ASP D 98 16.03 -26.86 32.45
C ASP D 98 15.94 -25.80 31.35
N ILE D 99 14.74 -25.27 31.11
CA ILE D 99 14.59 -24.25 30.09
C ILE D 99 15.44 -23.03 30.42
N VAL D 100 15.44 -22.62 31.69
CA VAL D 100 16.21 -21.45 32.08
C VAL D 100 17.70 -21.70 31.88
N ARG D 101 18.18 -22.87 32.29
CA ARG D 101 19.60 -23.19 32.10
C ARG D 101 19.98 -23.17 30.63
N GLU D 102 19.14 -23.77 29.77
CA GLU D 102 19.46 -23.79 28.35
C GLU D 102 19.48 -22.37 27.78
N LEU D 103 18.47 -21.56 28.13
CA LEU D 103 18.44 -20.19 27.62
C LEU D 103 19.64 -19.37 28.11
N LYS D 104 20.10 -19.63 29.33
CA LYS D 104 21.26 -18.89 29.84
C LYS D 104 22.55 -19.34 29.17
N GLN D 105 22.67 -20.63 28.85
CA GLN D 105 23.75 -21.07 27.98
C GLN D 105 23.67 -20.35 26.63
N GLN D 106 22.46 -20.19 26.10
CA GLN D 106 22.30 -19.48 24.83
C GLN D 106 22.52 -17.97 24.97
N ASN D 107 22.27 -17.42 26.17
CA ASN D 107 22.38 -15.98 26.40
C ASN D 107 22.76 -15.76 27.85
N SER D 108 24.00 -15.34 28.09
CA SER D 108 24.48 -15.15 29.46
C SER D 108 23.89 -13.92 30.15
N ARG D 109 23.31 -12.99 29.40
CA ARG D 109 22.74 -11.78 29.97
C ARG D 109 21.29 -11.95 30.41
N LEU D 110 20.71 -13.13 30.22
CA LEU D 110 19.30 -13.34 30.53
C LEU D 110 19.04 -13.20 32.02
N VAL D 111 17.89 -12.62 32.36
CA VAL D 111 17.49 -12.37 33.74
C VAL D 111 16.25 -13.21 34.03
N TYR D 112 16.34 -14.08 35.03
CA TYR D 112 15.24 -14.93 35.45
C TYR D 112 14.59 -14.33 36.69
N VAL D 113 13.36 -13.86 36.52
CA VAL D 113 12.56 -13.36 37.64
C VAL D 113 11.67 -14.50 38.13
N CYS D 114 11.80 -14.85 39.41
CA CYS D 114 11.11 -16.01 39.96
C CYS D 114 10.39 -15.61 41.24
N ASP D 115 9.07 -15.85 41.30
CA ASP D 115 8.32 -15.65 42.48
C ASP D 115 8.14 -17.06 43.06
N PRO D 116 8.88 -17.36 44.17
CA PRO D 116 8.84 -18.72 44.75
C PRO D 116 7.63 -18.97 45.64
N VAL D 117 6.51 -19.22 45.01
CA VAL D 117 5.30 -19.31 45.73
C VAL D 117 5.10 -20.59 46.46
N MET D 118 5.18 -20.55 47.78
CA MET D 118 4.89 -21.69 48.61
C MET D 118 3.85 -21.52 49.73
N GLY D 119 3.69 -20.35 50.31
CA GLY D 119 2.76 -20.18 51.39
C GLY D 119 2.72 -18.75 51.83
N ASP D 120 2.05 -18.45 52.92
CA ASP D 120 2.02 -17.11 53.52
C ASP D 120 1.57 -17.36 54.98
N LYS D 121 1.70 -16.33 55.77
CA LYS D 121 1.41 -16.26 57.20
C LYS D 121 -0.03 -15.78 57.36
N TRP D 122 -0.93 -16.69 57.72
CA TRP D 122 -2.29 -16.35 58.11
C TRP D 122 -2.29 -16.06 59.61
N ASN D 123 -2.80 -14.89 59.99
CA ASN D 123 -2.68 -14.42 61.38
C ASN D 123 -1.19 -14.44 61.70
N GLY D 124 -0.76 -15.10 62.78
CA GLY D 124 0.65 -15.29 63.05
C GLY D 124 1.18 -16.64 62.56
N GLU D 125 0.30 -17.61 62.30
CA GLU D 125 0.72 -18.93 61.88
C GLU D 125 1.13 -18.94 60.41
N GLY D 126 2.07 -19.84 60.07
CA GLY D 126 2.55 -19.99 58.71
C GLY D 126 2.02 -21.28 58.08
N SER D 127 1.51 -21.16 56.86
CA SER D 127 0.85 -22.27 56.19
C SER D 127 1.23 -22.31 54.72
N MET D 128 1.41 -23.53 54.20
CA MET D 128 1.88 -23.74 52.84
C MET D 128 0.72 -24.08 51.91
N TYR D 129 0.74 -23.50 50.70
CA TYR D 129 -0.25 -23.80 49.68
C TYR D 129 0.21 -24.84 48.66
N VAL D 130 1.44 -25.33 48.76
CA VAL D 130 2.06 -26.11 47.69
C VAL D 130 2.58 -27.41 48.30
N PRO D 131 2.72 -28.45 47.48
CA PRO D 131 3.30 -29.70 47.99
C PRO D 131 4.67 -29.46 48.62
N GLN D 132 4.95 -30.19 49.70
CA GLN D 132 6.19 -29.95 50.44
C GLN D 132 7.41 -30.29 49.60
N ASP D 133 7.31 -31.32 48.75
CA ASP D 133 8.44 -31.71 47.92
C ASP D 133 8.88 -30.61 46.96
N LEU D 134 8.17 -29.49 46.92
CA LEU D 134 8.55 -28.37 46.08
C LEU D 134 9.60 -27.51 46.77
N LEU D 135 9.61 -27.47 48.11
CA LEU D 135 10.58 -26.64 48.81
C LEU D 135 12.02 -27.01 48.46
N PRO D 136 12.44 -28.27 48.53
CA PRO D 136 13.81 -28.60 48.09
C PRO D 136 14.12 -28.08 46.69
N VAL D 137 13.25 -28.37 45.71
CA VAL D 137 13.51 -27.93 44.34
C VAL D 137 13.80 -26.44 44.31
N TYR D 138 12.83 -25.64 44.73
CA TYR D 138 13.03 -24.18 44.74
C TYR D 138 14.35 -23.81 45.39
N ARG D 139 14.71 -24.49 46.48
CA ARG D 139 15.92 -24.13 47.19
C ARG D 139 17.17 -24.63 46.47
N ASP D 140 17.09 -25.81 45.87
CA ASP D 140 18.29 -26.46 45.37
C ASP D 140 18.49 -26.34 43.87
N LYS D 141 17.44 -26.03 43.11
CA LYS D 141 17.59 -26.01 41.66
C LYS D 141 17.06 -24.72 41.03
N VAL D 142 16.01 -24.14 41.60
CA VAL D 142 15.37 -22.97 40.97
C VAL D 142 16.09 -21.68 41.39
N VAL D 143 16.02 -21.35 42.67
CA VAL D 143 16.59 -20.10 43.18
C VAL D 143 18.06 -19.98 42.79
N PRO D 144 18.85 -21.07 42.83
CA PRO D 144 20.25 -20.95 42.41
C PRO D 144 20.44 -20.32 41.04
N VAL D 145 19.51 -20.56 40.11
CA VAL D 145 19.60 -20.01 38.76
C VAL D 145 18.74 -18.76 38.58
N ALA D 146 18.11 -18.28 39.64
CA ALA D 146 17.30 -17.06 39.56
C ALA D 146 18.18 -15.83 39.76
N ASP D 147 17.73 -14.71 39.19
CA ASP D 147 18.42 -13.43 39.32
C ASP D 147 17.64 -12.41 40.13
N ILE D 148 16.32 -12.49 40.13
CA ILE D 148 15.46 -11.66 40.98
C ILE D 148 14.40 -12.57 41.56
N ILE D 149 14.20 -12.50 42.88
CA ILE D 149 13.15 -13.27 43.53
C ILE D 149 12.33 -12.33 44.40
N THR D 150 11.03 -12.60 44.51
CA THR D 150 10.14 -11.78 45.26
C THR D 150 9.37 -12.64 46.23
N PRO D 151 10.01 -13.18 47.24
CA PRO D 151 9.29 -13.97 48.20
C PRO D 151 8.69 -13.15 49.26
N ASN D 152 7.82 -13.73 50.05
CA ASN D 152 7.31 -13.06 51.21
C ASN D 152 8.14 -13.52 52.40
N GLN D 153 7.86 -13.01 53.59
CA GLN D 153 8.63 -13.38 54.77
C GLN D 153 8.64 -14.90 54.95
N PHE D 154 7.49 -15.54 54.82
CA PHE D 154 7.39 -16.98 55.06
C PHE D 154 8.22 -17.76 54.05
N GLU D 155 8.18 -17.39 52.80
CA GLU D 155 8.93 -18.12 51.83
C GLU D 155 10.40 -17.86 51.98
N ALA D 156 10.75 -16.72 52.48
CA ALA D 156 12.12 -16.40 52.75
C ALA D 156 12.62 -17.32 53.82
N GLU D 157 11.87 -17.46 54.87
CA GLU D 157 12.25 -18.34 55.93
C GLU D 157 12.33 -19.74 55.48
N LEU D 158 11.40 -20.21 54.70
CA LEU D 158 11.48 -21.59 54.23
C LEU D 158 12.76 -21.81 53.44
N LEU D 159 13.06 -20.91 52.49
CA LEU D 159 14.22 -21.09 51.65
C LEU D 159 15.51 -21.02 52.45
N SER D 160 15.58 -20.13 53.39
CA SER D 160 16.77 -19.98 54.18
C SER D 160 16.83 -20.91 55.35
N GLY D 161 15.69 -21.25 55.89
CA GLY D 161 15.66 -22.13 57.02
C GLY D 161 15.72 -21.39 58.30
N ARG D 162 15.70 -20.08 58.27
CA ARG D 162 15.79 -19.30 59.47
C ARG D 162 14.52 -18.53 59.60
N LYS D 163 13.99 -18.40 60.80
CA LYS D 163 12.80 -17.62 60.99
C LYS D 163 13.18 -16.22 61.20
N ILE D 164 12.36 -15.27 60.84
CA ILE D 164 12.73 -13.90 60.97
C ILE D 164 11.96 -13.24 62.08
N HIS D 165 12.63 -12.60 63.00
CA HIS D 165 12.01 -11.92 64.12
C HIS D 165 12.23 -10.42 64.14
N SER D 166 13.20 -9.90 63.38
CA SER D 166 13.46 -8.47 63.33
C SER D 166 13.97 -8.11 61.94
N GLN D 167 14.09 -6.80 61.69
CA GLN D 167 14.54 -6.34 60.38
C GLN D 167 15.98 -6.75 60.10
N GLU D 168 16.87 -6.64 61.09
CA GLU D 168 18.26 -7.06 60.88
C GLU D 168 18.31 -8.53 60.56
N GLU D 169 17.46 -9.27 61.24
CA GLU D 169 17.26 -10.67 60.94
C GLU D 169 16.80 -10.89 59.51
N ALA D 170 15.87 -10.09 59.07
CA ALA D 170 15.37 -10.23 57.72
C ALA D 170 16.48 -9.99 56.70
N PHE D 171 17.34 -9.00 56.96
CA PHE D 171 18.41 -8.72 56.01
C PHE D 171 19.49 -9.79 56.04
N GLU D 172 19.59 -10.53 57.11
CA GLU D 172 20.55 -11.61 57.12
C GLU D 172 20.00 -12.72 56.29
N VAL D 173 18.70 -12.87 56.31
CA VAL D 173 18.09 -13.90 55.53
C VAL D 173 18.21 -13.55 54.10
N MET D 174 18.00 -12.29 53.78
CA MET D 174 18.13 -11.85 52.40
C MET D 174 19.57 -12.00 51.89
N ASP D 175 20.56 -11.81 52.77
CA ASP D 175 21.94 -12.04 52.35
C ASP D 175 22.19 -13.52 52.08
N MET D 176 21.51 -14.39 52.77
CA MET D 176 21.66 -15.80 52.52
C MET D 176 21.01 -16.14 51.21
N LEU D 177 19.92 -15.49 50.92
CA LEU D 177 19.28 -15.71 49.63
C LEU D 177 20.13 -15.18 48.49
N HIS D 178 20.72 -14.00 48.67
CA HIS D 178 21.70 -13.50 47.70
C HIS D 178 22.76 -14.55 47.43
N CYS D 179 23.29 -15.15 48.50
CA CYS D 179 24.33 -16.14 48.32
C CYS D 179 23.83 -17.37 47.58
N MET D 180 22.54 -17.70 47.71
CA MET D 180 22.03 -18.86 46.99
C MET D 180 22.00 -18.63 45.49
N GLY D 181 21.90 -17.38 45.03
CA GLY D 181 21.90 -17.10 43.61
C GLY D 181 21.52 -15.69 43.19
N PRO D 182 20.28 -15.30 43.45
CA PRO D 182 19.77 -14.04 42.87
C PRO D 182 20.47 -12.81 43.43
N ASP D 183 20.83 -11.89 42.54
CA ASP D 183 21.45 -10.64 42.92
C ASP D 183 20.45 -9.61 43.45
N THR D 184 19.16 -9.83 43.23
CA THR D 184 18.10 -8.95 43.71
C THR D 184 17.10 -9.78 44.51
N VAL D 185 16.79 -9.34 45.72
CA VAL D 185 15.84 -10.04 46.59
C VAL D 185 14.90 -9.02 47.21
N VAL D 186 13.61 -9.24 47.05
CA VAL D 186 12.59 -8.37 47.62
C VAL D 186 11.64 -9.23 48.45
N ILE D 187 11.52 -8.91 49.74
CA ILE D 187 10.61 -9.57 50.61
C ILE D 187 9.36 -8.74 50.50
N THR D 188 8.36 -9.19 49.76
CA THR D 188 7.21 -8.36 49.50
C THR D 188 6.30 -8.04 50.64
N SER D 189 6.02 -8.97 51.50
CA SER D 189 5.20 -8.66 52.61
C SER D 189 5.77 -9.33 53.81
N SER D 190 5.61 -8.74 54.96
CA SER D 190 6.16 -9.31 56.15
C SER D 190 5.34 -8.91 57.35
N ASP D 191 5.63 -9.50 58.50
CA ASP D 191 4.93 -9.14 59.72
C ASP D 191 5.68 -8.24 60.69
N LEU D 192 6.73 -7.62 60.20
CA LEU D 192 7.58 -6.71 60.95
C LEU D 192 6.80 -5.46 61.34
N PRO D 193 7.08 -4.88 62.51
CA PRO D 193 6.28 -3.73 62.96
C PRO D 193 6.60 -2.46 62.19
N SER D 194 5.61 -1.59 62.10
CA SER D 194 5.73 -0.31 61.43
C SER D 194 5.59 0.83 62.43
N SER D 195 6.43 1.85 62.28
CA SER D 195 6.37 2.99 63.18
C SER D 195 5.07 3.78 63.04
N GLN D 196 4.32 3.56 61.95
CA GLN D 196 3.10 4.32 61.71
C GLN D 196 1.85 3.62 62.25
N GLY D 197 1.93 2.35 62.57
CA GLY D 197 0.76 1.64 63.07
C GLY D 197 0.63 0.22 62.54
N SER D 198 -0.48 -0.47 62.85
CA SER D 198 -0.71 -1.83 62.45
C SER D 198 -1.42 -1.94 61.14
N ASP D 199 -1.69 -0.82 60.51
CA ASP D 199 -2.31 -0.81 59.23
C ASP D 199 -1.31 -0.52 58.14
N TYR D 200 -0.01 -0.65 58.41
CA TYR D 200 0.98 -0.45 57.40
C TYR D 200 1.75 -1.72 57.24
N LEU D 201 2.15 -2.03 56.02
CA LEU D 201 2.85 -3.25 55.69
C LEU D 201 4.28 -2.91 55.44
N ILE D 202 5.19 -3.82 55.76
CA ILE D 202 6.59 -3.55 55.61
C ILE D 202 7.22 -4.41 54.55
N ALA D 203 7.97 -3.83 53.62
CA ALA D 203 8.61 -4.61 52.60
C ALA D 203 10.03 -4.16 52.57
N LEU D 204 10.94 -5.06 52.31
CA LEU D 204 12.34 -4.73 52.25
C LEU D 204 12.89 -5.20 50.98
N GLY D 205 14.03 -4.65 50.46
CA GLY D 205 14.74 -4.95 49.24
C GLY D 205 16.24 -4.91 49.45
N SER D 206 16.93 -5.79 48.72
CA SER D 206 18.38 -5.91 48.81
C SER D 206 18.92 -6.28 47.44
N GLN D 207 19.85 -5.48 46.92
CA GLN D 207 20.47 -5.73 45.63
C GLN D 207 21.97 -5.75 45.78
N ARG D 208 22.60 -6.87 45.43
CA ARG D 208 24.05 -6.96 45.36
C ARG D 208 24.53 -6.58 43.96
N MET D 209 25.37 -5.55 43.88
CA MET D 209 25.84 -4.99 42.63
C MET D 209 27.36 -4.92 42.71
N ARG D 210 28.00 -5.23 41.60
CA ARG D 210 29.46 -5.30 41.55
C ARG D 210 30.03 -3.92 41.27
N LYS D 211 31.18 -3.62 41.89
CA LYS D 211 31.75 -2.30 41.69
C LYS D 211 32.65 -2.30 40.47
N PRO D 212 32.85 -1.14 39.84
CA PRO D 212 33.77 -1.10 38.68
C PRO D 212 35.19 -1.53 39.04
N ASP D 213 35.67 -1.17 40.22
CA ASP D 213 37.00 -1.51 40.70
C ASP D 213 37.12 -2.96 41.18
N GLY D 214 36.08 -3.78 41.02
CA GLY D 214 36.12 -5.20 41.30
C GLY D 214 35.48 -5.72 42.57
N SER D 215 35.12 -4.87 43.52
CA SER D 215 34.45 -5.36 44.73
C SER D 215 32.93 -5.47 44.50
N THR D 216 32.20 -5.89 45.53
CA THR D 216 30.75 -6.05 45.45
C THR D 216 30.09 -5.37 46.64
N VAL D 217 29.07 -4.55 46.38
CA VAL D 217 28.35 -3.78 47.39
C VAL D 217 26.87 -4.08 47.37
N THR D 218 26.28 -4.24 48.56
CA THR D 218 24.86 -4.51 48.70
C THR D 218 24.08 -3.25 49.11
N GLN D 219 23.09 -2.89 48.31
CA GLN D 219 22.16 -1.79 48.60
C GLN D 219 20.89 -2.34 49.25
N ARG D 220 20.49 -1.75 50.38
CA ARG D 220 19.31 -2.15 51.12
C ARG D 220 18.30 -1.01 51.19
N ILE D 221 17.01 -1.36 51.09
CA ILE D 221 15.93 -0.39 51.13
C ILE D 221 14.73 -0.95 51.90
N ARG D 222 13.94 -0.05 52.46
CA ARG D 222 12.80 -0.45 53.27
C ARG D 222 11.56 0.33 52.91
N MET D 223 10.41 -0.31 52.78
CA MET D 223 9.21 0.42 52.43
C MET D 223 8.00 0.19 53.31
N GLU D 224 7.19 1.21 53.53
CA GLU D 224 5.99 1.06 54.33
C GLU D 224 4.78 1.37 53.47
N MET D 225 3.85 0.42 53.34
CA MET D 225 2.71 0.53 52.46
C MET D 225 1.40 0.42 53.23
N ARG D 226 0.35 1.09 52.78
CA ARG D 226 -0.92 1.03 53.48
C ARG D 226 -1.58 -0.28 53.30
N LYS D 227 -2.38 -0.70 54.23
CA LYS D 227 -3.05 -1.96 54.10
C LYS D 227 -4.43 -1.75 53.53
N VAL D 228 -4.80 -2.47 52.50
CA VAL D 228 -6.10 -2.35 51.96
C VAL D 228 -6.82 -3.47 52.61
N GLU D 229 -7.99 -3.26 53.15
CA GLU D 229 -8.62 -4.30 53.90
C GLU D 229 -9.36 -5.33 53.11
N ALA D 230 -8.66 -6.13 52.35
CA ALA D 230 -9.26 -7.16 51.55
C ALA D 230 -8.25 -8.18 51.17
N VAL D 231 -8.68 -9.32 50.72
CA VAL D 231 -7.75 -10.31 50.31
C VAL D 231 -7.77 -10.41 48.83
N PHE D 232 -6.66 -10.16 48.17
CA PHE D 232 -6.62 -10.18 46.76
C PHE D 232 -5.86 -11.34 46.25
N VAL D 233 -6.10 -11.71 45.02
CA VAL D 233 -5.43 -12.83 44.36
C VAL D 233 -4.80 -12.34 43.07
N GLY D 234 -3.57 -12.79 42.82
CA GLY D 234 -2.79 -12.33 41.69
C GLY D 234 -1.86 -11.18 41.96
N THR D 235 -1.89 -10.66 43.15
CA THR D 235 -1.11 -9.53 43.51
C THR D 235 0.34 -9.80 43.39
N GLY D 236 0.74 -10.98 43.69
CA GLY D 236 2.11 -11.37 43.59
C GLY D 236 2.61 -11.41 42.20
N ASP D 237 1.78 -11.89 41.32
CA ASP D 237 2.11 -12.05 39.94
C ASP D 237 2.26 -10.73 39.27
N LEU D 238 1.39 -9.82 39.60
CA LEU D 238 1.47 -8.44 39.12
C LEU D 238 2.70 -7.73 39.66
N PHE D 239 3.01 -7.94 40.90
CA PHE D 239 4.14 -7.30 41.47
C PHE D 239 5.40 -7.75 40.80
N ALA D 240 5.53 -9.02 40.58
CA ALA D 240 6.74 -9.53 39.94
C ALA D 240 6.88 -9.02 38.52
N ALA D 241 5.78 -8.96 37.76
CA ALA D 241 5.85 -8.43 36.41
C ALA D 241 6.30 -6.96 36.41
N MET D 242 5.68 -6.15 37.26
CA MET D 242 6.05 -4.74 37.28
C MET D 242 7.46 -4.54 37.82
N LEU D 243 7.91 -5.37 38.75
CA LEU D 243 9.29 -5.29 39.21
C LEU D 243 10.25 -5.61 38.08
N LEU D 244 9.93 -6.64 37.27
CA LEU D 244 10.75 -6.91 36.08
C LEU D 244 10.88 -5.67 35.22
N ALA D 245 9.73 -5.08 34.86
CA ALA D 245 9.75 -3.92 33.97
C ALA D 245 10.59 -2.79 34.56
N TRP D 246 10.32 -2.43 35.82
CA TRP D 246 10.95 -1.25 36.39
C TRP D 246 12.42 -1.49 36.74
N THR D 247 12.82 -2.74 37.01
CA THR D 247 14.25 -3.02 37.14
C THR D 247 14.94 -2.92 35.80
N HIS D 248 14.24 -3.30 34.71
CA HIS D 248 14.80 -3.06 33.39
C HIS D 248 15.00 -1.56 33.18
N LYS D 249 14.03 -0.74 33.63
CA LYS D 249 14.18 0.71 33.49
C LYS D 249 15.25 1.28 34.42
N HIS D 250 15.39 0.72 35.62
CA HIS D 250 16.33 1.22 36.63
C HIS D 250 17.17 0.08 37.19
N PRO D 251 18.10 -0.44 36.38
CA PRO D 251 18.82 -1.65 36.81
C PRO D 251 19.70 -1.46 38.02
N ASP D 252 20.18 -0.24 38.29
CA ASP D 252 21.08 0.01 39.40
C ASP D 252 20.46 0.83 40.53
N ASN D 253 19.13 0.99 40.51
CA ASN D 253 18.44 1.81 41.51
C ASN D 253 17.22 1.02 41.97
N LEU D 254 17.45 0.04 42.85
CA LEU D 254 16.33 -0.72 43.39
C LEU D 254 15.35 0.18 44.13
N LYS D 255 15.84 1.28 44.70
CA LYS D 255 14.97 2.24 45.38
C LYS D 255 13.85 2.69 44.44
N VAL D 256 14.22 3.24 43.27
CA VAL D 256 13.24 3.79 42.35
C VAL D 256 12.36 2.68 41.77
N ALA D 257 12.97 1.55 41.40
CA ALA D 257 12.19 0.45 40.83
C ALA D 257 11.11 0.00 41.79
N CYS D 258 11.47 -0.20 43.06
CA CYS D 258 10.48 -0.63 44.05
C CYS D 258 9.48 0.48 44.34
N GLU D 259 9.91 1.73 44.31
CA GLU D 259 8.95 2.82 44.50
C GLU D 259 7.87 2.78 43.43
N LYS D 260 8.27 2.67 42.16
CA LYS D 260 7.30 2.63 41.08
C LYS D 260 6.43 1.38 41.18
N THR D 261 7.04 0.22 41.42
CA THR D 261 6.26 -1.02 41.49
C THR D 261 5.21 -0.93 42.59
N VAL D 262 5.58 -0.52 43.76
CA VAL D 262 4.63 -0.46 44.83
C VAL D 262 3.64 0.62 44.66
N SER D 263 4.01 1.72 44.07
CA SER D 263 3.03 2.76 43.79
C SER D 263 1.96 2.25 42.83
N ALA D 264 2.37 1.49 41.80
CA ALA D 264 1.40 0.91 40.89
C ALA D 264 0.51 -0.09 41.62
N MET D 265 1.05 -0.87 42.53
CA MET D 265 0.24 -1.78 43.26
C MET D 265 -0.71 -1.04 44.10
N GLN D 266 -0.28 0.06 44.64
CA GLN D 266 -1.12 0.81 45.50
C GLN D 266 -2.28 1.32 44.72
N HIS D 267 -2.04 2.00 43.62
CA HIS D 267 -3.11 2.52 42.77
C HIS D 267 -4.09 1.42 42.38
N VAL D 268 -3.57 0.28 41.91
CA VAL D 268 -4.42 -0.80 41.45
C VAL D 268 -5.31 -1.29 42.58
N LEU D 269 -4.75 -1.50 43.74
CA LEU D 269 -5.52 -2.00 44.83
C LEU D 269 -6.48 -1.04 45.38
N GLN D 270 -6.14 0.21 45.42
CA GLN D 270 -7.10 1.23 45.86
C GLN D 270 -8.30 1.28 44.93
N ARG D 271 -8.05 1.35 43.62
CA ARG D 271 -9.16 1.34 42.68
C ARG D 271 -9.99 0.06 42.81
N THR D 272 -9.32 -1.08 43.01
CA THR D 272 -10.04 -2.35 43.09
C THR D 272 -10.95 -2.38 44.30
N ILE D 273 -10.46 -1.94 45.46
CA ILE D 273 -11.31 -1.93 46.65
C ILE D 273 -12.44 -0.91 46.49
N ARG D 274 -12.15 0.23 45.86
CA ARG D 274 -13.20 1.22 45.61
C ARG D 274 -14.34 0.58 44.81
N CYS D 275 -14.02 0.04 43.64
CA CYS D 275 -15.04 -0.55 42.78
C CYS D 275 -15.68 -1.79 43.41
N ALA D 276 -14.93 -2.52 44.25
CA ALA D 276 -15.48 -3.72 44.87
C ALA D 276 -16.52 -3.37 45.92
N LYS D 277 -16.21 -2.41 46.79
CA LYS D 277 -17.22 -1.97 47.76
C LYS D 277 -18.38 -1.28 47.06
N ALA D 278 -18.14 -0.66 45.91
CA ALA D 278 -19.25 -0.11 45.13
C ALA D 278 -20.18 -1.23 44.64
N GLU D 279 -19.59 -2.27 44.03
CA GLU D 279 -20.40 -3.37 43.50
C GLU D 279 -21.20 -4.04 44.61
N ALA D 280 -20.55 -4.35 45.73
CA ALA D 280 -21.25 -4.94 46.86
C ALA D 280 -22.15 -3.92 47.54
N GLY D 281 -23.12 -4.44 48.29
CA GLY D 281 -24.00 -3.57 49.06
C GLY D 281 -23.24 -2.74 50.07
N GLU D 282 -23.91 -1.68 50.53
CA GLU D 282 -23.35 -0.86 51.59
C GLU D 282 -23.06 -1.67 52.84
N GLY D 283 -21.83 -1.58 53.33
CA GLY D 283 -21.45 -2.34 54.50
C GLY D 283 -21.45 -3.83 54.29
N GLN D 284 -21.16 -4.29 53.08
CA GLN D 284 -21.15 -5.71 52.75
C GLN D 284 -19.74 -6.12 52.36
N LYS D 285 -19.34 -7.31 52.78
CA LYS D 285 -18.02 -7.81 52.41
C LYS D 285 -18.02 -8.14 50.92
N PRO D 286 -17.12 -7.57 50.13
CA PRO D 286 -17.07 -7.93 48.69
C PRO D 286 -16.65 -9.38 48.50
N SER D 287 -17.17 -9.98 47.44
CA SER D 287 -16.86 -11.37 47.14
C SER D 287 -15.55 -11.45 46.36
N PRO D 288 -14.92 -12.64 46.34
CA PRO D 288 -13.73 -12.81 45.49
C PRO D 288 -13.95 -12.33 44.07
N ALA D 289 -15.15 -12.52 43.51
CA ALA D 289 -15.41 -12.07 42.14
C ALA D 289 -15.39 -10.56 42.05
N GLN D 290 -15.94 -9.88 43.06
CA GLN D 290 -15.97 -8.42 43.07
C GLN D 290 -14.64 -7.82 43.47
N LEU D 291 -13.69 -8.63 43.94
CA LEU D 291 -12.37 -8.17 44.33
C LEU D 291 -11.31 -8.47 43.27
N GLU D 292 -11.72 -8.97 42.11
CA GLU D 292 -10.79 -9.12 41.00
C GLU D 292 -10.13 -7.79 40.69
N LEU D 293 -8.83 -7.82 40.44
CA LEU D 293 -8.08 -6.59 40.19
C LEU D 293 -8.68 -5.85 38.99
N ARG D 294 -8.84 -4.53 39.14
CA ARG D 294 -9.30 -3.68 38.05
C ARG D 294 -8.11 -3.35 37.15
N MET D 295 -7.67 -4.36 36.41
CA MET D 295 -6.46 -4.26 35.61
C MET D 295 -6.62 -3.26 34.47
N VAL D 296 -7.62 -3.47 33.62
CA VAL D 296 -7.83 -2.59 32.48
C VAL D 296 -8.01 -1.15 32.95
N GLN D 297 -8.93 -0.95 33.90
CA GLN D 297 -9.25 0.38 34.38
C GLN D 297 -8.06 1.09 35.04
N SER D 298 -6.95 0.39 35.25
CA SER D 298 -5.76 0.99 35.86
C SER D 298 -4.61 1.14 34.88
N LYS D 299 -4.85 0.94 33.57
CA LYS D 299 -3.76 0.94 32.60
C LYS D 299 -2.74 2.05 32.83
N ARG D 300 -3.17 3.31 32.82
CA ARG D 300 -2.21 4.40 32.93
C ARG D 300 -1.42 4.35 34.24
N ASP D 301 -2.09 4.05 35.35
CA ASP D 301 -1.34 3.94 36.61
C ASP D 301 -0.20 2.94 36.48
N ILE D 302 -0.41 1.89 35.69
CA ILE D 302 0.66 0.91 35.46
C ILE D 302 1.72 1.49 34.54
N GLU D 303 1.32 2.31 33.57
CA GLU D 303 2.27 2.85 32.61
C GLU D 303 3.25 3.83 33.27
N ASP D 304 2.72 4.75 34.07
CA ASP D 304 3.53 5.78 34.71
C ASP D 304 2.92 6.09 36.06
N PRO D 305 3.23 5.28 37.08
CA PRO D 305 2.55 5.43 38.37
C PRO D 305 2.97 6.70 39.10
N GLU D 306 1.98 7.38 39.68
CA GLU D 306 2.25 8.49 40.59
C GLU D 306 2.84 7.93 41.89
N ILE D 307 4.02 8.40 42.25
CA ILE D 307 4.71 7.89 43.43
C ILE D 307 3.94 8.27 44.68
N VAL D 308 3.56 7.28 45.48
CA VAL D 308 2.84 7.50 46.73
C VAL D 308 3.53 6.87 47.93
N VAL D 309 4.64 6.16 47.72
CA VAL D 309 5.45 5.62 48.80
C VAL D 309 6.89 6.03 48.57
N GLN D 310 7.63 6.21 49.67
CA GLN D 310 9.05 6.56 49.61
C GLN D 310 9.85 5.48 50.30
N ALA D 311 10.85 4.95 49.60
CA ALA D 311 11.73 3.94 50.17
C ALA D 311 12.94 4.64 50.80
N THR D 312 13.24 4.25 52.04
CA THR D 312 14.39 4.79 52.76
C THR D 312 15.60 3.88 52.55
N VAL D 313 16.71 4.46 52.14
CA VAL D 313 17.94 3.69 51.92
C VAL D 313 18.64 3.49 53.26
N LEU D 314 18.89 2.23 53.61
CA LEU D 314 19.61 1.91 54.84
C LEU D 314 21.11 1.93 54.60
O1 PG4 E . -3.17 25.13 -19.60
C1 PG4 E . -2.03 24.57 -20.20
C2 PG4 E . -0.98 24.38 -19.13
O2 PG4 E . -1.58 24.59 -17.88
C3 PG4 E . -0.69 25.03 -16.88
C4 PG4 E . -1.35 24.89 -15.50
O3 PG4 E . -2.67 25.39 -15.51
C5 PG4 E . -2.82 26.72 -15.87
C6 PG4 E . -4.31 27.10 -15.82
O4 PG4 E . -4.98 26.42 -14.79
C7 PG4 E . -4.63 26.78 -13.49
C8 PG4 E . -4.75 25.53 -12.60
O5 PG4 E . -5.68 25.72 -11.58
HO1 PG4 E . -3.83 25.28 -20.26
H11 PG4 E . -1.67 25.23 -20.98
H12 PG4 E . -2.28 23.60 -20.64
H21 PG4 E . -0.17 25.10 -19.27
H22 PG4 E . -0.57 23.38 -19.17
H31 PG4 E . -0.44 26.06 -17.06
H32 PG4 E . 0.20 24.41 -16.90
H41 PG4 E . -0.77 25.45 -14.78
H42 PG4 E . -1.37 23.86 -15.22
H51 PG4 E . -2.44 26.87 -16.87
H52 PG4 E . -2.28 27.35 -15.17
H61 PG4 E . -4.77 26.84 -16.77
H62 PG4 E . -4.41 28.17 -15.65
H71 PG4 E . -5.30 27.54 -13.11
H72 PG4 E . -3.61 27.14 -13.47
H81 PG4 E . -3.77 25.30 -12.17
H82 PG4 E . -5.06 24.69 -13.22
HO5 PG4 E . -6.54 25.71 -11.94
PG AGS F . 10.77 30.15 -20.85
S1G AGS F . 9.18 29.03 -21.21
O2G AGS F . 11.13 29.95 -19.35
O3G AGS F . 11.86 29.61 -21.59
PB AGS F . 10.55 32.11 -22.75
O1B AGS F . 11.35 33.29 -22.90
O2B AGS F . 9.19 32.17 -23.20
O3B AGS F . 10.59 31.64 -21.25
PA AGS F . 10.86 31.20 -24.98
O1A AGS F . 10.87 32.56 -25.31
O2A AGS F . 9.61 30.51 -25.08
O3A AGS F . 11.37 31.14 -23.56
O5' AGS F . 11.96 30.58 -25.81
C5' AGS F . 11.65 30.69 -27.12
C4' AGS F . 12.69 30.02 -27.91
O4' AGS F . 12.01 29.54 -29.00
C3' AGS F . 13.61 31.08 -28.35
O3' AGS F . 14.91 30.95 -27.83
C2' AGS F . 13.57 30.89 -29.80
O2' AGS F . 14.39 29.84 -30.15
C1' AGS F . 12.27 30.33 -30.11
N9 AGS F . 11.22 31.33 -30.25
C8 AGS F . 10.12 31.41 -29.56
N7 AGS F . 9.36 32.40 -29.96
C5 AGS F . 9.98 32.97 -30.94
C6 AGS F . 9.73 34.08 -31.80
N6 AGS F . 8.61 34.78 -31.67
N1 AGS F . 10.64 34.34 -32.71
C2 AGS F . 11.74 33.65 -32.85
N3 AGS F . 12.02 32.63 -32.09
C4 AGS F . 11.20 32.26 -31.13
HOG2 AGS F . 11.24 29.07 -18.98
H21 AGS F . 12.44 29.33 -23.60
H5'1 AGS F . 11.59 31.74 -27.40
H5'2 AGS F . 10.66 30.24 -27.30
H4' AGS F . 13.19 29.23 -27.33
H3' AGS F . 13.19 32.06 -28.10
H2' AGS F . 13.74 31.82 -30.35
HO2' AGS F . 15.11 29.75 -29.51
H1' AGS F . 12.37 29.76 -31.03
H8 AGS F . 9.84 30.76 -28.75
HN61 AGS F . 8.44 35.56 -32.27
HN62 AGS F . 7.94 34.53 -30.95
H2 AGS F . 12.45 33.93 -33.63
C1 EDO G . 20.72 8.47 -29.63
O1 EDO G . 20.19 9.08 -30.81
C2 EDO G . 19.82 8.79 -28.44
O2 EDO G . 20.16 7.92 -27.35
H11 EDO G . 21.73 8.85 -29.44
H12 EDO G . 20.79 7.39 -29.77
HO1 EDO G . 20.71 8.81 -31.58
H21 EDO G . 18.77 8.64 -28.72
H22 EDO G . 19.94 9.83 -28.14
HO2 EDO G . 19.64 8.17 -26.58
O1 PG4 H . 17.39 1.54 -20.42
C1 PG4 H . 16.50 2.36 -19.71
C2 PG4 H . 17.28 3.45 -18.99
O2 PG4 H . 18.22 2.88 -18.12
C3 PG4 H . 18.99 3.82 -17.43
C4 PG4 H . 20.03 3.13 -16.55
O3 PG4 H . 20.89 4.10 -16.05
C5 PG4 H . 22.25 3.77 -16.10
HO1 PG4 H . 16.90 1.01 -21.03
H11 PG4 H . 15.80 2.81 -20.39
H12 PG4 H . 15.97 1.76 -18.98
H21 PG4 H . 17.80 4.06 -19.72
H22 PG4 H . 16.59 4.07 -18.42
H31 PG4 H . 19.50 4.46 -18.15
H32 PG4 H . 18.34 4.42 -16.80
H41 PG4 H . 19.54 2.61 -15.74
H42 PG4 H . 20.59 2.40 -17.15
H52 PG4 H . 22.84 4.61 -15.73
H52 PG4 H . 22.53 3.59 -17.14
C1 GOL I . 10.65 9.08 -2.24
O1 GOL I . 11.48 8.65 -3.27
C2 GOL I . 9.62 10.04 -2.81
O2 GOL I . 8.87 9.48 -3.85
C3 GOL I . 10.39 11.26 -3.32
O3 GOL I . 11.75 11.03 -3.04
H11 GOL I . 11.15 9.53 -1.55
H12 GOL I . 10.19 8.34 -1.81
HO1 GOL I . 12.15 9.18 -3.28
H2 GOL I . 9.00 10.26 -2.10
HO2 GOL I . 8.47 10.12 -4.27
H31 GOL I . 10.21 11.37 -4.27
H32 GOL I . 10.05 12.05 -2.89
HO3 GOL I . 12.18 11.24 -3.74
C1 EDO J . 20.45 44.65 -7.60
O1 EDO J . 19.15 44.59 -7.02
C2 EDO J . 20.36 45.25 -9.01
O2 EDO J . 21.69 45.46 -9.53
H11 EDO J . 20.88 43.65 -7.66
H12 EDO J . 21.11 45.26 -6.97
HO1 EDO J . 19.21 44.24 -6.13
H21 EDO J . 19.83 46.21 -8.97
H22 EDO J . 19.81 44.58 -9.66
HO2 EDO J . 21.63 45.90 -10.39
C1 EDO K . -3.93 12.21 -17.23
O1 EDO K . -2.97 12.36 -18.30
C2 EDO K . -4.94 11.12 -17.61
O2 EDO K . -5.90 10.93 -16.56
H11 EDO K . -4.45 13.15 -17.06
H12 EDO K . -3.42 11.93 -16.31
HO1 EDO K . -2.35 13.06 -18.06
H21 EDO K . -4.41 10.18 -17.80
H22 EDO K . -5.46 11.42 -18.52
HO2 EDO K . -6.54 10.25 -16.84
PG AGS L . -6.73 -7.38 -29.10
S1G AGS L . -8.12 -7.33 -27.73
O2G AGS L . -7.18 -7.27 -30.58
O3G AGS L . -6.11 -6.20 -28.70
PB AGS L . -5.59 -9.60 -30.02
O1B AGS L . -6.06 -10.91 -29.76
O2B AGS L . -6.03 -8.87 -31.16
O3B AGS L . -5.91 -8.67 -28.85
PA AGS L . -3.23 -8.42 -29.84
O1A AGS L . -2.18 -8.47 -28.88
O2A AGS L . -4.05 -7.26 -29.86
O3A AGS L . -4.08 -9.68 -29.78
O5' AGS L . -2.67 -8.61 -31.22
C5' AGS L . -3.01 -7.73 -32.24
C4' AGS L . -2.09 -8.00 -33.38
O4' AGS L . -0.79 -7.90 -32.90
C3' AGS L . -2.23 -9.39 -33.88
O3' AGS L . -3.17 -9.53 -34.93
C2' AGS L . -0.86 -9.58 -34.37
O2' AGS L . -0.72 -8.82 -35.51
C1' AGS L . 0.03 -8.88 -33.43
N9 AGS L . 0.58 -9.70 -32.36
C8 AGS L . 0.39 -9.52 -31.09
N7 AGS L . 1.06 -10.42 -30.38
C5 AGS L . 1.71 -11.16 -31.22
C6 AGS L . 2.59 -12.29 -31.14
N6 AGS L . 2.93 -12.81 -29.98
N1 AGS L . 3.05 -12.80 -32.26
C2 AGS L . 2.74 -12.31 -33.42
N3 AGS L . 1.95 -11.29 -33.54
C4 AGS L . 1.40 -10.68 -32.51
HOG2 AGS L . -7.69 -6.51 -30.88
H21 AGS L . -5.03 -5.79 -26.84
H5'1 AGS L . -4.06 -7.88 -32.54
H5'2 AGS L . -2.88 -6.71 -31.90
H4' AGS L . -2.28 -7.28 -34.20
H3' AGS L . -2.44 -10.07 -33.06
H2' AGS L . -0.59 -10.65 -34.50
HO2' AGS L . -1.41 -9.04 -36.14
H1' AGS L . 0.84 -8.43 -34.02
H8 AGS L . -0.25 -8.75 -30.67
HN61 AGS L . 2.57 -12.42 -29.12
HN62 AGS L . 3.56 -13.60 -29.94
H2 AGS L . 3.16 -12.77 -34.31
C1 EDO M . 13.88 -6.81 -36.93
O1 EDO M . 15.04 -6.28 -36.28
C2 EDO M . 13.19 -5.72 -37.75
O2 EDO M . 14.04 -5.29 -38.81
H11 EDO M . 13.18 -7.21 -36.20
H12 EDO M . 14.18 -7.63 -37.60
HO1 EDO M . 15.45 -6.97 -35.74
H21 EDO M . 12.95 -4.87 -37.10
H22 EDO M . 12.25 -6.10 -38.16
HO2 EDO M . 13.59 -4.61 -39.33
C1 GOL N . -1.16 13.14 -44.55
O1 GOL N . -2.35 12.92 -43.83
C2 GOL N . -0.14 12.12 -44.05
O2 GOL N . 0.74 11.72 -45.05
C3 GOL N . -0.98 10.96 -43.50
O3 GOL N . -2.05 10.80 -44.39
H11 GOL N . -0.80 14.04 -44.41
H12 GOL N . -1.28 13.04 -45.50
HO1 GOL N . -2.92 12.64 -44.39
H2 GOL N . 0.41 12.51 -43.35
HO2 GOL N . 1.44 11.41 -44.67
H31 GOL N . -1.26 11.16 -42.59
H32 GOL N . -0.42 10.17 -43.43
HO3 GOL N . -2.46 10.09 -44.16
C1 EDO O . -3.68 0.01 -19.21
O1 EDO O . -5.02 0.03 -18.70
C2 EDO O . -3.08 -1.38 -19.00
O2 EDO O . -3.84 -2.35 -19.73
H11 EDO O . -3.08 0.76 -18.68
H12 EDO O . -3.68 0.27 -20.26
HO1 EDO O . -5.42 0.90 -18.87
H21 EDO O . -3.08 -1.63 -17.94
H22 EDO O . -2.04 -1.38 -19.35
HO2 EDO O . -3.46 -3.23 -19.59
C1 EDO P . -21.21 -14.94 -27.38
O1 EDO P . -22.59 -15.19 -27.09
C2 EDO P . -20.44 -16.25 -27.45
O2 EDO P . -20.88 -17.02 -28.57
H11 EDO P . -20.78 -14.30 -26.61
H12 EDO P . -21.12 -14.41 -28.33
HO1 EDO P . -23.07 -14.35 -27.03
H21 EDO P . -20.59 -16.82 -26.53
H22 EDO P . -19.37 -16.05 -27.54
HO2 EDO P . -20.41 -17.86 -28.59
C1 EDO Q . -19.08 8.05 -41.59
O1 EDO Q . -20.44 8.42 -41.36
C2 EDO Q . -19.01 7.07 -42.77
O2 EDO Q . -17.68 7.08 -43.30
H11 EDO Q . -18.66 7.59 -40.69
H12 EDO Q . -18.49 8.94 -41.81
HO1 EDO Q . -20.49 8.97 -40.56
H21 EDO Q . -19.72 7.36 -43.54
H22 EDO Q . -19.26 6.07 -42.42
HO2 EDO Q . -17.64 6.52 -44.08
C1 EDO R . 10.92 0.87 -49.10
O1 EDO R . 9.68 0.53 -49.71
C2 EDO R . 11.02 0.16 -47.75
O2 EDO R . 11.13 -1.25 -47.98
H11 EDO R . 10.98 1.94 -48.95
H12 EDO R . 11.74 0.56 -49.74
HO1 EDO R . 9.68 0.84 -50.63
H21 EDO R . 10.13 0.37 -47.15
H22 EDO R . 11.90 0.51 -47.20
HO2 EDO R . 11.40 -1.69 -47.17
C1 EDO S . -11.86 3.85 -18.87
O1 EDO S . -12.10 4.63 -20.06
C2 EDO S . -11.29 4.79 -17.82
O2 EDO S . -12.26 5.77 -17.45
H11 EDO S . -11.16 3.05 -19.08
H12 EDO S . -12.79 3.42 -18.51
HO1 EDO S . -11.83 4.12 -20.83
H21 EDO S . -10.39 5.29 -18.20
H22 EDO S . -10.99 4.22 -16.93
HO2 EDO S . -11.82 6.54 -17.04
C1 EDO T . -2.48 -13.78 -30.13
O1 EDO T . -1.99 -12.71 -30.86
C2 EDO T . -1.28 -14.65 -30.07
O2 EDO T . -0.43 -13.98 -29.18
H11 EDO T . -3.30 -14.29 -30.66
H12 EDO T . -2.81 -13.49 -29.13
HO1 EDO T . -2.72 -12.09 -31.03
H21 EDO T . -0.81 -14.73 -31.06
H22 EDO T . -1.53 -15.65 -29.70
HO2 EDO T . 0.41 -14.47 -29.10
PG AGS U . -10.07 -14.14 7.49
S1G AGS U . -8.37 -14.09 8.46
O2G AGS U . -10.25 -15.52 6.79
O3G AGS U . -11.06 -14.11 8.51
PB AGS U . -9.33 -12.08 5.73
O1B AGS U . -8.51 -12.84 4.82
O2B AGS U . -9.98 -10.93 5.20
O3B AGS U . -10.33 -12.86 6.61
PA AGS U . -7.26 -10.77 6.50
O1A AGS U . -6.01 -11.38 6.86
O2A AGS U . -7.52 -10.26 5.22
O3A AGS U . -8.40 -11.66 6.85
O5' AGS U . -7.64 -9.73 7.54
C5' AGS U . -8.55 -8.78 7.14
C4' AGS U . -8.05 -7.38 7.31
O4' AGS U . -6.72 -7.28 7.68
C3' AGS U . -8.08 -6.75 5.97
O3' AGS U . -9.35 -6.26 5.67
C2' AGS U . -7.10 -5.69 6.15
O2' AGS U . -7.67 -4.74 6.99
C1' AGS U . -6.06 -6.28 7.00
N9 AGS U . -4.96 -6.84 6.24
C8 AGS U . -4.55 -8.07 6.25
N7 AGS U . -3.51 -8.24 5.45
C5 AGS U . -3.25 -7.08 4.95
C6 AGS U . -2.28 -6.56 4.04
N6 AGS U . -1.36 -7.33 3.50
N1 AGS U . -2.33 -5.30 3.77
C2 AGS U . -3.24 -4.51 4.28
N3 AGS U . -4.15 -4.93 5.10
C4 AGS U . -4.20 -6.17 5.46
HOG2 AGS U . -10.01 -16.34 7.25
H21 AGS U . -10.12 -14.50 10.40
H5'1 AGS U . -8.80 -8.94 6.09
H5'2 AGS U . -9.47 -8.90 7.71
H4' AGS U . -8.69 -6.82 8.00
H3' AGS U . -7.74 -7.47 5.22
H2' AGS U . -6.71 -5.29 5.20
HO2' AGS U . -8.60 -4.61 6.74
H1' AGS U . -5.70 -5.51 7.68
H8 AGS U . -5.02 -8.86 6.83
HN61 AGS U . -1.32 -8.30 3.73
HN62 AGS U . -0.68 -6.93 2.86
H2 AGS U . -3.23 -3.46 4.00
C1 EDO V . -30.10 -11.56 17.10
O1 EDO V . -31.29 -10.77 17.04
C2 EDO V . -29.75 -12.04 15.70
O2 EDO V . -29.75 -10.94 14.79
H11 EDO V . -30.25 -12.41 17.77
H12 EDO V . -29.28 -10.95 17.50
HO1 EDO V . -31.52 -10.45 17.93
H21 EDO V . -30.47 -12.79 15.37
H22 EDO V . -28.76 -12.51 15.71
HO2 EDO V . -29.49 -11.24 13.91
C1 GOL W . -25.44 -24.27 28.17
O1 GOL W . -25.14 -25.18 29.20
C2 GOL W . -24.78 -24.80 26.89
O2 GOL W . -25.13 -26.12 26.62
C3 GOL W . -23.28 -24.62 27.13
O3 GOL W . -22.83 -25.75 27.82
H11 GOL W . -25.11 -23.38 28.36
H12 GOL W . -26.40 -24.18 28.03
HO1 GOL W . -24.98 -25.92 28.84
H2 GOL W . -25.09 -24.31 26.12
HO2 GOL W . -24.62 -26.40 26.00
H31 GOL W . -23.15 -23.79 27.61
H32 GOL W . -22.85 -24.49 26.28
HO3 GOL W . -22.70 -25.50 28.64
C1 EDO X . -3.67 -21.29 12.89
O1 EDO X . -3.36 -20.16 12.07
C2 EDO X . -3.11 -21.09 14.29
O2 EDO X . -3.67 -22.04 15.20
H11 EDO X . -3.25 -22.20 12.46
H12 EDO X . -4.76 -21.42 12.95
HO1 EDO X . -3.71 -20.30 11.18
H21 EDO X . -3.34 -20.07 14.64
H22 EDO X . -2.03 -21.19 14.28
HO2 EDO X . -3.34 -21.88 16.09
C1 EDO Y . -15.40 0.30 27.60
O1 EDO Y . -16.71 0.57 28.12
C2 EDO Y . -15.17 1.15 26.36
O2 EDO Y . -14.44 2.33 26.73
H11 EDO Y . -15.33 -0.77 27.34
H12 EDO Y . -14.65 0.52 28.36
HO1 EDO Y . -16.89 -0.01 28.87
H21 EDO Y . -16.12 1.44 25.91
H22 EDO Y . -14.62 0.58 25.62
HO2 EDO Y . -14.38 2.92 25.96
C1 EDO Z . -13.89 2.38 23.55
O1 EDO Z . -14.92 1.59 22.93
C2 EDO Z . -12.77 2.63 22.55
O2 EDO Z . -11.91 3.65 23.08
H11 EDO Z . -13.50 1.84 24.42
H12 EDO Z . -14.31 3.32 23.89
HO1 EDO Z . -15.70 1.57 23.50
H21 EDO Z . -13.18 2.95 21.59
H22 EDO Z . -12.20 1.72 22.38
HO2 EDO Z . -11.17 3.81 22.47
C1 EDO AA . -10.16 -30.18 6.10
O1 EDO AA . -10.86 -29.49 5.05
C2 EDO AA . -8.84 -29.45 6.37
O2 EDO AA . -9.10 -28.26 7.12
H11 EDO AA . -9.97 -31.21 5.80
H12 EDO AA . -10.77 -30.20 7.00
HO1 EDO AA . -11.58 -30.03 4.74
H21 EDO AA . -8.36 -29.21 5.43
H22 EDO AA . -8.17 -30.11 6.94
HO2 EDO AA . -8.36 -27.65 7.02
C1 EDO BA . -4.77 -22.44 27.13
O1 EDO BA . -3.74 -21.69 27.77
C2 EDO BA . -4.44 -23.93 27.21
O2 EDO BA . -3.79 -24.21 28.46
H11 EDO BA . -4.86 -22.14 26.08
H12 EDO BA . -5.74 -22.25 27.60
HO1 EDO BA . -4.11 -20.86 28.09
H21 EDO BA . -3.79 -24.21 26.39
H22 EDO BA . -5.36 -24.52 27.13
HO2 EDO BA . -3.59 -25.14 28.52
PG AGS CA . 3.21 -13.93 47.30
S1G AGS CA . 3.60 -15.87 47.48
O2G AGS CA . 4.49 -13.04 47.26
O3G AGS CA . 2.54 -13.89 46.07
PB AGS CA . 2.71 -12.25 49.24
O1B AGS CA . 3.87 -11.66 48.64
O2B AGS CA . 2.70 -12.42 50.66
O3B AGS CA . 2.22 -13.43 48.40
PA AGS CA . 1.18 -10.92 47.74
O1A AGS CA . 2.11 -11.45 46.81
O2A AGS CA . -0.22 -11.21 47.52
O3A AGS CA . 1.52 -11.34 49.14
O5' AGS CA . 1.51 -9.45 47.95
C5' AGS CA . 2.41 -8.84 47.08
C4' AGS CA . 2.10 -7.38 46.85
O4' AGS CA . 0.72 -7.24 46.80
C3' AGS CA . 2.57 -6.44 47.89
O3' AGS CA . 3.19 -5.38 47.24
C2' AGS CA . 1.35 -5.94 48.56
O2' AGS CA . 1.15 -4.55 48.66
C1' AGS CA . 0.27 -6.23 47.63
N9 AGS CA . -0.88 -6.57 48.44
C8 AGS CA . -1.55 -7.70 48.45
N7 AGS CA . -2.57 -7.63 49.29
C5 AGS CA . -2.53 -6.45 49.82
C6 AGS CA . -3.32 -5.73 50.79
N6 AGS CA . -4.36 -6.34 51.33
N1 AGS CA . -2.97 -4.51 51.08
C2 AGS CA . -1.93 -3.92 50.52
N3 AGS CA . -1.17 -4.52 49.63
C4 AGS CA . -1.42 -5.75 49.26
HOG2 AGS CA . 5.20 -13.24 46.62
H21 AGS CA . 2.79 -14.98 44.05
H5'1 AGS CA . 2.39 -9.36 46.12
H5'2 AGS CA . 3.41 -8.94 47.48
H4' AGS CA . 2.53 -7.08 45.88
H3' AGS CA . 3.23 -6.95 48.60
H2' AGS CA . 1.18 -6.45 49.53
HO2' AGS CA . 1.05 -4.30 49.59
H1' AGS CA . 0.06 -5.32 47.05
H8 AGS CA . -1.31 -8.56 47.83
HN61 AGS CA . -4.58 -7.29 51.07
HN62 AGS CA . -4.91 -5.87 52.02
H2 AGS CA . -1.69 -2.90 50.80
C1 EDO DA . -5.23 -19.97 40.51
O1 EDO DA . -4.70 -21.00 39.65
C2 EDO DA . -4.68 -20.13 41.93
O2 EDO DA . -5.27 -19.15 42.77
H11 EDO DA . -6.32 -20.05 40.52
H12 EDO DA . -4.96 -18.99 40.11
HO1 EDO DA . -5.12 -20.95 38.79
H21 EDO DA . -3.59 -20.00 41.92
H22 EDO DA . -4.90 -21.13 42.30
HO2 EDO DA . -4.86 -19.18 43.65
#